data_1NB5
#
_entry.id   1NB5
#
_cell.length_a   91.629
_cell.length_b   97.575
_cell.length_c   162.188
_cell.angle_alpha   90.00
_cell.angle_beta   90.00
_cell.angle_gamma   90.00
#
_symmetry.space_group_name_H-M   'P 21 21 21'
#
loop_
_entity.id
_entity.type
_entity.pdbx_description
1 polymer 'Cathepsin H'
2 polymer 'Cathepsin H MINI CHAIN'
3 polymer 'STEFIN A'
4 branched beta-D-mannopyranose-(1-4)-2-acetamido-2-deoxy-beta-D-glucopyranose-(1-4)-2-acetamido-2-deoxy-beta-D-glucopyranose
#
loop_
_entity_poly.entity_id
_entity_poly.type
_entity_poly.pdbx_seq_one_letter_code
_entity_poly.pdbx_strand_id
1 'polypeptide(L)'
;YPPSMDWRKKGNFVSPVKNQGSCGSCWTFSTTGALESAVAIATGKMLSLAEQQLVDCAQNFNNHGCQGGLPSQAFEYIRY
NKGIMGEDTYPYKGQDDHCKFQPDKAIAFVKDVANITMNDEEAMVEAVALYNPVSFAFEVTNDFLMYRKGIYSSTSCHKT
PDKVNHAVLAVGYGEENGIPYWIVKNSWGPQWGMNGYFLIERGKNMCGLAACASYPIPLV
;
A,B,C,D
2 'polypeptide(L)' EPQNCSAT P,R,S,T
3 'polypeptide(L)'
;MIPGGLSEAKPATPEIQEIVDKVKPQLEEKTNETYGKLEAVQYKTQVVAGTNYYIKVRAGDNKYMHLKVFKSLPGQNEDL
VLTGYQVDKNKDDELTGF
;
I,J,K,L
#
# COMPACT_ATOMS: atom_id res chain seq x y z
N TYR A 1 26.44 -33.23 -7.25
CA TYR A 1 25.34 -33.93 -6.61
C TYR A 1 24.50 -34.61 -7.68
N PRO A 2 24.23 -35.91 -7.53
CA PRO A 2 23.44 -36.65 -8.51
C PRO A 2 22.02 -36.09 -8.61
N PRO A 3 21.35 -36.34 -9.75
CA PRO A 3 19.98 -35.85 -9.93
C PRO A 3 19.04 -36.58 -8.99
N SER A 4 19.40 -37.82 -8.66
CA SER A 4 18.62 -38.65 -7.76
C SER A 4 19.41 -38.97 -6.49
N MET A 5 18.72 -39.46 -5.46
CA MET A 5 19.36 -39.80 -4.19
C MET A 5 18.37 -40.42 -3.22
N ASP A 6 18.54 -41.72 -2.97
CA ASP A 6 17.66 -42.39 -2.05
C ASP A 6 18.48 -43.03 -0.94
N TRP A 7 18.47 -42.40 0.22
CA TRP A 7 19.21 -42.88 1.38
C TRP A 7 18.75 -44.27 1.80
N ARG A 8 17.47 -44.55 1.56
CA ARG A 8 16.89 -45.85 1.89
C ARG A 8 17.45 -46.95 0.99
N LYS A 9 17.82 -46.57 -0.24
CA LYS A 9 18.36 -47.51 -1.22
C LYS A 9 19.86 -47.78 -1.07
N LYS A 10 20.62 -46.74 -0.74
CA LYS A 10 22.07 -46.87 -0.57
C LYS A 10 22.42 -48.09 0.26
N GLY A 11 21.64 -48.33 1.30
CA GLY A 11 21.87 -49.46 2.16
C GLY A 11 20.76 -49.61 3.19
N ASN A 12 21.15 -49.97 4.40
CA ASN A 12 20.22 -50.14 5.51
C ASN A 12 20.48 -48.89 6.33
N PHE A 13 19.92 -47.77 5.87
CA PHE A 13 20.16 -46.50 6.53
C PHE A 13 18.95 -45.77 7.02
N VAL A 14 17.74 -46.29 6.76
CA VAL A 14 16.52 -45.64 7.20
C VAL A 14 15.71 -46.57 8.09
N SER A 15 15.41 -46.10 9.30
CA SER A 15 14.67 -46.90 10.27
C SER A 15 13.20 -46.89 9.92
N PRO A 16 12.46 -47.93 10.33
CA PRO A 16 11.04 -48.05 10.06
C PRO A 16 10.21 -46.76 10.28
N VAL A 17 9.11 -46.67 9.55
CA VAL A 17 8.19 -45.52 9.65
C VAL A 17 7.46 -45.74 10.95
N LYS A 18 7.00 -44.68 11.59
CA LYS A 18 6.25 -44.84 12.82
C LYS A 18 5.42 -43.59 13.13
N ASN A 19 4.35 -43.72 13.91
CA ASN A 19 3.62 -42.52 14.23
C ASN A 19 3.63 -42.06 15.64
N GLN A 20 3.39 -40.76 15.71
CA GLN A 20 3.42 -39.94 16.89
C GLN A 20 2.06 -39.82 17.55
N GLY A 21 1.06 -40.53 17.05
CA GLY A 21 -0.25 -40.40 17.66
C GLY A 21 -0.78 -38.96 17.75
N SER A 22 -1.55 -38.69 18.79
CA SER A 22 -2.18 -37.38 18.98
C SER A 22 -1.28 -36.42 19.68
N CYS A 23 -0.05 -36.89 19.88
CA CYS A 23 1.00 -36.10 20.54
C CYS A 23 1.81 -35.28 19.51
N GLY A 24 2.00 -34.01 19.78
CA GLY A 24 2.81 -33.25 18.84
C GLY A 24 4.31 -33.48 19.05
N SER A 25 4.79 -34.70 18.83
CA SER A 25 6.20 -35.05 18.96
C SER A 25 6.79 -35.43 17.55
N CYS A 26 6.35 -34.75 16.48
CA CYS A 26 6.84 -35.06 15.14
C CYS A 26 8.34 -34.72 15.09
N TRP A 27 8.69 -33.55 15.62
CA TRP A 27 10.08 -33.06 15.70
C TRP A 27 11.02 -34.09 16.34
N THR A 28 10.50 -34.86 17.29
CA THR A 28 11.31 -35.86 17.96
C THR A 28 11.48 -37.03 16.99
N PHE A 29 10.47 -37.28 16.18
CA PHE A 29 10.60 -38.36 15.23
C PHE A 29 11.54 -37.88 14.14
N SER A 30 11.51 -36.57 13.89
CA SER A 30 12.34 -35.94 12.87
C SER A 30 13.74 -36.14 13.40
N THR A 31 13.93 -35.77 14.66
CA THR A 31 15.18 -35.90 15.40
C THR A 31 15.73 -37.34 15.43
N THR A 32 14.93 -38.29 15.90
CA THR A 32 15.41 -39.66 16.02
C THR A 32 15.85 -40.24 14.70
N GLY A 33 15.13 -39.88 13.64
CA GLY A 33 15.42 -40.40 12.32
C GLY A 33 16.78 -39.98 11.76
N ALA A 34 17.07 -38.70 11.82
CA ALA A 34 18.34 -38.17 11.33
C ALA A 34 19.48 -38.93 12.00
N LEU A 35 19.42 -39.00 13.34
CA LEU A 35 20.44 -39.67 14.13
C LEU A 35 20.47 -41.20 13.96
N GLU A 36 19.34 -41.89 13.80
CA GLU A 36 19.47 -43.34 13.59
C GLU A 36 20.15 -43.63 12.24
N SER A 37 19.84 -42.79 11.26
CA SER A 37 20.42 -42.92 9.95
C SER A 37 21.93 -42.71 10.01
N ALA A 38 22.36 -41.56 10.51
CA ALA A 38 23.78 -41.24 10.63
C ALA A 38 24.58 -42.39 11.22
N VAL A 39 24.22 -42.81 12.44
CA VAL A 39 24.91 -43.91 13.09
C VAL A 39 24.89 -45.11 12.18
N ALA A 40 23.81 -45.27 11.44
CA ALA A 40 23.70 -46.41 10.55
C ALA A 40 24.68 -46.24 9.40
N ILE A 41 24.78 -45.00 8.92
CA ILE A 41 25.61 -44.63 7.79
C ILE A 41 27.10 -44.73 8.14
N ALA A 42 27.40 -44.56 9.44
CA ALA A 42 28.77 -44.63 9.97
C ALA A 42 29.16 -45.97 10.52
N THR A 43 28.24 -46.67 11.15
CA THR A 43 28.53 -47.94 11.80
C THR A 43 27.85 -49.15 11.22
N GLY A 44 26.80 -48.92 10.43
CA GLY A 44 26.07 -50.04 9.85
C GLY A 44 25.15 -50.72 10.87
N LYS A 45 25.19 -50.26 12.12
CA LYS A 45 24.35 -50.81 13.17
C LYS A 45 23.04 -50.03 13.16
N MET A 46 21.94 -50.75 12.97
CA MET A 46 20.62 -50.13 12.93
C MET A 46 20.03 -50.08 14.33
N LEU A 47 19.73 -48.86 14.78
CA LEU A 47 19.13 -48.65 16.07
C LEU A 47 17.91 -47.71 16.06
N SER A 48 16.98 -47.95 16.98
CA SER A 48 15.78 -47.14 17.11
C SER A 48 15.93 -46.35 18.41
N LEU A 49 15.80 -45.03 18.31
CA LEU A 49 15.98 -44.14 19.44
C LEU A 49 14.67 -43.69 20.05
N ALA A 50 14.65 -43.61 21.38
CA ALA A 50 13.45 -43.21 22.10
C ALA A 50 13.02 -41.78 21.92
N GLU A 51 11.87 -41.55 21.31
CA GLU A 51 11.41 -40.18 21.18
C GLU A 51 10.87 -39.68 22.50
N GLN A 52 10.37 -40.61 23.33
CA GLN A 52 9.82 -40.25 24.65
C GLN A 52 10.75 -39.35 25.45
N GLN A 53 12.05 -39.71 25.42
CA GLN A 53 13.14 -38.97 26.07
C GLN A 53 13.10 -37.51 25.69
N LEU A 54 13.10 -37.26 24.39
CA LEU A 54 13.05 -35.87 23.92
C LEU A 54 11.76 -35.23 24.39
N VAL A 55 10.71 -36.03 24.47
CA VAL A 55 9.43 -35.52 24.93
C VAL A 55 9.55 -35.16 26.42
N ASP A 56 10.05 -36.08 27.23
CA ASP A 56 10.15 -35.82 28.66
C ASP A 56 11.28 -34.91 29.12
N CYS A 57 12.34 -34.73 28.31
CA CYS A 57 13.48 -33.92 28.78
C CYS A 57 14.14 -32.80 27.96
N ALA A 58 13.92 -32.74 26.65
CA ALA A 58 14.58 -31.72 25.85
C ALA A 58 14.08 -30.31 26.10
N GLN A 59 13.61 -30.07 27.33
CA GLN A 59 13.03 -28.78 27.77
C GLN A 59 13.91 -27.60 27.74
N ASN A 60 15.16 -27.77 28.16
CA ASN A 60 16.12 -26.66 28.22
C ASN A 60 16.60 -26.21 26.85
N PHE A 61 16.15 -26.89 25.80
CA PHE A 61 16.57 -26.51 24.47
C PHE A 61 15.43 -25.95 23.66
N ASN A 62 14.59 -25.22 24.38
CA ASN A 62 13.43 -24.59 23.81
C ASN A 62 12.35 -25.53 23.31
N ASN A 63 12.48 -26.81 23.58
CA ASN A 63 11.45 -27.73 23.14
C ASN A 63 10.28 -27.69 24.15
N HIS A 64 9.16 -28.29 23.79
CA HIS A 64 7.96 -28.30 24.66
C HIS A 64 7.14 -29.58 24.54
N GLY A 65 7.78 -30.70 24.82
CA GLY A 65 7.11 -31.97 24.80
C GLY A 65 6.14 -32.20 23.68
N CYS A 66 4.91 -32.57 24.02
CA CYS A 66 3.87 -32.91 23.05
C CYS A 66 3.21 -31.65 22.49
N GLN A 67 3.79 -30.50 22.83
CA GLN A 67 3.27 -29.22 22.38
C GLN A 67 4.21 -28.48 21.42
N GLY A 68 5.26 -29.13 20.95
CA GLY A 68 6.17 -28.48 20.02
C GLY A 68 7.65 -28.67 20.24
N GLY A 69 8.44 -28.38 19.20
CA GLY A 69 9.88 -28.51 19.26
C GLY A 69 10.54 -28.17 17.94
N LEU A 70 11.77 -28.65 17.77
CA LEU A 70 12.56 -28.42 16.56
C LEU A 70 13.83 -29.27 16.64
N PRO A 71 14.10 -30.08 15.60
CA PRO A 71 15.26 -30.96 15.52
C PRO A 71 16.61 -30.34 15.89
N SER A 72 16.90 -29.14 15.37
CA SER A 72 18.15 -28.46 15.67
C SER A 72 18.41 -28.35 17.18
N GLN A 73 17.46 -27.77 17.89
CA GLN A 73 17.53 -27.58 19.33
C GLN A 73 17.64 -28.92 20.06
N ALA A 74 16.90 -29.91 19.57
CA ALA A 74 16.90 -31.25 20.15
C ALA A 74 18.24 -31.92 19.95
N PHE A 75 18.89 -31.57 18.84
CA PHE A 75 20.20 -32.12 18.46
C PHE A 75 21.20 -31.59 19.47
N GLU A 76 21.08 -30.29 19.76
CA GLU A 76 21.90 -29.69 20.79
C GLU A 76 21.62 -30.45 22.10
N TYR A 77 20.34 -30.66 22.45
CA TYR A 77 19.96 -31.41 23.65
C TYR A 77 20.75 -32.71 23.84
N ILE A 78 20.87 -33.52 22.79
CA ILE A 78 21.58 -34.81 22.88
C ILE A 78 23.11 -34.70 22.99
N ARG A 79 23.65 -33.59 22.50
CA ARG A 79 25.08 -33.34 22.57
C ARG A 79 25.32 -33.09 24.06
N TYR A 80 24.72 -32.01 24.58
CA TYR A 80 24.88 -31.65 25.97
C TYR A 80 24.45 -32.68 27.00
N ASN A 81 23.39 -33.42 26.71
CA ASN A 81 22.83 -34.46 27.61
C ASN A 81 23.63 -35.78 27.52
N LYS A 82 24.68 -35.81 26.72
CA LYS A 82 25.44 -37.04 26.60
C LYS A 82 24.68 -38.25 26.03
N GLY A 83 23.74 -38.02 25.12
CA GLY A 83 23.09 -39.16 24.52
C GLY A 83 21.60 -39.41 24.63
N ILE A 84 21.18 -40.45 23.92
CA ILE A 84 19.80 -40.86 23.85
C ILE A 84 19.72 -42.39 23.92
N MET A 85 18.78 -42.91 24.70
CA MET A 85 18.61 -44.36 24.77
C MET A 85 17.59 -44.79 23.72
N GLY A 86 17.43 -46.09 23.54
CA GLY A 86 16.49 -46.62 22.57
C GLY A 86 15.04 -46.66 23.06
N GLU A 87 14.25 -47.56 22.52
CA GLU A 87 12.86 -47.65 22.95
C GLU A 87 12.66 -48.73 23.95
N ASP A 88 13.25 -49.88 23.66
CA ASP A 88 13.16 -51.03 24.56
C ASP A 88 13.47 -50.64 26.02
N THR A 89 14.04 -49.45 26.23
CA THR A 89 14.34 -48.99 27.58
C THR A 89 13.69 -47.64 27.85
N TYR A 90 13.06 -47.05 26.84
CA TYR A 90 12.37 -45.78 27.02
C TYR A 90 11.32 -45.77 25.89
N PRO A 91 10.26 -46.59 26.02
CA PRO A 91 9.11 -46.81 25.12
C PRO A 91 8.21 -45.60 24.84
N TYR A 92 7.55 -45.60 23.68
CA TYR A 92 6.73 -44.43 23.32
C TYR A 92 5.41 -44.41 24.05
N LYS A 93 5.04 -43.25 24.61
CA LYS A 93 3.78 -43.10 25.33
C LYS A 93 2.89 -41.92 24.83
N GLY A 94 3.47 -41.07 24.00
CA GLY A 94 2.71 -39.98 23.43
C GLY A 94 2.19 -38.92 24.35
N GLN A 95 2.73 -38.85 25.54
CA GLN A 95 2.28 -37.82 26.47
C GLN A 95 3.42 -37.32 27.33
N ASP A 96 3.25 -36.10 27.81
CA ASP A 96 4.21 -35.48 28.67
C ASP A 96 4.37 -36.28 29.95
N ASP A 97 5.57 -36.77 30.18
CA ASP A 97 5.89 -37.48 31.39
C ASP A 97 7.04 -36.71 31.99
N HIS A 98 7.63 -37.28 33.04
CA HIS A 98 8.78 -36.63 33.67
C HIS A 98 10.02 -37.38 33.23
N CYS A 99 11.16 -36.70 33.23
CA CYS A 99 12.37 -37.34 32.70
C CYS A 99 12.88 -38.58 33.40
N LYS A 100 13.08 -39.63 32.63
CA LYS A 100 13.56 -40.92 33.12
C LYS A 100 14.91 -41.17 32.45
N PHE A 101 15.57 -40.09 32.03
CA PHE A 101 16.85 -40.25 31.35
C PHE A 101 17.78 -40.99 32.30
N GLN A 102 18.49 -41.98 31.75
CA GLN A 102 19.43 -42.83 32.48
C GLN A 102 20.70 -42.96 31.62
N PRO A 103 21.75 -42.19 31.96
CA PRO A 103 23.06 -42.14 31.29
C PRO A 103 23.61 -43.45 30.77
N ASP A 104 23.84 -44.41 31.66
CA ASP A 104 24.34 -45.72 31.28
C ASP A 104 23.48 -46.48 30.26
N LYS A 105 22.43 -45.81 29.77
CA LYS A 105 21.52 -46.41 28.80
C LYS A 105 21.64 -45.80 27.42
N ALA A 106 22.15 -44.58 27.35
CA ALA A 106 22.29 -43.92 26.06
C ALA A 106 23.03 -44.82 25.08
N ILE A 107 22.50 -44.97 23.87
CA ILE A 107 23.11 -45.82 22.84
C ILE A 107 23.44 -45.11 21.52
N ALA A 108 23.29 -43.79 21.53
CA ALA A 108 23.56 -43.00 20.34
C ALA A 108 23.92 -41.64 20.87
N PHE A 109 24.88 -41.00 20.19
CA PHE A 109 25.42 -39.75 20.66
C PHE A 109 25.59 -38.72 19.56
N VAL A 110 25.78 -37.48 19.95
CA VAL A 110 25.90 -36.41 18.98
C VAL A 110 27.08 -35.48 19.30
N LYS A 111 27.96 -35.34 18.31
CA LYS A 111 29.18 -34.51 18.37
C LYS A 111 29.00 -33.09 17.87
N ASP A 112 28.28 -32.94 16.76
CA ASP A 112 28.08 -31.65 16.11
C ASP A 112 26.67 -31.52 15.52
N VAL A 113 26.23 -30.29 15.31
CA VAL A 113 24.95 -30.07 14.66
C VAL A 113 25.14 -29.17 13.44
N ALA A 114 24.81 -29.69 12.27
CA ALA A 114 24.94 -28.92 11.06
C ALA A 114 23.61 -28.34 10.65
N ASN A 115 23.45 -27.03 10.92
CA ASN A 115 22.24 -26.32 10.63
C ASN A 115 22.32 -25.72 9.21
N ILE A 116 21.50 -26.23 8.28
CA ILE A 116 21.48 -25.70 6.92
C ILE A 116 21.04 -24.23 7.00
N THR A 117 21.71 -23.35 6.28
CA THR A 117 21.32 -21.94 6.30
C THR A 117 19.84 -21.75 5.97
N MET A 118 19.25 -20.68 6.51
CA MET A 118 17.83 -20.41 6.33
C MET A 118 17.44 -20.16 4.88
N ASN A 119 16.45 -20.92 4.43
CA ASN A 119 15.90 -20.86 3.07
C ASN A 119 16.82 -21.36 1.98
N ASP A 120 17.89 -22.05 2.37
CA ASP A 120 18.85 -22.56 1.41
C ASP A 120 18.53 -24.03 1.09
N GLU A 121 17.56 -24.22 0.20
CA GLU A 121 17.13 -25.55 -0.21
C GLU A 121 18.26 -26.30 -0.91
N GLU A 122 19.09 -25.57 -1.64
CA GLU A 122 20.22 -26.17 -2.37
C GLU A 122 21.18 -26.85 -1.40
N ALA A 123 21.53 -26.16 -0.32
CA ALA A 123 22.43 -26.71 0.69
C ALA A 123 21.81 -27.99 1.27
N MET A 124 20.50 -28.00 1.38
CA MET A 124 19.78 -29.17 1.89
C MET A 124 20.03 -30.36 0.97
N VAL A 125 20.09 -30.09 -0.34
CA VAL A 125 20.31 -31.14 -1.33
C VAL A 125 21.75 -31.64 -1.18
N GLU A 126 22.66 -30.70 -0.97
CA GLU A 126 24.08 -31.03 -0.78
C GLU A 126 24.21 -32.00 0.39
N ALA A 127 23.71 -31.57 1.56
CA ALA A 127 23.74 -32.39 2.77
C ALA A 127 23.16 -33.81 2.57
N VAL A 128 22.11 -33.90 1.75
CA VAL A 128 21.46 -35.19 1.50
C VAL A 128 22.23 -36.03 0.48
N ALA A 129 22.90 -35.37 -0.47
CA ALA A 129 23.65 -36.09 -1.50
C ALA A 129 24.94 -36.69 -0.98
N LEU A 130 25.66 -35.92 -0.18
CA LEU A 130 26.94 -36.37 0.37
C LEU A 130 26.93 -36.85 1.81
N TYR A 131 26.02 -36.34 2.63
CA TYR A 131 26.07 -36.69 4.04
C TYR A 131 25.03 -37.51 4.81
N ASN A 132 23.79 -37.04 4.88
CA ASN A 132 22.82 -37.76 5.70
C ASN A 132 21.40 -37.23 5.52
N PRO A 133 20.38 -38.07 5.80
CA PRO A 133 19.00 -37.62 5.65
C PRO A 133 18.78 -36.39 6.53
N VAL A 134 18.19 -35.35 5.95
CA VAL A 134 18.00 -34.09 6.65
C VAL A 134 16.63 -33.93 7.30
N SER A 135 16.58 -33.24 8.43
CA SER A 135 15.32 -33.00 9.14
C SER A 135 14.89 -31.56 8.87
N PHE A 136 13.64 -31.39 8.49
CA PHE A 136 13.11 -30.06 8.19
C PHE A 136 11.67 -30.00 8.66
N ALA A 137 11.10 -28.79 8.66
CA ALA A 137 9.72 -28.60 9.05
C ALA A 137 9.08 -27.71 8.01
N PHE A 138 7.98 -28.18 7.43
CA PHE A 138 7.28 -27.40 6.41
C PHE A 138 5.97 -26.84 6.95
N GLU A 139 5.01 -26.55 6.07
CA GLU A 139 3.73 -25.99 6.48
C GLU A 139 2.63 -26.94 6.01
N VAL A 140 2.02 -27.65 6.95
CA VAL A 140 0.96 -28.60 6.64
C VAL A 140 -0.38 -27.89 6.50
N THR A 141 -1.32 -28.54 5.82
CA THR A 141 -2.65 -28.01 5.62
C THR A 141 -3.58 -29.22 5.54
N ASN A 142 -4.88 -29.01 5.72
CA ASN A 142 -5.84 -30.09 5.62
C ASN A 142 -5.64 -30.68 4.22
N ASP A 143 -5.20 -29.80 3.33
CA ASP A 143 -4.85 -30.10 1.94
C ASP A 143 -3.88 -31.28 1.97
N PHE A 144 -2.72 -31.07 2.58
CA PHE A 144 -1.67 -32.08 2.70
C PHE A 144 -2.13 -33.41 3.33
N LEU A 145 -3.05 -33.32 4.30
CA LEU A 145 -3.54 -34.49 5.01
C LEU A 145 -4.09 -35.61 4.14
N MET A 146 -4.67 -35.26 3.00
CA MET A 146 -5.27 -36.25 2.09
C MET A 146 -4.26 -36.95 1.17
N TYR A 147 -3.01 -36.49 1.16
CA TYR A 147 -1.97 -37.08 0.32
C TYR A 147 -2.04 -38.61 0.26
N ARG A 148 -1.90 -39.15 -0.95
CA ARG A 148 -1.96 -40.60 -1.16
C ARG A 148 -0.80 -41.08 -2.02
N LYS A 149 -0.31 -40.21 -2.90
CA LYS A 149 0.78 -40.53 -3.81
C LYS A 149 1.14 -39.32 -4.69
N GLY A 150 2.23 -39.45 -5.45
CA GLY A 150 2.66 -38.39 -6.33
C GLY A 150 3.39 -37.25 -5.66
N ILE A 151 3.84 -36.29 -6.46
CA ILE A 151 4.56 -35.12 -5.98
C ILE A 151 3.58 -34.08 -5.44
N TYR A 152 3.60 -33.87 -4.13
CA TYR A 152 2.71 -32.90 -3.49
C TYR A 152 3.16 -31.46 -3.72
N SER A 153 2.36 -30.73 -4.48
CA SER A 153 2.61 -29.32 -4.75
C SER A 153 1.65 -28.58 -3.82
N SER A 154 1.64 -27.25 -3.87
CA SER A 154 0.77 -26.46 -3.01
C SER A 154 0.80 -24.97 -3.31
N THR A 155 -0.39 -24.37 -3.36
CA THR A 155 -0.53 -22.94 -3.61
C THR A 155 -1.14 -22.29 -2.38
N SER A 156 -1.78 -23.09 -1.53
CA SER A 156 -2.43 -22.60 -0.32
C SER A 156 -1.44 -22.22 0.79
N CYS A 157 -0.33 -22.93 0.87
CA CYS A 157 0.67 -22.66 1.89
C CYS A 157 1.58 -21.49 1.56
N HIS A 158 1.98 -20.75 2.60
CA HIS A 158 2.89 -19.62 2.44
C HIS A 158 4.27 -20.21 2.77
N LYS A 159 5.34 -19.49 2.46
CA LYS A 159 6.66 -20.05 2.76
C LYS A 159 7.35 -19.73 4.08
N THR A 160 7.30 -18.47 4.46
CA THR A 160 7.87 -17.88 5.69
C THR A 160 7.88 -18.72 7.01
N PRO A 161 8.68 -18.30 8.01
CA PRO A 161 8.79 -19.00 9.30
C PRO A 161 7.50 -19.35 10.06
N ASP A 162 6.62 -18.38 10.20
CA ASP A 162 5.40 -18.54 10.96
C ASP A 162 4.58 -19.81 10.77
N LYS A 163 3.86 -20.00 9.66
CA LYS A 163 3.08 -21.23 9.55
C LYS A 163 3.82 -22.59 9.45
N VAL A 164 5.15 -22.60 9.60
CA VAL A 164 5.92 -23.85 9.60
C VAL A 164 5.42 -24.67 10.81
N ASN A 165 4.84 -25.85 10.55
CA ASN A 165 4.26 -26.63 11.64
C ASN A 165 4.39 -28.17 11.67
N HIS A 166 5.36 -28.74 10.97
CA HIS A 166 5.48 -30.20 10.97
C HIS A 166 6.85 -30.71 10.49
N ALA A 167 7.72 -31.04 11.44
CA ALA A 167 9.04 -31.57 11.11
C ALA A 167 8.94 -32.99 10.57
N VAL A 168 9.82 -33.31 9.62
CA VAL A 168 9.87 -34.63 9.00
C VAL A 168 11.31 -34.90 8.59
N LEU A 169 11.56 -35.97 7.84
CA LEU A 169 12.92 -36.29 7.44
C LEU A 169 13.15 -36.48 5.95
N ALA A 170 13.89 -35.54 5.34
CA ALA A 170 14.23 -35.63 3.93
C ALA A 170 15.23 -36.79 3.82
N VAL A 171 14.85 -37.83 3.10
CA VAL A 171 15.72 -38.99 2.96
C VAL A 171 16.25 -39.20 1.54
N GLY A 172 15.83 -38.33 0.63
CA GLY A 172 16.28 -38.45 -0.75
C GLY A 172 15.66 -37.38 -1.62
N TYR A 173 15.92 -37.47 -2.92
CA TYR A 173 15.41 -36.50 -3.87
C TYR A 173 15.46 -37.10 -5.27
N GLY A 174 14.81 -36.44 -6.21
CA GLY A 174 14.80 -36.92 -7.58
C GLY A 174 13.96 -36.04 -8.47
N GLU A 175 13.45 -36.61 -9.56
CA GLU A 175 12.63 -35.90 -10.52
C GLU A 175 11.86 -36.92 -11.34
N GLU A 176 10.59 -36.62 -11.58
CA GLU A 176 9.73 -37.49 -12.39
C GLU A 176 8.88 -36.60 -13.27
N ASN A 177 8.83 -36.93 -14.56
CA ASN A 177 8.06 -36.16 -15.53
C ASN A 177 8.47 -34.69 -15.61
N GLY A 178 9.75 -34.45 -15.32
CA GLY A 178 10.28 -33.10 -15.36
C GLY A 178 10.08 -32.28 -14.09
N ILE A 179 9.52 -32.91 -13.05
CA ILE A 179 9.28 -32.22 -11.78
C ILE A 179 10.20 -32.75 -10.69
N PRO A 180 11.14 -31.91 -10.21
CA PRO A 180 12.07 -32.29 -9.15
C PRO A 180 11.36 -32.35 -7.80
N TYR A 181 11.55 -33.43 -7.04
CA TYR A 181 10.89 -33.57 -5.74
C TYR A 181 11.81 -34.04 -4.62
N TRP A 182 11.27 -34.07 -3.40
CA TRP A 182 11.97 -34.53 -2.20
C TRP A 182 11.30 -35.82 -1.74
N ILE A 183 12.09 -36.84 -1.41
CA ILE A 183 11.51 -38.07 -0.88
C ILE A 183 11.55 -37.80 0.62
N VAL A 184 10.43 -38.01 1.32
CA VAL A 184 10.38 -37.72 2.75
C VAL A 184 9.73 -38.79 3.60
N LYS A 185 10.28 -38.99 4.79
CA LYS A 185 9.77 -39.94 5.76
C LYS A 185 8.88 -39.15 6.72
N ASN A 186 7.67 -39.63 6.94
CA ASN A 186 6.75 -38.95 7.84
C ASN A 186 6.56 -39.79 9.10
N SER A 187 6.00 -39.18 10.13
CA SER A 187 5.79 -39.86 11.41
C SER A 187 4.32 -40.17 11.70
N TRP A 188 3.62 -40.75 10.73
CA TRP A 188 2.20 -41.07 10.86
C TRP A 188 1.84 -42.54 10.55
N GLY A 189 2.83 -43.43 10.54
CA GLY A 189 2.56 -44.83 10.28
C GLY A 189 2.59 -45.29 8.83
N PRO A 190 2.76 -46.60 8.58
CA PRO A 190 2.81 -47.23 7.26
C PRO A 190 1.47 -47.37 6.52
N GLN A 191 0.52 -46.50 6.85
CA GLN A 191 -0.80 -46.52 6.21
C GLN A 191 -1.05 -45.24 5.42
N TRP A 192 -0.56 -44.12 5.94
CA TRP A 192 -0.73 -42.82 5.32
C TRP A 192 0.25 -42.63 4.16
N GLY A 193 -0.20 -41.93 3.11
CA GLY A 193 0.65 -41.65 1.97
C GLY A 193 1.33 -42.87 1.37
N MET A 194 2.56 -42.70 0.92
CA MET A 194 3.32 -43.80 0.34
C MET A 194 4.03 -44.50 1.50
N ASN A 195 3.26 -45.29 2.26
CA ASN A 195 3.79 -46.04 3.41
C ASN A 195 4.58 -45.12 4.33
N GLY A 196 3.92 -44.10 4.87
CA GLY A 196 4.60 -43.16 5.74
C GLY A 196 5.41 -42.11 4.99
N TYR A 197 5.87 -42.44 3.78
CA TYR A 197 6.65 -41.51 2.99
C TYR A 197 5.76 -40.68 2.05
N PHE A 198 6.23 -39.49 1.70
CA PHE A 198 5.51 -38.63 0.78
C PHE A 198 6.53 -37.88 -0.06
N LEU A 199 6.15 -37.54 -1.29
CA LEU A 199 7.02 -36.80 -2.18
C LEU A 199 6.51 -35.36 -2.19
N ILE A 200 7.41 -34.39 -2.23
CA ILE A 200 7.01 -32.98 -2.23
C ILE A 200 7.82 -32.17 -3.23
N GLU A 201 7.15 -31.21 -3.87
CA GLU A 201 7.77 -30.34 -4.86
C GLU A 201 9.09 -29.75 -4.36
N ARG A 202 10.15 -29.98 -5.14
CA ARG A 202 11.49 -29.50 -4.81
C ARG A 202 11.89 -28.37 -5.76
N GLY A 203 12.77 -27.49 -5.27
CA GLY A 203 13.26 -26.40 -6.09
C GLY A 203 12.63 -25.04 -5.84
N LYS A 204 11.50 -25.02 -5.13
CA LYS A 204 10.83 -23.76 -4.85
C LYS A 204 10.56 -23.44 -3.39
N ASN A 205 11.15 -24.23 -2.48
CA ASN A 205 10.97 -24.01 -1.04
C ASN A 205 9.49 -24.21 -0.73
N MET A 206 8.94 -25.32 -1.22
CA MET A 206 7.54 -25.66 -1.06
C MET A 206 7.11 -25.74 0.40
N CYS A 207 6.16 -24.87 0.76
CA CYS A 207 5.62 -24.78 2.12
C CYS A 207 6.70 -24.62 3.19
N GLY A 208 7.58 -23.65 2.99
CA GLY A 208 8.71 -23.26 3.81
C GLY A 208 9.57 -24.47 4.08
N LEU A 209 9.83 -25.23 3.02
CA LEU A 209 10.59 -26.47 3.03
C LEU A 209 12.00 -26.42 3.62
N ALA A 210 12.60 -25.24 3.68
CA ALA A 210 13.96 -25.10 4.21
C ALA A 210 14.14 -23.87 5.08
N ALA A 211 13.19 -23.63 5.99
CA ALA A 211 13.25 -22.49 6.90
C ALA A 211 14.07 -22.82 8.15
N CYS A 212 14.06 -24.10 8.52
CA CYS A 212 14.76 -24.55 9.71
C CYS A 212 15.12 -26.04 9.62
N ALA A 213 16.02 -26.37 8.71
CA ALA A 213 16.44 -27.75 8.52
C ALA A 213 17.85 -27.98 9.04
N SER A 214 18.12 -29.20 9.49
CA SER A 214 19.44 -29.55 10.01
C SER A 214 19.62 -31.06 10.07
N TYR A 215 20.86 -31.48 10.30
CA TYR A 215 21.18 -32.90 10.42
C TYR A 215 22.26 -33.09 11.49
N PRO A 216 22.33 -34.29 12.08
CA PRO A 216 23.34 -34.49 13.11
C PRO A 216 24.64 -35.13 12.66
N ILE A 217 25.69 -34.88 13.44
CA ILE A 217 27.01 -35.47 13.21
C ILE A 217 27.26 -36.31 14.45
N PRO A 218 26.98 -37.63 14.36
CA PRO A 218 27.14 -38.60 15.44
C PRO A 218 28.57 -38.86 15.91
N LEU A 219 28.74 -38.96 17.22
CA LEU A 219 30.03 -39.26 17.81
C LEU A 219 30.10 -40.79 17.85
N VAL A 220 30.89 -41.35 16.94
CA VAL A 220 31.04 -42.81 16.84
C VAL A 220 32.49 -43.16 16.53
N GLU B 1 23.24 -19.53 14.31
CA GLU B 1 22.79 -19.00 15.59
C GLU B 1 21.57 -19.85 15.95
N PRO B 2 20.64 -19.33 16.78
CA PRO B 2 19.53 -20.25 17.03
C PRO B 2 18.58 -20.27 15.84
N GLN B 3 18.42 -21.45 15.24
CA GLN B 3 17.55 -21.65 14.08
C GLN B 3 16.17 -21.06 14.37
N ASN B 4 15.63 -20.27 13.44
CA ASN B 4 14.33 -19.66 13.68
C ASN B 4 13.15 -20.49 13.17
N CYS B 5 12.49 -21.11 14.14
CA CYS B 5 11.33 -21.95 13.95
C CYS B 5 10.90 -22.29 15.37
N SER B 6 11.91 -22.48 16.22
CA SER B 6 11.72 -22.82 17.63
C SER B 6 11.55 -21.59 18.51
N ALA B 7 10.42 -21.54 19.20
CA ALA B 7 10.07 -20.47 20.12
C ALA B 7 9.16 -21.13 21.14
N THR B 8 8.13 -20.41 21.60
CA THR B 8 7.15 -20.92 22.56
C THR B 8 7.73 -21.15 23.97
N MET C 1 5.14 -19.72 15.25
CA MET C 1 4.80 -21.14 15.42
C MET C 1 6.04 -22.03 15.48
N ILE C 2 5.96 -23.05 16.31
CA ILE C 2 7.02 -24.02 16.47
C ILE C 2 6.46 -25.25 15.75
N PRO C 3 7.32 -26.13 15.23
CA PRO C 3 6.84 -27.31 14.54
C PRO C 3 6.05 -28.32 15.38
N GLY C 4 4.92 -27.90 15.95
CA GLY C 4 4.14 -28.83 16.76
C GLY C 4 3.37 -28.10 17.83
N GLY C 5 3.44 -26.78 17.81
CA GLY C 5 2.71 -25.99 18.77
C GLY C 5 1.26 -26.00 18.35
N LEU C 6 0.48 -25.15 18.98
CA LEU C 6 -0.92 -25.03 18.61
C LEU C 6 -0.78 -23.78 17.78
N SER C 7 -1.75 -23.52 16.91
CA SER C 7 -1.69 -22.34 16.07
C SER C 7 -2.10 -21.14 16.88
N GLU C 8 -1.95 -19.95 16.31
CA GLU C 8 -2.47 -18.81 17.01
C GLU C 8 -3.98 -19.09 16.95
N ALA C 9 -4.78 -18.37 17.75
CA ALA C 9 -6.21 -18.63 17.78
C ALA C 9 -7.02 -17.81 16.78
N LYS C 10 -8.04 -18.44 16.21
CA LYS C 10 -8.90 -17.76 15.25
C LYS C 10 -10.37 -17.91 15.67
N PRO C 11 -11.21 -17.01 15.18
CA PRO C 11 -12.65 -17.06 15.50
C PRO C 11 -13.25 -18.42 15.16
N ALA C 12 -14.32 -18.82 15.82
CA ALA C 12 -14.84 -20.14 15.53
C ALA C 12 -15.49 -20.08 14.18
N THR C 13 -15.39 -21.17 13.44
CA THR C 13 -16.00 -21.23 12.12
C THR C 13 -17.00 -22.38 12.11
N PRO C 14 -18.02 -22.31 11.22
CA PRO C 14 -19.07 -23.30 11.02
C PRO C 14 -18.68 -24.78 11.16
N GLU C 15 -17.44 -25.12 10.81
CA GLU C 15 -16.99 -26.51 10.93
C GLU C 15 -16.65 -26.86 12.39
N ILE C 16 -16.14 -25.87 13.11
CA ILE C 16 -15.77 -25.99 14.50
C ILE C 16 -17.03 -26.37 15.26
N GLN C 17 -18.11 -25.63 15.00
CA GLN C 17 -19.43 -25.83 15.62
C GLN C 17 -19.97 -27.22 15.30
N GLU C 18 -19.72 -27.67 14.08
CA GLU C 18 -20.11 -29.01 13.67
C GLU C 18 -19.41 -29.94 14.60
N ILE C 19 -18.10 -29.74 14.75
CA ILE C 19 -17.29 -30.57 15.62
C ILE C 19 -17.80 -30.57 17.08
N VAL C 20 -18.06 -29.38 17.61
CA VAL C 20 -18.60 -29.25 18.97
C VAL C 20 -19.98 -29.94 19.08
N ASP C 21 -20.83 -29.74 18.08
CA ASP C 21 -22.17 -30.30 18.10
C ASP C 21 -22.11 -31.81 17.99
N LYS C 22 -21.20 -32.30 17.15
CA LYS C 22 -21.04 -33.74 16.96
C LYS C 22 -20.43 -34.31 18.24
N VAL C 23 -19.75 -33.45 18.97
CA VAL C 23 -19.01 -33.83 20.16
C VAL C 23 -19.79 -33.72 21.49
N LYS C 24 -20.73 -32.76 21.55
CA LYS C 24 -21.52 -32.47 22.75
C LYS C 24 -21.97 -33.72 23.51
N PRO C 25 -22.40 -34.75 22.79
CA PRO C 25 -22.82 -35.95 23.51
C PRO C 25 -21.70 -36.55 24.35
N GLN C 26 -20.46 -36.49 23.89
CA GLN C 26 -19.36 -37.05 24.68
C GLN C 26 -19.06 -36.28 25.97
N LEU C 27 -19.22 -34.95 25.98
CA LEU C 27 -18.98 -34.14 27.17
C LEU C 27 -19.89 -34.71 28.20
N GLU C 28 -21.17 -34.80 27.80
CA GLU C 28 -22.26 -35.32 28.61
C GLU C 28 -22.07 -36.77 29.10
N GLU C 29 -21.63 -37.70 28.25
CA GLU C 29 -21.40 -39.08 28.71
C GLU C 29 -20.30 -39.13 29.81
N LYS C 30 -19.45 -38.11 29.83
CA LYS C 30 -18.36 -38.04 30.78
C LYS C 30 -18.70 -37.24 32.02
N THR C 31 -19.41 -36.13 31.86
CA THR C 31 -19.77 -35.28 33.00
C THR C 31 -21.20 -35.55 33.43
N ASN C 32 -21.86 -36.47 32.71
CA ASN C 32 -23.26 -36.82 32.92
C ASN C 32 -24.19 -35.63 33.13
N GLU C 33 -23.84 -34.51 32.50
CA GLU C 33 -24.63 -33.26 32.55
C GLU C 33 -25.34 -33.11 31.23
N THR C 34 -26.19 -32.08 31.14
CA THR C 34 -26.91 -31.76 29.92
C THR C 34 -26.85 -30.26 29.74
N TYR C 35 -26.16 -29.89 28.67
CA TYR C 35 -25.92 -28.50 28.35
C TYR C 35 -26.89 -28.00 27.33
N GLY C 36 -27.21 -26.71 27.42
CA GLY C 36 -28.10 -26.12 26.45
C GLY C 36 -27.36 -26.01 25.13
N LYS C 37 -27.39 -24.82 24.55
CA LYS C 37 -26.69 -24.62 23.29
C LYS C 37 -25.21 -24.30 23.56
N LEU C 38 -24.32 -25.15 23.04
CA LEU C 38 -22.89 -24.95 23.20
C LEU C 38 -22.32 -24.24 21.96
N GLU C 39 -22.17 -22.92 22.06
CA GLU C 39 -21.66 -22.11 20.96
C GLU C 39 -20.12 -22.01 20.86
N ALA C 40 -19.54 -22.45 19.73
CA ALA C 40 -18.10 -22.32 19.51
C ALA C 40 -17.82 -20.85 19.34
N VAL C 41 -16.71 -20.39 19.91
CA VAL C 41 -16.30 -18.99 19.94
C VAL C 41 -14.86 -18.73 19.42
N GLN C 42 -13.96 -19.67 19.65
CA GLN C 42 -12.57 -19.59 19.28
C GLN C 42 -12.00 -21.02 19.20
N TYR C 43 -10.89 -21.19 18.51
CA TYR C 43 -10.23 -22.49 18.43
C TYR C 43 -8.77 -22.37 17.97
N LYS C 44 -7.99 -23.41 18.25
CA LYS C 44 -6.60 -23.47 17.84
C LYS C 44 -6.39 -24.86 17.30
N THR C 45 -5.41 -25.02 16.42
CA THR C 45 -5.17 -26.33 15.82
C THR C 45 -3.75 -26.81 16.07
N GLN C 46 -3.53 -28.12 15.91
CA GLN C 46 -2.23 -28.67 16.17
C GLN C 46 -2.14 -29.92 15.37
N VAL C 47 -1.13 -29.98 14.49
CA VAL C 47 -0.90 -31.14 13.64
C VAL C 47 -0.23 -32.23 14.43
N VAL C 48 -0.78 -33.43 14.33
CA VAL C 48 -0.24 -34.60 14.99
C VAL C 48 -0.50 -35.67 13.96
N ALA C 49 -0.60 -36.94 14.33
CA ALA C 49 -0.93 -37.92 13.31
C ALA C 49 -2.46 -37.78 13.11
N GLY C 50 -2.84 -36.53 12.90
CA GLY C 50 -4.19 -36.12 12.69
C GLY C 50 -4.16 -34.65 13.07
N THR C 51 -5.22 -34.18 13.70
CA THR C 51 -5.29 -32.80 14.09
C THR C 51 -5.99 -32.72 15.43
N ASN C 52 -5.43 -31.95 16.35
CA ASN C 52 -6.06 -31.77 17.65
C ASN C 52 -6.68 -30.42 17.64
N TYR C 53 -7.93 -30.37 18.09
CA TYR C 53 -8.68 -29.14 18.13
C TYR C 53 -8.83 -28.66 19.57
N TYR C 54 -8.57 -27.38 19.75
CA TYR C 54 -8.64 -26.71 21.04
C TYR C 54 -9.68 -25.60 20.88
N ILE C 55 -10.93 -25.93 21.19
CA ILE C 55 -12.06 -25.02 21.03
C ILE C 55 -12.63 -24.39 22.31
N LYS C 56 -12.99 -23.10 22.23
CA LYS C 56 -13.60 -22.33 23.34
C LYS C 56 -15.11 -22.19 23.11
N VAL C 57 -15.87 -23.13 23.67
CA VAL C 57 -17.32 -23.17 23.52
C VAL C 57 -18.12 -22.54 24.66
N ARG C 58 -19.00 -21.61 24.29
CA ARG C 58 -19.89 -20.95 25.23
C ARG C 58 -21.06 -21.93 25.35
N ALA C 59 -21.09 -22.71 26.43
CA ALA C 59 -22.13 -23.71 26.64
C ALA C 59 -23.16 -23.35 27.69
N GLY C 60 -23.02 -22.16 28.26
CA GLY C 60 -23.96 -21.71 29.27
C GLY C 60 -24.56 -20.39 28.81
N ASP C 61 -24.02 -19.30 29.33
CA ASP C 61 -24.45 -17.96 28.99
C ASP C 61 -23.22 -17.07 29.20
N ASN C 62 -22.84 -16.84 30.45
CA ASN C 62 -21.65 -16.06 30.77
C ASN C 62 -20.66 -17.04 31.40
N LYS C 63 -20.49 -18.18 30.73
CA LYS C 63 -19.61 -19.24 31.21
C LYS C 63 -19.04 -19.94 29.99
N TYR C 64 -17.72 -20.15 30.01
CA TYR C 64 -17.05 -20.79 28.88
C TYR C 64 -16.33 -22.09 29.22
N MET C 65 -16.35 -23.03 28.28
CA MET C 65 -15.69 -24.33 28.42
C MET C 65 -14.63 -24.46 27.34
N HIS C 66 -13.62 -25.29 27.59
CA HIS C 66 -12.55 -25.52 26.62
C HIS C 66 -12.44 -26.99 26.30
N LEU C 67 -12.86 -27.35 25.09
CA LEU C 67 -12.81 -28.74 24.64
C LEU C 67 -11.58 -29.06 23.84
N LYS C 68 -11.24 -30.33 23.78
CA LYS C 68 -10.09 -30.74 23.03
C LYS C 68 -10.54 -31.98 22.30
N VAL C 69 -10.58 -31.89 20.97
CA VAL C 69 -11.04 -33.00 20.13
C VAL C 69 -9.96 -33.45 19.19
N PHE C 70 -9.93 -34.74 18.85
CA PHE C 70 -8.92 -35.22 17.94
C PHE C 70 -9.60 -35.76 16.70
N LYS C 71 -9.28 -35.12 15.58
CA LYS C 71 -9.82 -35.50 14.27
C LYS C 71 -8.73 -36.32 13.59
N SER C 72 -9.07 -37.55 13.21
CA SER C 72 -8.16 -38.49 12.58
C SER C 72 -7.72 -38.12 11.16
N LEU C 73 -6.71 -38.83 10.66
CA LEU C 73 -6.24 -38.62 9.29
C LEU C 73 -7.32 -39.17 8.36
N PRO C 74 -7.49 -38.54 7.18
CA PRO C 74 -8.49 -38.95 6.18
C PRO C 74 -8.39 -40.37 5.66
N GLY C 75 -7.45 -41.15 6.19
CA GLY C 75 -7.26 -42.51 5.74
C GLY C 75 -7.36 -43.58 6.83
N GLN C 76 -7.27 -43.18 8.08
CA GLN C 76 -7.33 -44.12 9.19
C GLN C 76 -8.74 -44.35 9.74
N ASN C 77 -9.75 -43.83 9.05
CA ASN C 77 -11.16 -43.97 9.44
C ASN C 77 -11.44 -43.30 10.81
N GLU C 78 -12.61 -43.58 11.37
CA GLU C 78 -13.06 -43.05 12.68
C GLU C 78 -13.43 -41.56 12.69
N ASP C 79 -14.07 -41.13 13.78
CA ASP C 79 -14.54 -39.76 13.96
C ASP C 79 -13.86 -38.93 15.05
N LEU C 80 -14.44 -37.75 15.32
CA LEU C 80 -13.93 -36.83 16.33
C LEU C 80 -14.12 -37.35 17.75
N VAL C 81 -13.02 -37.54 18.46
CA VAL C 81 -13.07 -38.02 19.83
C VAL C 81 -12.68 -36.91 20.79
N LEU C 82 -13.54 -36.63 21.77
CA LEU C 82 -13.28 -35.60 22.77
C LEU C 82 -12.17 -36.15 23.67
N THR C 83 -10.96 -35.63 23.51
CA THR C 83 -9.80 -36.08 24.28
C THR C 83 -9.64 -35.44 25.65
N GLY C 84 -10.36 -34.35 25.88
CA GLY C 84 -10.27 -33.67 27.16
C GLY C 84 -11.14 -32.42 27.17
N TYR C 85 -11.36 -31.89 28.36
CA TYR C 85 -12.17 -30.68 28.52
C TYR C 85 -11.82 -29.94 29.81
N GLN C 86 -11.90 -28.62 29.76
CA GLN C 86 -11.59 -27.79 30.91
C GLN C 86 -12.81 -26.97 31.35
N VAL C 87 -13.32 -27.27 32.54
CA VAL C 87 -14.49 -26.59 33.08
C VAL C 87 -14.13 -25.20 33.63
N ASP C 88 -15.14 -24.33 33.70
CA ASP C 88 -14.99 -22.96 34.19
C ASP C 88 -13.89 -22.19 33.48
N LYS C 89 -14.26 -21.57 32.36
CA LYS C 89 -13.32 -20.79 31.56
C LYS C 89 -13.86 -19.40 31.23
N ASN C 90 -13.05 -18.38 31.47
CA ASN C 90 -13.42 -17.01 31.16
C ASN C 90 -13.48 -16.82 29.64
N LYS C 91 -14.19 -15.80 29.18
CA LYS C 91 -14.30 -15.54 27.75
C LYS C 91 -12.96 -15.13 27.16
N ASP C 92 -12.18 -14.38 27.95
CA ASP C 92 -10.87 -13.89 27.54
C ASP C 92 -9.80 -14.98 27.60
N ASP C 93 -9.98 -15.94 28.51
CA ASP C 93 -9.04 -17.04 28.73
C ASP C 93 -8.35 -17.61 27.49
N GLU C 94 -7.02 -17.61 27.52
CA GLU C 94 -6.21 -18.14 26.42
C GLU C 94 -6.44 -19.63 26.28
N LEU C 95 -6.59 -20.10 25.05
CA LEU C 95 -6.77 -21.52 24.85
C LEU C 95 -5.36 -22.11 24.93
N THR C 96 -5.18 -23.21 25.66
CA THR C 96 -3.86 -23.85 25.80
C THR C 96 -3.90 -25.34 25.51
N GLY C 97 -2.71 -25.92 25.43
CA GLY C 97 -2.61 -27.34 25.17
C GLY C 97 -2.94 -28.15 26.41
N PHE C 98 -3.14 -29.46 26.24
CA PHE C 98 -3.44 -30.41 27.32
C PHE C 98 -3.79 -31.80 26.78
N TYR D 1 23.24 13.38 7.02
CA TYR D 1 22.09 12.72 7.62
C TYR D 1 21.33 11.94 6.55
N PRO D 2 21.12 10.63 6.78
CA PRO D 2 20.41 9.80 5.81
C PRO D 2 19.00 10.33 5.59
N PRO D 3 18.44 10.14 4.38
CA PRO D 3 17.09 10.63 4.10
C PRO D 3 16.08 9.99 5.05
N SER D 4 16.36 8.74 5.41
CA SER D 4 15.51 7.99 6.32
C SER D 4 16.30 7.64 7.57
N MET D 5 15.59 7.28 8.64
CA MET D 5 16.20 6.91 9.91
C MET D 5 15.18 6.26 10.83
N ASP D 6 15.46 5.04 11.25
CA ASP D 6 14.56 4.33 12.15
C ASP D 6 15.35 3.62 13.24
N TRP D 7 15.28 4.18 14.44
CA TRP D 7 15.98 3.65 15.61
C TRP D 7 15.48 2.29 16.08
N ARG D 8 14.34 1.86 15.54
CA ARG D 8 13.78 0.56 15.91
C ARG D 8 14.31 -0.56 15.02
N LYS D 9 14.63 -0.23 13.77
CA LYS D 9 15.16 -1.22 12.84
C LYS D 9 16.66 -1.44 13.07
N LYS D 10 17.36 -0.37 13.46
CA LYS D 10 18.79 -0.45 13.71
C LYS D 10 19.08 -1.59 14.66
N GLY D 11 18.08 -1.92 15.48
CA GLY D 11 18.22 -2.99 16.44
C GLY D 11 17.33 -2.76 17.65
N ASN D 12 17.42 -3.69 18.60
CA ASN D 12 16.68 -3.65 19.85
C ASN D 12 17.07 -2.39 20.63
N PHE D 13 16.55 -1.24 20.22
CA PHE D 13 16.91 0.03 20.89
C PHE D 13 15.72 0.81 21.33
N VAL D 14 14.54 0.26 21.09
CA VAL D 14 13.32 0.94 21.47
C VAL D 14 12.45 0.01 22.32
N SER D 15 12.05 0.52 23.48
CA SER D 15 11.25 -0.24 24.43
C SER D 15 9.79 -0.29 24.01
N PRO D 16 9.07 -1.32 24.48
CA PRO D 16 7.66 -1.47 24.15
C PRO D 16 6.85 -0.21 24.44
N VAL D 17 5.77 -0.06 23.70
CA VAL D 17 4.93 1.11 23.89
C VAL D 17 4.25 0.93 25.20
N LYS D 18 4.16 2.01 25.95
CA LYS D 18 3.52 1.96 27.25
C LYS D 18 2.28 2.86 27.25
N ASN D 19 1.41 2.64 28.22
CA ASN D 19 0.21 3.42 28.36
C ASN D 19 0.32 4.22 29.64
N GLN D 20 0.24 5.53 29.51
CA GLN D 20 0.38 6.38 30.66
C GLN D 20 -0.90 6.53 31.43
N GLY D 21 -2.03 6.20 30.82
CA GLY D 21 -3.28 6.28 31.55
C GLY D 21 -3.84 7.66 31.72
N SER D 22 -4.60 7.85 32.79
CA SER D 22 -5.28 9.13 33.07
C SER D 22 -4.45 10.09 33.86
N CYS D 23 -3.20 9.71 34.05
CA CYS D 23 -2.20 10.51 34.76
C CYS D 23 -1.51 11.39 33.70
N GLY D 24 -1.22 12.65 34.02
CA GLY D 24 -0.52 13.52 33.08
C GLY D 24 0.97 13.21 33.14
N SER D 25 1.28 11.94 32.92
CA SER D 25 2.61 11.37 32.96
C SER D 25 3.29 11.33 31.57
N CYS D 26 2.77 12.07 30.59
CA CYS D 26 3.37 11.98 29.26
C CYS D 26 4.90 12.18 29.27
N TRP D 27 5.35 13.28 29.85
CA TRP D 27 6.78 13.55 29.93
C TRP D 27 7.63 12.36 30.46
N THR D 28 7.18 11.74 31.53
CA THR D 28 7.93 10.65 32.12
C THR D 28 8.14 9.54 31.13
N PHE D 29 7.16 9.30 30.29
CA PHE D 29 7.33 8.24 29.30
C PHE D 29 8.25 8.68 28.13
N SER D 30 8.40 9.99 27.97
CA SER D 30 9.22 10.58 26.90
C SER D 30 10.64 10.41 27.37
N THR D 31 10.79 10.78 28.64
CA THR D 31 12.04 10.75 29.35
C THR D 31 12.57 9.34 29.46
N THR D 32 11.81 8.46 30.10
CA THR D 32 12.29 7.10 30.25
C THR D 32 12.69 6.57 28.88
N GLY D 33 11.81 6.75 27.91
CA GLY D 33 12.06 6.26 26.57
C GLY D 33 13.39 6.65 25.95
N ALA D 34 13.75 7.94 26.04
CA ALA D 34 15.03 8.43 25.51
C ALA D 34 16.20 7.70 26.13
N LEU D 35 16.18 7.65 27.47
CA LEU D 35 17.21 6.98 28.26
C LEU D 35 17.25 5.44 28.13
N GLU D 36 16.09 4.79 28.01
CA GLU D 36 16.13 3.35 27.89
C GLU D 36 16.66 3.00 26.52
N SER D 37 16.46 3.96 25.62
CA SER D 37 16.93 3.82 24.25
C SER D 37 18.43 4.03 24.22
N ALA D 38 18.84 5.19 24.69
CA ALA D 38 20.24 5.52 24.77
C ALA D 38 21.04 4.33 25.31
N VAL D 39 20.89 4.03 26.60
CA VAL D 39 21.61 2.90 27.21
C VAL D 39 21.62 1.70 26.28
N ALA D 40 20.51 1.45 25.62
CA ALA D 40 20.43 0.33 24.70
C ALA D 40 21.43 0.55 23.55
N ILE D 41 21.49 1.77 23.04
CA ILE D 41 22.36 2.17 21.93
C ILE D 41 23.86 2.00 22.25
N ALA D 42 24.24 2.36 23.50
CA ALA D 42 25.60 2.29 24.05
C ALA D 42 26.01 0.90 24.53
N THR D 43 25.27 0.37 25.50
CA THR D 43 25.57 -0.93 26.08
C THR D 43 24.86 -2.07 25.40
N GLY D 44 23.86 -1.76 24.58
CA GLY D 44 23.12 -2.82 23.90
C GLY D 44 22.22 -3.59 24.84
N LYS D 45 22.05 -3.05 26.05
CA LYS D 45 21.22 -3.67 27.08
C LYS D 45 19.87 -2.96 27.12
N MET D 46 18.82 -3.76 27.01
CA MET D 46 17.45 -3.27 27.00
C MET D 46 16.86 -3.28 28.40
N LEU D 47 16.55 -2.08 28.89
CA LEU D 47 15.95 -1.93 30.20
C LEU D 47 14.70 -1.05 30.16
N SER D 48 13.83 -1.28 31.15
CA SER D 48 12.57 -0.57 31.29
C SER D 48 12.73 0.24 32.56
N LEU D 49 12.45 1.53 32.46
CA LEU D 49 12.63 2.45 33.58
C LEU D 49 11.34 2.97 34.19
N ALA D 50 11.26 2.94 35.51
CA ALA D 50 10.08 3.41 36.22
C ALA D 50 9.82 4.89 36.03
N GLU D 51 8.61 5.23 35.62
CA GLU D 51 8.26 6.63 35.43
C GLU D 51 7.65 7.13 36.70
N GLN D 52 7.09 6.19 37.48
CA GLN D 52 6.47 6.51 38.78
C GLN D 52 7.43 7.31 39.63
N GLN D 53 8.72 6.99 39.44
CA GLN D 53 9.80 7.66 40.12
C GLN D 53 9.91 9.10 39.65
N LEU D 54 9.82 9.34 38.35
CA LEU D 54 9.90 10.72 37.86
C LEU D 54 8.64 11.41 38.35
N VAL D 55 7.56 10.64 38.47
CA VAL D 55 6.28 11.17 38.94
C VAL D 55 6.34 11.49 40.45
N ASP D 56 6.96 10.61 41.25
CA ASP D 56 7.01 10.87 42.71
C ASP D 56 8.09 11.79 43.28
N CYS D 57 9.19 11.99 42.55
CA CYS D 57 10.34 12.77 43.07
C CYS D 57 10.95 13.94 42.26
N ALA D 58 10.73 13.98 40.96
CA ALA D 58 11.38 15.00 40.15
C ALA D 58 10.97 16.43 40.39
N GLN D 59 10.42 16.70 41.57
CA GLN D 59 9.90 18.05 41.85
C GLN D 59 10.91 19.15 41.89
N ASN D 60 12.15 18.81 41.58
CA ASN D 60 13.23 19.75 41.77
C ASN D 60 13.72 20.99 41.01
N PHE D 61 13.82 21.13 39.68
CA PHE D 61 13.54 20.26 38.54
C PHE D 61 12.23 20.49 37.85
N ASN D 62 11.50 21.47 38.38
CA ASN D 62 10.21 21.92 37.91
C ASN D 62 9.15 20.94 37.42
N ASN D 63 9.05 19.78 38.05
CA ASN D 63 8.04 18.85 37.63
C ASN D 63 6.88 18.78 38.61
N HIS D 64 5.83 18.08 38.21
CA HIS D 64 4.60 18.00 39.00
C HIS D 64 3.82 16.70 38.86
N GLY D 65 4.50 15.57 38.94
CA GLY D 65 3.82 14.29 38.85
C GLY D 65 2.74 14.26 37.79
N CYS D 66 1.63 13.59 38.11
CA CYS D 66 0.50 13.42 37.22
C CYS D 66 -0.09 14.70 36.67
N GLN D 67 0.48 15.84 37.04
CA GLN D 67 -0.02 17.10 36.53
C GLN D 67 1.03 17.81 35.63
N GLY D 68 2.02 17.06 35.13
CA GLY D 68 2.99 17.68 34.22
C GLY D 68 4.49 17.81 34.50
N GLY D 69 5.29 17.70 33.43
CA GLY D 69 6.73 17.82 33.52
C GLY D 69 7.38 18.02 32.14
N LEU D 70 8.69 17.75 32.02
CA LEU D 70 9.40 17.89 30.75
C LEU D 70 10.64 16.97 30.67
N PRO D 71 10.84 16.31 29.53
CA PRO D 71 11.97 15.42 29.37
C PRO D 71 13.32 15.98 29.81
N SER D 72 13.67 17.19 29.37
CA SER D 72 14.95 17.76 29.74
C SER D 72 15.13 17.82 31.27
N GLN D 73 14.21 18.47 31.97
CA GLN D 73 14.26 18.53 33.43
C GLN D 73 14.30 17.13 34.11
N ALA D 74 13.49 16.17 33.66
CA ALA D 74 13.55 14.82 34.25
C ALA D 74 14.95 14.22 34.07
N PHE D 75 15.66 14.65 33.02
CA PHE D 75 17.03 14.21 32.72
C PHE D 75 17.96 14.79 33.79
N GLU D 76 17.91 16.11 33.97
CA GLU D 76 18.69 16.72 35.04
C GLU D 76 18.43 15.92 36.33
N TYR D 77 17.15 15.74 36.68
CA TYR D 77 16.80 14.96 37.87
C TYR D 77 17.57 13.65 37.90
N ILE D 78 17.62 12.90 36.81
CA ILE D 78 18.32 11.61 36.89
C ILE D 78 19.86 11.73 37.01
N ARG D 79 20.35 12.90 36.66
CA ARG D 79 21.77 13.19 36.71
C ARG D 79 21.98 13.37 38.21
N TYR D 80 21.38 14.43 38.76
CA TYR D 80 21.49 14.81 40.16
C TYR D 80 21.07 13.77 41.18
N ASN D 81 19.86 13.22 41.05
CA ASN D 81 19.36 12.19 41.96
C ASN D 81 20.30 11.00 41.88
N LYS D 82 21.25 11.04 40.94
CA LYS D 82 22.20 9.96 40.76
C LYS D 82 21.58 8.62 40.40
N GLY D 83 20.58 8.65 39.51
CA GLY D 83 19.99 7.41 39.04
C GLY D 83 18.48 7.29 39.00
N ILE D 84 18.02 6.17 38.45
CA ILE D 84 16.60 5.85 38.33
C ILE D 84 16.41 4.34 38.08
N MET D 85 15.61 3.70 38.92
CA MET D 85 15.33 2.26 38.79
C MET D 85 14.26 1.93 37.75
N GLY D 86 14.05 0.64 37.51
CA GLY D 86 13.04 0.23 36.54
C GLY D 86 11.66 0.16 37.18
N GLU D 87 10.72 -0.54 36.58
CA GLU D 87 9.41 -0.65 37.22
C GLU D 87 9.30 -1.94 38.00
N ASP D 88 10.16 -2.91 37.71
CA ASP D 88 10.13 -4.16 38.44
C ASP D 88 10.39 -3.92 39.92
N THR D 89 10.96 -2.75 40.25
CA THR D 89 11.19 -2.40 41.65
C THR D 89 10.51 -1.11 42.03
N TYR D 90 9.79 -0.50 41.09
CA TYR D 90 9.08 0.75 41.39
C TYR D 90 7.97 0.87 40.33
N PRO D 91 6.90 0.06 40.48
CA PRO D 91 5.70 -0.07 39.63
C PRO D 91 4.89 1.20 39.28
N TYR D 92 4.28 1.23 38.09
CA TYR D 92 3.52 2.46 37.72
C TYR D 92 2.11 2.42 38.29
N LYS D 93 1.74 3.49 39.02
CA LYS D 93 0.44 3.62 39.67
C LYS D 93 -0.38 4.82 39.11
N GLY D 94 0.29 5.63 38.32
CA GLY D 94 -0.37 6.75 37.69
C GLY D 94 -1.05 7.75 38.57
N GLN D 95 -0.51 7.94 39.77
CA GLN D 95 -1.08 8.92 40.68
C GLN D 95 0.03 9.50 41.54
N ASP D 96 -0.16 10.73 41.96
CA ASP D 96 0.83 11.38 42.79
C ASP D 96 1.00 10.71 44.14
N ASP D 97 2.08 9.94 44.23
CA ASP D 97 2.49 9.24 45.44
C ASP D 97 3.72 9.92 46.05
N HIS D 98 4.34 9.27 47.02
CA HIS D 98 5.54 9.85 47.64
C HIS D 98 6.78 9.10 47.23
N CYS D 99 7.88 9.85 47.23
CA CYS D 99 9.15 9.29 46.76
C CYS D 99 9.61 8.04 47.45
N LYS D 100 9.79 6.99 46.67
CA LYS D 100 10.22 5.70 47.15
C LYS D 100 11.55 5.32 46.48
N PHE D 101 12.33 6.35 46.12
CA PHE D 101 13.61 6.14 45.44
C PHE D 101 14.59 5.46 46.37
N GLN D 102 15.24 4.42 45.84
CA GLN D 102 16.26 3.65 46.55
C GLN D 102 17.53 3.64 45.69
N PRO D 103 18.58 4.38 46.13
CA PRO D 103 19.84 4.45 45.42
C PRO D 103 20.42 3.16 44.85
N ASP D 104 20.54 2.15 45.69
CA ASP D 104 21.11 0.89 45.23
C ASP D 104 20.18 0.15 44.30
N LYS D 105 19.15 0.84 43.84
CA LYS D 105 18.19 0.22 42.96
C LYS D 105 18.26 0.75 41.57
N ALA D 106 18.86 1.92 41.39
CA ALA D 106 18.95 2.55 40.07
C ALA D 106 19.68 1.64 39.09
N ILE D 107 19.33 1.73 37.81
CA ILE D 107 19.94 0.91 36.76
C ILE D 107 20.23 1.73 35.49
N ALA D 108 20.14 3.04 35.63
CA ALA D 108 20.32 3.93 34.51
C ALA D 108 20.72 5.30 35.02
N PHE D 109 21.70 5.90 34.36
CA PHE D 109 22.26 7.18 34.79
C PHE D 109 22.53 8.13 33.65
N VAL D 110 22.47 9.42 33.92
CA VAL D 110 22.64 10.40 32.90
C VAL D 110 23.86 11.31 33.16
N LYS D 111 24.86 11.19 32.29
CA LYS D 111 26.09 11.98 32.31
C LYS D 111 25.76 13.43 31.99
N ASP D 112 25.08 13.63 30.86
CA ASP D 112 24.75 14.97 30.40
C ASP D 112 23.35 15.02 29.80
N VAL D 113 22.85 16.23 29.61
CA VAL D 113 21.54 16.38 29.04
C VAL D 113 21.70 17.44 27.98
N ALA D 114 21.45 17.05 26.72
CA ALA D 114 21.56 17.99 25.60
C ALA D 114 20.20 18.54 25.13
N ASN D 115 20.07 19.85 25.19
CA ASN D 115 18.85 20.51 24.78
C ASN D 115 18.98 21.08 23.38
N ILE D 116 18.09 20.65 22.50
CA ILE D 116 18.07 21.14 21.13
C ILE D 116 17.54 22.57 21.17
N THR D 117 18.26 23.48 20.54
CA THR D 117 17.90 24.90 20.49
C THR D 117 16.40 25.08 20.20
N MET D 118 15.79 26.03 20.88
CA MET D 118 14.38 26.33 20.70
C MET D 118 14.07 26.62 19.24
N ASN D 119 13.15 25.84 18.68
CA ASN D 119 12.70 25.95 17.28
C ASN D 119 13.58 25.30 16.20
N ASP D 120 14.80 24.89 16.56
CA ASP D 120 15.70 24.26 15.60
C ASP D 120 15.31 22.79 15.35
N GLU D 121 14.53 22.57 14.30
CA GLU D 121 14.09 21.20 13.96
C GLU D 121 15.17 20.44 13.20
N GLU D 122 16.05 21.17 12.51
CA GLU D 122 17.14 20.54 11.77
C GLU D 122 18.00 19.75 12.73
N ALA D 123 18.29 20.35 13.89
CA ALA D 123 19.08 19.69 14.91
C ALA D 123 18.39 18.40 15.34
N MET D 124 17.08 18.46 15.47
CA MET D 124 16.27 17.28 15.84
C MET D 124 16.58 16.12 14.92
N VAL D 125 16.59 16.39 13.61
CA VAL D 125 16.87 15.38 12.60
C VAL D 125 18.29 14.86 12.80
N GLU D 126 19.23 15.77 13.02
CA GLU D 126 20.63 15.44 13.26
C GLU D 126 20.73 14.51 14.46
N ALA D 127 20.22 14.98 15.59
CA ALA D 127 20.22 14.20 16.83
C ALA D 127 19.66 12.79 16.60
N VAL D 128 18.51 12.71 15.95
CA VAL D 128 17.87 11.42 15.65
C VAL D 128 18.73 10.60 14.68
N ALA D 129 19.45 11.29 13.81
CA ALA D 129 20.30 10.64 12.81
C ALA D 129 21.61 10.07 13.33
N LEU D 130 22.33 10.85 14.14
CA LEU D 130 23.62 10.42 14.66
C LEU D 130 23.62 9.93 16.10
N TYR D 131 22.89 10.61 16.97
CA TYR D 131 22.93 10.26 18.38
C TYR D 131 21.82 9.45 19.05
N ASN D 132 20.70 10.09 19.39
CA ASN D 132 19.66 9.37 20.11
C ASN D 132 18.24 9.82 19.80
N PRO D 133 17.24 8.93 20.02
CA PRO D 133 15.85 9.30 19.75
C PRO D 133 15.54 10.52 20.62
N VAL D 134 15.01 11.57 20.01
CA VAL D 134 14.75 12.81 20.72
C VAL D 134 13.38 12.94 21.39
N SER D 135 13.40 13.31 22.67
CA SER D 135 12.18 13.53 23.43
C SER D 135 11.71 14.93 23.09
N PHE D 136 10.45 15.05 22.71
CA PHE D 136 9.91 16.36 22.36
C PHE D 136 8.46 16.54 22.76
N ALA D 137 8.05 17.79 22.91
CA ALA D 137 6.67 18.11 23.27
C ALA D 137 6.05 18.76 22.03
N PHE D 138 4.73 18.84 22.00
CA PHE D 138 4.03 19.47 20.88
C PHE D 138 2.57 19.71 21.25
N GLU D 139 1.82 20.32 20.34
CA GLU D 139 0.42 20.63 20.58
C GLU D 139 -0.55 19.54 20.14
N VAL D 140 -1.34 19.07 21.09
CA VAL D 140 -2.35 18.05 20.80
C VAL D 140 -3.71 18.73 20.74
N THR D 141 -4.53 18.31 19.78
CA THR D 141 -5.85 18.86 19.61
C THR D 141 -6.85 17.68 19.66
N ASN D 142 -8.14 17.99 19.82
CA ASN D 142 -9.17 16.96 19.83
C ASN D 142 -8.99 16.21 18.51
N ASP D 143 -8.66 16.97 17.47
CA ASP D 143 -8.36 16.51 16.12
C ASP D 143 -7.37 15.33 16.16
N PHE D 144 -6.21 15.58 16.76
CA PHE D 144 -5.16 14.57 16.89
C PHE D 144 -5.56 13.27 17.58
N LEU D 145 -6.47 13.34 18.54
CA LEU D 145 -6.90 12.16 19.29
C LEU D 145 -7.41 11.03 18.39
N MET D 146 -8.15 11.40 17.36
CA MET D 146 -8.74 10.44 16.43
C MET D 146 -7.74 9.82 15.45
N TYR D 147 -6.48 10.24 15.52
CA TYR D 147 -5.44 9.72 14.64
C TYR D 147 -5.50 8.21 14.49
N ARG D 148 -5.14 7.73 13.31
CA ARG D 148 -5.17 6.30 13.04
C ARG D 148 -4.00 5.82 12.19
N LYS D 149 -3.58 6.63 11.22
CA LYS D 149 -2.48 6.26 10.34
C LYS D 149 -2.05 7.42 9.45
N GLY D 150 -0.87 7.28 8.85
CA GLY D 150 -0.35 8.30 7.97
C GLY D 150 0.21 9.54 8.62
N ILE D 151 0.74 10.42 7.78
CA ILE D 151 1.34 11.67 8.20
C ILE D 151 0.32 12.67 8.74
N TYR D 152 0.34 12.87 10.06
CA TYR D 152 -0.56 13.81 10.72
C TYR D 152 -0.12 15.25 10.46
N SER D 153 -1.10 16.13 10.26
CA SER D 153 -0.84 17.54 10.02
C SER D 153 -2.16 18.28 10.16
N SER D 154 -2.08 19.54 10.58
CA SER D 154 -3.28 20.35 10.73
C SER D 154 -2.95 21.83 10.87
N THR D 155 -3.82 22.66 10.30
CA THR D 155 -3.68 24.10 10.38
C THR D 155 -4.22 24.54 11.75
N SER D 156 -4.79 23.59 12.46
CA SER D 156 -5.39 23.80 13.77
C SER D 156 -4.40 24.15 14.88
N CYS D 157 -3.47 23.25 15.15
CA CYS D 157 -2.48 23.47 16.20
C CYS D 157 -1.63 24.72 16.01
N HIS D 158 -1.62 25.54 17.05
CA HIS D 158 -0.87 26.79 17.04
C HIS D 158 0.61 26.49 17.10
N LYS D 159 1.40 27.43 16.62
CA LYS D 159 2.85 27.25 16.65
C LYS D 159 3.42 27.27 18.05
N THR D 160 4.72 27.59 18.10
CA THR D 160 5.56 27.61 19.32
C THR D 160 5.03 27.54 20.81
N PRO D 161 5.88 27.64 21.87
CA PRO D 161 5.36 27.53 23.26
C PRO D 161 3.98 27.63 23.96
N ASP D 162 3.01 28.48 23.64
CA ASP D 162 1.85 28.36 24.52
C ASP D 162 0.71 27.38 24.36
N LYS D 163 1.04 26.20 23.85
CA LYS D 163 0.06 25.12 23.80
C LYS D 163 0.65 23.71 23.68
N VAL D 164 1.93 23.57 24.00
CA VAL D 164 2.56 22.26 23.99
C VAL D 164 1.95 21.52 25.19
N ASN D 165 1.42 20.32 24.96
CA ASN D 165 0.77 19.57 26.03
C ASN D 165 0.85 18.05 25.89
N HIS D 166 1.97 17.55 25.36
CA HIS D 166 2.15 16.12 25.18
C HIS D 166 3.58 15.82 24.73
N ALA D 167 4.35 15.20 25.62
CA ALA D 167 5.73 14.84 25.32
C ALA D 167 5.71 13.43 24.71
N VAL D 168 6.51 13.23 23.67
CA VAL D 168 6.58 11.94 23.00
C VAL D 168 8.02 11.68 22.56
N LEU D 169 8.28 10.52 21.95
CA LEU D 169 9.64 10.19 21.55
C LEU D 169 9.85 10.10 20.04
N ALA D 170 10.71 10.96 19.51
CA ALA D 170 11.04 10.95 18.08
C ALA D 170 12.07 9.83 17.91
N VAL D 171 11.65 8.73 17.28
CA VAL D 171 12.54 7.59 17.10
C VAL D 171 12.97 7.40 15.65
N GLY D 172 12.56 8.29 14.77
CA GLY D 172 12.95 8.18 13.37
C GLY D 172 12.33 9.24 12.49
N TYR D 173 12.62 9.16 11.19
CA TYR D 173 12.09 10.11 10.22
C TYR D 173 12.12 9.48 8.83
N GLY D 174 11.36 10.04 7.90
CA GLY D 174 11.33 9.51 6.55
C GLY D 174 10.54 10.34 5.58
N GLU D 175 10.05 9.70 4.52
CA GLU D 175 9.27 10.36 3.49
C GLU D 175 8.27 9.40 2.86
N GLU D 176 7.02 9.86 2.77
CA GLU D 176 5.93 9.08 2.20
C GLU D 176 5.51 9.86 0.95
N ASN D 177 5.78 9.29 -0.21
CA ASN D 177 5.51 9.92 -1.51
C ASN D 177 5.54 11.45 -1.55
N GLY D 178 6.71 12.01 -1.26
CA GLY D 178 6.89 13.45 -1.31
C GLY D 178 6.61 14.24 -0.03
N ILE D 179 6.15 13.56 1.02
CA ILE D 179 5.85 14.25 2.28
C ILE D 179 6.77 13.81 3.41
N PRO D 180 7.58 14.75 3.94
CA PRO D 180 8.54 14.52 5.03
C PRO D 180 7.84 14.35 6.40
N TYR D 181 8.09 13.24 7.07
CA TYR D 181 7.48 12.98 8.39
C TYR D 181 8.45 12.51 9.47
N TRP D 182 7.93 12.39 10.69
CA TRP D 182 8.65 11.92 11.88
C TRP D 182 7.98 10.63 12.34
N ILE D 183 8.77 9.67 12.81
CA ILE D 183 8.20 8.44 13.35
C ILE D 183 8.25 8.70 14.86
N VAL D 184 7.10 8.68 15.51
CA VAL D 184 7.05 8.99 16.94
C VAL D 184 6.42 7.90 17.80
N LYS D 185 7.01 7.64 18.96
CA LYS D 185 6.50 6.67 19.91
C LYS D 185 5.64 7.43 20.89
N ASN D 186 4.38 7.05 21.02
CA ASN D 186 3.47 7.70 21.95
C ASN D 186 3.37 6.83 23.20
N SER D 187 2.68 7.31 24.22
CA SER D 187 2.53 6.55 25.46
C SER D 187 1.06 6.33 25.82
N TRP D 188 0.27 5.91 24.84
CA TRP D 188 -1.15 5.67 25.06
C TRP D 188 -1.53 4.21 24.76
N GLY D 189 -0.59 3.30 25.01
CA GLY D 189 -0.86 1.89 24.76
C GLY D 189 -0.69 1.52 23.28
N PRO D 190 -0.57 0.21 22.99
CA PRO D 190 -0.41 -0.32 21.63
C PRO D 190 -1.63 -0.30 20.71
N GLN D 191 -2.76 0.17 21.22
CA GLN D 191 -3.99 0.22 20.42
C GLN D 191 -4.22 1.56 19.71
N TRP D 192 -3.59 2.61 20.22
CA TRP D 192 -3.73 3.95 19.64
C TRP D 192 -2.81 4.10 18.43
N GLY D 193 -3.29 4.82 17.42
CA GLY D 193 -2.52 5.04 16.21
C GLY D 193 -1.98 3.75 15.60
N MET D 194 -0.75 3.81 15.12
CA MET D 194 -0.11 2.65 14.51
C MET D 194 0.64 1.92 15.62
N ASN D 195 -0.06 0.99 16.29
CA ASN D 195 0.51 0.21 17.39
C ASN D 195 1.30 1.11 18.36
N GLY D 196 0.66 2.20 18.80
CA GLY D 196 1.31 3.11 19.72
C GLY D 196 2.11 4.23 19.07
N TYR D 197 2.41 4.06 17.79
CA TYR D 197 3.19 5.05 17.03
C TYR D 197 2.33 5.97 16.16
N PHE D 198 2.88 7.13 15.84
CA PHE D 198 2.21 8.09 14.97
C PHE D 198 3.27 8.87 14.21
N LEU D 199 2.97 9.16 12.95
CA LEU D 199 3.88 9.90 12.09
C LEU D 199 3.35 11.32 11.98
N ILE D 200 4.23 12.30 12.18
CA ILE D 200 3.83 13.70 12.09
C ILE D 200 4.67 14.50 11.13
N GLU D 201 4.00 15.38 10.40
CA GLU D 201 4.60 16.26 9.42
C GLU D 201 5.93 16.89 9.84
N ARG D 202 7.02 16.32 9.34
CA ARG D 202 8.37 16.80 9.61
C ARG D 202 8.71 17.89 8.59
N GLY D 203 9.48 18.89 9.03
CA GLY D 203 9.90 19.94 8.14
C GLY D 203 9.27 21.30 8.33
N LYS D 204 8.07 21.36 8.91
CA LYS D 204 7.39 22.63 9.10
C LYS D 204 7.21 22.98 10.58
N ASN D 205 7.74 22.13 11.46
CA ASN D 205 7.64 22.32 12.91
C ASN D 205 6.16 22.21 13.28
N MET D 206 5.54 21.13 12.80
CA MET D 206 4.13 20.86 13.02
C MET D 206 3.79 20.78 14.50
N CYS D 207 2.87 21.65 14.92
CA CYS D 207 2.40 21.72 16.30
C CYS D 207 3.51 22.00 17.32
N GLY D 208 4.61 22.58 16.85
CA GLY D 208 5.73 22.96 17.71
C GLY D 208 6.58 21.77 18.08
N LEU D 209 6.84 20.92 17.09
CA LEU D 209 7.64 19.70 17.25
C LEU D 209 8.96 19.93 17.95
N ALA D 210 9.69 20.98 17.55
CA ALA D 210 10.98 21.28 18.14
C ALA D 210 10.98 22.58 18.93
N ALA D 211 9.93 22.80 19.71
CA ALA D 211 9.82 24.00 20.53
C ALA D 211 10.62 23.84 21.82
N CYS D 212 10.67 22.61 22.30
CA CYS D 212 11.40 22.27 23.53
C CYS D 212 11.71 20.78 23.53
N ALA D 213 12.76 20.40 22.79
CA ALA D 213 13.16 19.00 22.69
C ALA D 213 14.58 18.76 23.21
N SER D 214 14.84 17.51 23.60
CA SER D 214 16.15 17.13 24.12
C SER D 214 16.36 15.61 24.15
N TYR D 215 17.59 15.20 24.42
CA TYR D 215 17.94 13.78 24.54
C TYR D 215 19.02 13.63 25.60
N PRO D 216 19.16 12.43 26.19
CA PRO D 216 20.19 12.33 27.23
C PRO D 216 21.49 11.62 26.88
N ILE D 217 22.49 11.88 27.72
CA ILE D 217 23.81 11.26 27.60
C ILE D 217 23.96 10.35 28.82
N PRO D 218 23.91 9.02 28.60
CA PRO D 218 24.03 8.04 29.68
C PRO D 218 25.43 7.83 30.21
N LEU D 219 25.56 7.76 31.53
CA LEU D 219 26.83 7.48 32.19
C LEU D 219 26.93 5.97 32.10
N VAL D 220 27.72 5.46 31.16
CA VAL D 220 27.86 4.02 31.00
C VAL D 220 29.25 3.61 30.55
N GLU E 1 21.00 27.24 28.44
CA GLU E 1 19.81 28.03 28.74
C GLU E 1 18.63 27.11 29.03
N PRO E 2 17.95 27.32 30.18
CA PRO E 2 16.79 26.51 30.57
C PRO E 2 15.70 26.42 29.51
N GLN E 3 15.37 25.18 29.16
CA GLN E 3 14.37 24.87 28.16
C GLN E 3 13.03 25.49 28.52
N ASN E 4 12.45 26.24 27.58
CA ASN E 4 11.15 26.87 27.84
C ASN E 4 9.99 26.09 27.27
N CYS E 5 9.15 25.63 28.18
CA CYS E 5 7.94 24.85 27.94
C CYS E 5 7.41 24.64 29.34
N SER E 6 8.33 24.65 30.29
CA SER E 6 8.05 24.52 31.71
C SER E 6 8.13 25.94 32.25
N ALA E 7 6.99 26.44 32.77
CA ALA E 7 6.94 27.79 33.31
C ALA E 7 6.05 27.87 34.54
N THR E 8 6.67 27.73 35.71
CA THR E 8 5.94 27.79 36.98
C THR E 8 6.75 28.56 38.03
N MET F 1 1.84 26.75 29.46
CA MET F 1 1.52 25.32 29.43
C MET F 1 2.74 24.42 29.56
N ILE F 2 2.49 23.18 29.96
CA ILE F 2 3.52 22.17 30.20
C ILE F 2 3.01 20.89 29.60
N PRO F 3 3.90 19.96 29.24
CA PRO F 3 3.20 18.79 28.71
C PRO F 3 2.56 18.15 29.93
N GLY F 4 1.42 17.53 29.71
CA GLY F 4 0.69 16.89 30.77
C GLY F 4 0.07 17.89 31.74
N GLY F 5 0.20 19.19 31.48
CA GLY F 5 -0.40 20.17 32.36
C GLY F 5 -1.92 20.35 32.14
N LEU F 6 -2.41 21.52 32.51
CA LEU F 6 -3.82 21.79 32.32
C LEU F 6 -3.85 23.11 31.57
N SER F 7 -4.69 23.19 30.55
CA SER F 7 -4.80 24.40 29.74
C SER F 7 -5.35 25.50 30.60
N GLU F 8 -5.31 26.73 30.10
CA GLU F 8 -5.87 27.82 30.86
C GLU F 8 -7.39 27.57 30.98
N ALA F 9 -8.06 28.33 31.84
CA ALA F 9 -9.49 28.18 32.08
C ALA F 9 -10.33 28.86 31.01
N LYS F 10 -11.16 28.07 30.35
CA LYS F 10 -12.04 28.61 29.32
C LYS F 10 -13.47 28.44 29.80
N PRO F 11 -14.36 29.39 29.45
CA PRO F 11 -15.76 29.30 29.88
C PRO F 11 -16.38 28.00 29.41
N ALA F 12 -17.54 27.66 29.93
CA ALA F 12 -18.14 26.39 29.54
C ALA F 12 -18.76 26.45 28.16
N THR F 13 -18.82 25.29 27.51
CA THR F 13 -19.42 25.17 26.19
C THR F 13 -20.53 24.12 26.27
N PRO F 14 -21.36 24.04 25.22
CA PRO F 14 -22.46 23.08 25.16
C PRO F 14 -22.01 21.63 25.25
N GLU F 15 -20.73 21.36 24.97
CA GLU F 15 -20.21 19.99 25.04
C GLU F 15 -19.81 19.67 26.48
N ILE F 16 -19.35 20.72 27.15
CA ILE F 16 -18.92 20.62 28.54
C ILE F 16 -20.16 20.23 29.31
N GLN F 17 -21.19 21.08 29.16
CA GLN F 17 -22.48 20.92 29.80
C GLN F 17 -23.10 19.57 29.48
N GLU F 18 -22.83 19.05 28.29
CA GLU F 18 -23.29 17.71 27.93
C GLU F 18 -22.64 16.76 28.90
N ILE F 19 -21.31 16.86 28.97
CA ILE F 19 -20.51 16.03 29.86
C ILE F 19 -21.03 16.03 31.31
N VAL F 20 -21.31 17.21 31.87
CA VAL F 20 -21.84 17.26 33.23
C VAL F 20 -23.17 16.50 33.27
N ASP F 21 -24.05 16.79 32.30
CA ASP F 21 -25.36 16.15 32.21
C ASP F 21 -25.27 14.65 32.08
N LYS F 22 -24.30 14.16 31.31
CA LYS F 22 -24.16 12.72 31.14
C LYS F 22 -23.48 12.08 32.35
N VAL F 23 -22.95 12.92 33.21
CA VAL F 23 -22.17 12.47 34.33
C VAL F 23 -22.83 12.75 35.70
N LYS F 24 -23.84 13.63 35.71
CA LYS F 24 -24.55 14.01 36.93
C LYS F 24 -25.04 12.83 37.76
N PRO F 25 -25.60 11.81 37.12
CA PRO F 25 -26.07 10.66 37.90
C PRO F 25 -24.94 9.79 38.46
N GLN F 26 -23.73 9.96 37.94
CA GLN F 26 -22.61 9.18 38.46
C GLN F 26 -22.20 9.81 39.80
N LEU F 27 -22.44 11.12 39.94
CA LEU F 27 -22.13 11.84 41.17
C LEU F 27 -23.14 11.42 42.22
N GLU F 28 -24.42 11.51 41.87
CA GLU F 28 -25.52 11.15 42.77
C GLU F 28 -25.39 9.71 43.25
N GLU F 29 -24.84 8.83 42.41
CA GLU F 29 -24.67 7.42 42.76
C GLU F 29 -23.55 7.26 43.78
N LYS F 30 -22.90 8.37 44.08
CA LYS F 30 -21.84 8.38 45.07
C LYS F 30 -22.21 9.25 46.29
N THR F 31 -23.28 10.06 46.23
CA THR F 31 -23.57 11.01 47.35
C THR F 31 -24.52 10.84 48.60
N ASN F 32 -25.85 10.64 48.47
CA ASN F 32 -26.58 10.54 47.20
C ASN F 32 -27.40 11.80 47.07
N GLU F 33 -26.73 12.93 46.89
CA GLU F 33 -27.52 14.12 46.75
C GLU F 33 -28.29 14.12 45.46
N THR F 34 -29.42 14.82 45.50
CA THR F 34 -30.29 14.97 44.33
C THR F 34 -30.24 16.46 44.02
N TYR F 35 -29.49 16.80 42.99
CA TYR F 35 -29.31 18.18 42.59
C TYR F 35 -30.34 18.71 41.61
N GLY F 36 -30.39 20.03 41.53
CA GLY F 36 -31.27 20.68 40.60
C GLY F 36 -30.49 20.85 39.31
N LYS F 37 -30.50 22.07 38.79
CA LYS F 37 -29.79 22.36 37.56
C LYS F 37 -28.28 22.46 37.82
N LEU F 38 -27.50 21.61 37.17
CA LEU F 38 -26.05 21.69 37.31
C LEU F 38 -25.55 22.42 36.06
N GLU F 39 -25.33 23.70 36.22
CA GLU F 39 -24.90 24.53 35.12
C GLU F 39 -23.38 24.66 34.98
N ALA F 40 -22.81 24.05 33.93
CA ALA F 40 -21.38 24.17 33.65
C ALA F 40 -21.04 25.66 33.51
N VAL F 41 -20.04 26.12 34.24
CA VAL F 41 -19.62 27.52 34.21
C VAL F 41 -18.23 27.79 33.59
N GLN F 42 -17.29 26.88 33.79
CA GLN F 42 -15.94 27.06 33.32
C GLN F 42 -15.25 25.70 33.37
N TYR F 43 -14.06 25.61 32.79
CA TYR F 43 -13.36 24.34 32.84
C TYR F 43 -11.94 24.42 32.32
N LYS F 44 -11.27 23.26 32.35
CA LYS F 44 -9.90 23.13 31.89
C LYS F 44 -9.75 21.73 31.41
N THR F 45 -8.75 21.51 30.57
CA THR F 45 -8.49 20.19 29.99
C THR F 45 -7.07 19.78 30.34
N GLN F 46 -6.78 18.49 30.15
CA GLN F 46 -5.46 17.95 30.44
C GLN F 46 -5.40 16.70 29.59
N VAL F 47 -4.40 16.64 28.70
CA VAL F 47 -4.23 15.49 27.81
C VAL F 47 -3.53 14.38 28.56
N VAL F 48 -4.07 13.17 28.47
CA VAL F 48 -3.50 11.99 29.13
C VAL F 48 -3.76 10.91 28.11
N ALA F 49 -3.68 9.63 28.44
CA ALA F 49 -4.07 8.63 27.43
C ALA F 49 -5.61 8.73 27.24
N GLY F 50 -6.08 9.96 27.06
CA GLY F 50 -7.47 10.26 26.90
C GLY F 50 -7.56 11.74 27.23
N THR F 51 -8.63 12.15 27.87
CA THR F 51 -8.79 13.56 28.20
C THR F 51 -9.46 13.74 29.56
N ASN F 52 -8.79 14.40 30.48
CA ASN F 52 -9.39 14.66 31.80
C ASN F 52 -10.00 15.99 31.70
N TYR F 53 -11.12 16.14 32.37
CA TYR F 53 -11.85 17.39 32.36
C TYR F 53 -12.03 17.86 33.78
N TYR F 54 -11.87 19.16 33.98
CA TYR F 54 -11.99 19.76 35.26
C TYR F 54 -12.99 20.87 35.03
N ILE F 55 -14.23 20.62 35.45
CA ILE F 55 -15.34 21.55 35.26
C ILE F 55 -15.88 22.21 36.54
N LYS F 56 -16.11 23.52 36.48
CA LYS F 56 -16.69 24.26 37.59
C LYS F 56 -18.19 24.31 37.34
N VAL F 57 -18.93 23.43 38.01
CA VAL F 57 -20.37 23.37 37.85
C VAL F 57 -21.12 24.12 38.95
N ARG F 58 -22.11 24.92 38.56
CA ARG F 58 -22.89 25.72 39.51
C ARG F 58 -24.22 25.07 39.89
N ALA F 59 -24.41 24.79 41.16
CA ALA F 59 -25.64 24.18 41.64
C ALA F 59 -26.49 25.10 42.50
N GLY F 60 -27.25 24.48 43.41
CA GLY F 60 -28.13 25.17 44.34
C GLY F 60 -28.50 26.61 44.05
N ASP F 61 -27.78 27.53 44.69
CA ASP F 61 -27.97 28.95 44.51
C ASP F 61 -26.61 29.55 44.18
N ASN F 62 -25.78 29.72 45.19
CA ASN F 62 -24.43 30.23 45.01
C ASN F 62 -23.48 29.12 45.45
N LYS F 63 -23.86 27.88 45.16
CA LYS F 63 -23.05 26.72 45.52
C LYS F 63 -22.40 26.11 44.29
N TYR F 64 -21.09 26.18 44.24
CA TYR F 64 -20.33 25.64 43.11
C TYR F 64 -19.74 24.29 43.41
N MET F 65 -19.27 23.61 42.38
CA MET F 65 -18.73 22.27 42.51
C MET F 65 -17.74 21.98 41.39
N HIS F 66 -16.63 21.35 41.73
CA HIS F 66 -15.63 20.99 40.73
C HIS F 66 -15.66 19.53 40.47
N LEU F 67 -15.99 19.13 39.24
CA LEU F 67 -15.99 17.69 38.87
C LEU F 67 -14.76 17.43 38.03
N LYS F 68 -14.33 16.18 38.02
CA LYS F 68 -13.21 15.79 37.20
C LYS F 68 -13.71 14.57 36.48
N VAL F 69 -13.82 14.68 35.16
CA VAL F 69 -14.31 13.60 34.32
C VAL F 69 -13.23 13.15 33.36
N PHE F 70 -13.23 11.87 33.05
CA PHE F 70 -12.24 11.33 32.15
C PHE F 70 -12.94 10.84 30.89
N LYS F 71 -12.40 11.23 29.73
CA LYS F 71 -12.96 10.82 28.45
C LYS F 71 -11.96 9.95 27.69
N SER F 72 -12.35 8.69 27.48
CA SER F 72 -11.56 7.68 26.80
C SER F 72 -11.12 8.10 25.40
N LEU F 73 -10.16 7.38 24.84
CA LEU F 73 -9.74 7.66 23.47
C LEU F 73 -10.75 6.93 22.58
N PRO F 74 -11.01 7.45 21.37
CA PRO F 74 -11.96 6.86 20.42
C PRO F 74 -11.74 5.39 20.08
N GLY F 75 -10.67 4.81 20.60
CA GLY F 75 -10.37 3.41 20.33
C GLY F 75 -10.61 2.45 21.49
N GLN F 76 -10.76 2.98 22.69
CA GLN F 76 -10.98 2.14 23.88
C GLN F 76 -12.39 1.61 24.05
N ASN F 77 -13.37 2.41 23.68
CA ASN F 77 -14.80 2.06 23.73
C ASN F 77 -15.61 2.19 25.02
N GLU F 78 -15.48 3.32 25.72
CA GLU F 78 -16.26 3.55 26.94
C GLU F 78 -16.70 5.03 27.06
N ASP F 79 -17.64 5.29 27.96
CA ASP F 79 -18.13 6.67 28.16
C ASP F 79 -17.37 7.53 29.19
N LEU F 80 -17.93 8.70 29.49
CA LEU F 80 -17.32 9.65 30.42
C LEU F 80 -17.47 9.15 31.85
N VAL F 81 -16.35 9.04 32.56
CA VAL F 81 -16.36 8.56 33.94
C VAL F 81 -15.99 9.66 34.93
N LEU F 82 -16.81 9.83 35.97
CA LEU F 82 -16.55 10.82 37.01
C LEU F 82 -15.44 10.24 37.89
N THR F 83 -14.37 11.00 38.07
CA THR F 83 -13.21 10.52 38.82
C THR F 83 -12.82 11.30 40.05
N GLY F 84 -13.52 12.39 40.31
CA GLY F 84 -13.26 13.16 41.51
C GLY F 84 -14.26 14.26 41.58
N TYR F 85 -14.45 14.85 42.73
CA TYR F 85 -15.37 15.97 42.88
C TYR F 85 -15.01 16.72 44.14
N GLN F 86 -15.24 18.03 44.10
CA GLN F 86 -14.96 18.92 45.22
C GLN F 86 -16.20 19.76 45.51
N VAL F 87 -16.80 19.53 46.67
CA VAL F 87 -18.00 20.27 47.07
C VAL F 87 -17.62 21.58 47.77
N ASP F 88 -18.64 22.42 48.00
CA ASP F 88 -18.49 23.70 48.66
C ASP F 88 -17.37 24.62 48.15
N LYS F 89 -17.31 24.79 46.84
CA LYS F 89 -16.30 25.63 46.21
C LYS F 89 -16.95 26.93 45.74
N ASN F 90 -16.31 28.05 46.06
CA ASN F 90 -16.81 29.36 45.66
C ASN F 90 -16.87 29.50 44.14
N LYS F 91 -17.28 30.67 43.66
CA LYS F 91 -17.36 30.88 42.22
C LYS F 91 -16.00 31.14 41.59
N ASP F 92 -15.26 32.08 42.18
CA ASP F 92 -13.93 32.46 41.69
C ASP F 92 -12.93 31.30 41.77
N ASP F 93 -13.03 30.50 42.84
CA ASP F 93 -12.15 29.35 43.07
C ASP F 93 -11.47 28.74 41.85
N GLU F 94 -10.15 28.87 41.81
CA GLU F 94 -9.34 28.36 40.70
C GLU F 94 -9.43 26.84 40.55
N LEU F 95 -9.84 26.41 39.36
CA LEU F 95 -9.94 25.00 39.05
C LEU F 95 -8.51 24.44 38.96
N THR F 96 -8.18 23.49 39.83
CA THR F 96 -6.84 22.87 39.86
C THR F 96 -6.87 21.42 39.52
N GLY F 97 -5.71 20.90 39.14
CA GLY F 97 -5.60 19.49 38.84
C GLY F 97 -5.76 18.80 40.18
N PHE F 98 -6.23 17.56 40.15
CA PHE F 98 -6.44 16.76 41.36
C PHE F 98 -7.03 15.38 41.05
N TYR G 1 14.03 -9.37 -51.88
CA TYR G 1 12.85 -8.90 -51.14
C TYR G 1 12.18 -7.84 -52.00
N PRO G 2 11.13 -8.22 -52.73
CA PRO G 2 10.36 -7.33 -53.59
C PRO G 2 9.76 -6.22 -52.73
N PRO G 3 9.42 -5.08 -53.32
CA PRO G 3 8.85 -3.98 -52.55
C PRO G 3 7.49 -4.28 -51.87
N SER G 4 6.79 -5.33 -52.32
CA SER G 4 5.51 -5.72 -51.70
C SER G 4 5.33 -7.24 -51.69
N MET G 5 4.55 -7.75 -50.74
CA MET G 5 4.28 -9.19 -50.66
C MET G 5 2.99 -9.44 -49.89
N ASP G 6 2.28 -10.50 -50.30
CA ASP G 6 1.06 -10.94 -49.65
C ASP G 6 0.82 -12.41 -49.95
N TRP G 7 1.03 -13.25 -48.93
CA TRP G 7 0.85 -14.69 -49.02
C TRP G 7 -0.59 -15.14 -49.36
N ARG G 8 -1.56 -14.26 -49.11
CA ARG G 8 -2.95 -14.58 -49.41
C ARG G 8 -3.20 -14.46 -50.89
N LYS G 9 -2.75 -13.35 -51.46
CA LYS G 9 -2.90 -13.04 -52.89
C LYS G 9 -2.06 -13.96 -53.79
N LYS G 10 -0.84 -14.29 -53.36
CA LYS G 10 0.00 -15.18 -54.15
C LYS G 10 -0.72 -16.51 -54.31
N GLY G 11 -1.56 -16.85 -53.34
CA GLY G 11 -2.28 -18.09 -53.43
C GLY G 11 -3.05 -18.44 -52.17
N ASN G 12 -3.67 -19.61 -52.21
CA ASN G 12 -4.45 -20.09 -51.09
C ASN G 12 -3.49 -20.51 -49.98
N PHE G 13 -2.87 -19.54 -49.30
CA PHE G 13 -1.89 -19.86 -48.26
C PHE G 13 -2.13 -19.20 -46.88
N VAL G 14 -3.32 -18.67 -46.65
CA VAL G 14 -3.58 -18.02 -45.38
C VAL G 14 -4.95 -18.42 -44.92
N SER G 15 -5.00 -19.30 -43.91
CA SER G 15 -6.25 -19.81 -43.34
C SER G 15 -7.15 -18.62 -42.95
N PRO G 16 -8.46 -18.88 -42.73
CA PRO G 16 -9.41 -17.82 -42.36
C PRO G 16 -9.11 -17.23 -41.00
N VAL G 17 -9.51 -15.96 -40.82
CA VAL G 17 -9.31 -15.28 -39.55
C VAL G 17 -10.05 -16.07 -38.47
N LYS G 18 -9.34 -16.36 -37.38
CA LYS G 18 -9.91 -17.12 -36.27
C LYS G 18 -10.09 -16.21 -35.07
N ASN G 19 -10.96 -16.63 -34.16
CA ASN G 19 -11.25 -15.85 -32.97
C ASN G 19 -11.09 -16.70 -31.73
N GLN G 20 -10.07 -16.39 -30.94
CA GLN G 20 -9.83 -17.07 -29.68
C GLN G 20 -10.83 -16.40 -28.73
N GLY G 21 -10.52 -16.30 -27.45
CA GLY G 21 -11.47 -15.67 -26.57
C GLY G 21 -10.81 -14.78 -25.54
N SER G 22 -11.37 -14.82 -24.34
CA SER G 22 -10.85 -14.05 -23.22
C SER G 22 -9.66 -14.84 -22.65
N CYS G 23 -9.25 -15.86 -23.41
CA CYS G 23 -8.13 -16.73 -23.06
C CYS G 23 -6.88 -16.33 -23.84
N GLY G 24 -5.79 -16.12 -23.11
CA GLY G 24 -4.54 -15.77 -23.76
C GLY G 24 -3.99 -16.95 -24.55
N SER G 25 -4.60 -17.18 -25.70
CA SER G 25 -4.26 -18.29 -26.59
C SER G 25 -3.63 -17.71 -27.90
N CYS G 26 -3.42 -16.40 -27.95
CA CYS G 26 -2.84 -15.78 -29.13
C CYS G 26 -1.66 -16.53 -29.76
N TRP G 27 -0.64 -16.86 -28.98
CA TRP G 27 0.55 -17.56 -29.52
C TRP G 27 0.20 -18.84 -30.27
N THR G 28 -0.90 -19.43 -29.84
CA THR G 28 -1.39 -20.67 -30.41
C THR G 28 -1.86 -20.44 -31.85
N PHE G 29 -2.52 -19.30 -32.04
CA PHE G 29 -3.08 -18.98 -33.33
C PHE G 29 -2.00 -18.60 -34.31
N SER G 30 -0.89 -18.07 -33.78
CA SER G 30 0.28 -17.71 -34.57
C SER G 30 0.94 -19.03 -35.01
N THR G 31 1.18 -19.91 -34.04
CA THR G 31 1.75 -21.24 -34.25
C THR G 31 0.91 -22.04 -35.25
N THR G 32 -0.40 -21.79 -35.23
CA THR G 32 -1.29 -22.52 -36.13
C THR G 32 -1.28 -21.88 -37.51
N GLY G 33 -1.40 -20.56 -37.53
CA GLY G 33 -1.40 -19.84 -38.77
C GLY G 33 -0.14 -20.24 -39.48
N ALA G 34 0.97 -19.77 -38.94
CA ALA G 34 2.26 -20.05 -39.50
C ALA G 34 2.42 -21.49 -40.00
N LEU G 35 1.99 -22.47 -39.22
CA LEU G 35 2.19 -23.84 -39.67
C LEU G 35 1.25 -24.25 -40.76
N GLU G 36 -0.01 -23.84 -40.68
CA GLU G 36 -0.95 -24.24 -41.73
C GLU G 36 -0.62 -23.56 -43.08
N SER G 37 -0.10 -22.35 -42.98
CA SER G 37 0.34 -21.54 -44.12
C SER G 37 1.45 -22.36 -44.79
N ALA G 38 2.43 -22.73 -44.00
CA ALA G 38 3.54 -23.54 -44.45
C ALA G 38 3.15 -24.84 -45.15
N VAL G 39 2.26 -25.62 -44.56
CA VAL G 39 1.84 -26.89 -45.18
C VAL G 39 1.15 -26.67 -46.54
N ALA G 40 0.51 -25.50 -46.66
CA ALA G 40 -0.21 -25.11 -47.86
C ALA G 40 0.82 -24.70 -48.89
N ILE G 41 1.83 -23.99 -48.42
CA ILE G 41 2.90 -23.53 -49.29
C ILE G 41 3.76 -24.69 -49.78
N ALA G 42 3.86 -25.75 -48.98
CA ALA G 42 4.62 -26.94 -49.37
C ALA G 42 3.88 -27.94 -50.21
N THR G 43 2.84 -28.57 -49.65
CA THR G 43 2.06 -29.59 -50.37
C THR G 43 0.81 -29.09 -51.06
N GLY G 44 0.39 -27.86 -50.74
CA GLY G 44 -0.84 -27.35 -51.31
C GLY G 44 -2.14 -27.69 -50.57
N LYS G 45 -2.09 -28.63 -49.64
CA LYS G 45 -3.27 -29.02 -48.88
C LYS G 45 -3.56 -28.02 -47.78
N MET G 46 -4.79 -27.50 -47.75
CA MET G 46 -5.14 -26.57 -46.70
C MET G 46 -5.77 -27.42 -45.58
N LEU G 47 -5.40 -27.08 -44.35
CA LEU G 47 -5.89 -27.79 -43.17
C LEU G 47 -5.86 -26.86 -41.98
N SER G 48 -6.72 -27.13 -41.01
CA SER G 48 -6.79 -26.29 -39.83
C SER G 48 -6.30 -27.08 -38.63
N LEU G 49 -5.33 -26.52 -37.94
CA LEU G 49 -4.69 -27.18 -36.79
C LEU G 49 -5.32 -26.84 -35.44
N ALA G 50 -5.44 -27.89 -34.65
CA ALA G 50 -6.03 -27.82 -33.31
C ALA G 50 -5.24 -27.05 -32.25
N GLU G 51 -5.54 -25.76 -32.11
CA GLU G 51 -4.91 -24.89 -31.13
C GLU G 51 -5.00 -25.41 -29.68
N GLN G 52 -6.16 -25.92 -29.26
CA GLN G 52 -6.32 -26.42 -27.89
C GLN G 52 -5.14 -27.31 -27.49
N GLN G 53 -4.64 -28.07 -28.46
CA GLN G 53 -3.50 -28.97 -28.24
C GLN G 53 -2.33 -28.16 -27.65
N LEU G 54 -2.04 -27.01 -28.27
CA LEU G 54 -0.98 -26.14 -27.81
C LEU G 54 -1.36 -25.55 -26.45
N VAL G 55 -2.68 -25.44 -26.23
CA VAL G 55 -3.23 -24.91 -24.99
C VAL G 55 -3.04 -25.87 -23.80
N ASP G 56 -3.22 -27.18 -24.02
CA ASP G 56 -3.10 -28.15 -22.92
C ASP G 56 -1.97 -29.16 -23.07
N CYS G 57 -0.88 -28.82 -23.77
CA CYS G 57 0.21 -29.79 -23.91
C CYS G 57 1.62 -29.28 -24.07
N ALA G 58 1.75 -28.05 -24.57
CA ALA G 58 3.06 -27.43 -24.80
C ALA G 58 3.60 -26.73 -23.54
N GLN G 59 3.27 -27.29 -22.37
CA GLN G 59 3.68 -26.70 -21.09
C GLN G 59 5.17 -26.88 -20.85
N ASN G 60 5.68 -28.06 -21.24
CA ASN G 60 7.10 -28.36 -21.07
C ASN G 60 7.92 -27.27 -21.75
N PHE G 61 7.58 -26.94 -22.99
CA PHE G 61 8.32 -25.90 -23.67
C PHE G 61 8.13 -24.48 -23.17
N ASN G 62 7.90 -24.34 -21.86
CA ASN G 62 7.80 -23.01 -21.23
C ASN G 62 6.51 -22.28 -21.63
N ASN G 63 5.60 -23.05 -22.22
CA ASN G 63 4.32 -22.46 -22.61
C ASN G 63 3.32 -22.62 -21.46
N HIS G 64 2.47 -21.62 -21.29
CA HIS G 64 1.50 -21.63 -20.23
C HIS G 64 0.00 -21.53 -20.61
N GLY G 65 -0.49 -22.53 -21.35
CA GLY G 65 -1.91 -22.53 -21.74
C GLY G 65 -2.55 -21.15 -21.87
N CYS G 66 -3.78 -20.97 -21.38
CA CYS G 66 -4.46 -19.67 -21.50
C CYS G 66 -3.74 -18.51 -20.80
N GLN G 67 -2.64 -18.76 -20.11
CA GLN G 67 -1.98 -17.63 -19.50
C GLN G 67 -0.67 -17.28 -20.18
N GLY G 68 -0.50 -17.66 -21.44
CA GLY G 68 0.70 -17.28 -22.18
C GLY G 68 1.50 -18.37 -22.86
N GLY G 69 2.30 -17.95 -23.85
CA GLY G 69 3.14 -18.87 -24.60
C GLY G 69 3.91 -18.07 -25.65
N LEU G 70 4.54 -18.76 -26.61
CA LEU G 70 5.34 -18.14 -27.69
C LEU G 70 5.41 -19.13 -28.89
N PRO G 71 5.35 -18.61 -30.14
CA PRO G 71 5.40 -19.51 -31.31
C PRO G 71 6.63 -20.38 -31.42
N SER G 72 7.79 -19.83 -31.10
CA SER G 72 9.04 -20.57 -31.14
C SER G 72 8.90 -21.81 -30.28
N GLN G 73 8.55 -21.60 -29.02
CA GLN G 73 8.33 -22.72 -28.09
C GLN G 73 7.29 -23.72 -28.64
N ALA G 74 6.13 -23.19 -29.07
CA ALA G 74 5.07 -24.01 -29.63
C ALA G 74 5.58 -24.82 -30.82
N PHE G 75 6.45 -24.20 -31.64
CA PHE G 75 7.01 -24.89 -32.81
C PHE G 75 7.90 -26.01 -32.38
N GLU G 76 8.67 -25.75 -31.32
CA GLU G 76 9.56 -26.78 -30.79
C GLU G 76 8.75 -27.90 -30.23
N TYR G 77 7.68 -27.53 -29.51
CA TYR G 77 6.77 -28.50 -28.93
C TYR G 77 6.20 -29.43 -30.00
N ILE G 78 5.62 -28.87 -31.06
CA ILE G 78 5.01 -29.70 -32.11
C ILE G 78 6.02 -30.59 -32.82
N ARG G 79 7.23 -30.06 -32.94
CA ARG G 79 8.36 -30.74 -33.58
C ARG G 79 8.75 -31.93 -32.71
N TYR G 80 8.89 -31.70 -31.40
CA TYR G 80 9.29 -32.79 -30.52
C TYR G 80 8.18 -33.72 -30.12
N ASN G 81 6.95 -33.20 -30.14
CA ASN G 81 5.80 -34.02 -29.77
C ASN G 81 5.45 -34.97 -30.92
N LYS G 82 5.99 -34.65 -32.11
CA LYS G 82 5.75 -35.41 -33.33
C LYS G 82 4.39 -35.18 -33.96
N GLY G 83 3.89 -33.95 -33.91
CA GLY G 83 2.62 -33.66 -34.55
C GLY G 83 1.54 -32.87 -33.83
N ILE G 84 0.54 -32.50 -34.60
CA ILE G 84 -0.58 -31.74 -34.11
C ILE G 84 -1.76 -32.18 -34.95
N MET G 85 -2.93 -32.28 -34.34
CA MET G 85 -4.13 -32.70 -35.06
C MET G 85 -4.93 -31.47 -35.52
N GLY G 86 -5.98 -31.70 -36.30
CA GLY G 86 -6.77 -30.57 -36.76
C GLY G 86 -7.84 -30.20 -35.76
N GLU G 87 -8.51 -29.05 -35.95
CA GLU G 87 -9.58 -28.62 -35.03
C GLU G 87 -10.83 -29.50 -35.06
N ASP G 88 -10.90 -30.41 -36.03
CA ASP G 88 -12.02 -31.32 -36.13
C ASP G 88 -11.83 -32.47 -35.13
N THR G 89 -10.59 -32.65 -34.65
CA THR G 89 -10.28 -33.72 -33.69
C THR G 89 -9.96 -33.27 -32.27
N TYR G 90 -9.68 -31.98 -32.08
CA TYR G 90 -9.35 -31.41 -30.78
C TYR G 90 -9.94 -29.99 -30.84
N PRO G 91 -11.25 -29.89 -30.61
CA PRO G 91 -12.00 -28.62 -30.64
C PRO G 91 -11.53 -27.58 -29.66
N TYR G 92 -11.56 -26.32 -30.09
CA TYR G 92 -11.10 -25.25 -29.25
C TYR G 92 -12.09 -24.89 -28.16
N LYS G 93 -11.70 -25.15 -26.91
CA LYS G 93 -12.59 -24.83 -25.79
C LYS G 93 -12.20 -23.49 -25.25
N GLY G 94 -10.95 -23.13 -25.53
CA GLY G 94 -10.46 -21.86 -25.04
C GLY G 94 -10.23 -21.88 -23.53
N GLN G 95 -9.81 -23.03 -23.02
CA GLN G 95 -9.54 -23.21 -21.60
C GLN G 95 -8.50 -24.29 -21.31
N ASP G 96 -7.88 -24.17 -20.15
CA ASP G 96 -6.81 -25.05 -19.70
C ASP G 96 -7.29 -26.48 -19.47
N ASP G 97 -7.41 -27.26 -20.53
CA ASP G 97 -7.82 -28.64 -20.38
C ASP G 97 -6.59 -29.46 -20.04
N HIS G 98 -6.75 -30.77 -20.14
CA HIS G 98 -5.67 -31.72 -19.89
C HIS G 98 -5.39 -32.28 -21.26
N CYS G 99 -4.12 -32.46 -21.60
CA CYS G 99 -3.80 -32.93 -22.92
C CYS G 99 -4.52 -34.18 -23.33
N LYS G 100 -5.21 -34.09 -24.46
CA LYS G 100 -5.95 -35.22 -25.00
C LYS G 100 -5.31 -35.67 -26.29
N PHE G 101 -4.16 -35.09 -26.62
CA PHE G 101 -3.43 -35.44 -27.84
C PHE G 101 -3.37 -36.93 -28.16
N GLN G 102 -3.40 -37.24 -29.46
CA GLN G 102 -3.36 -38.60 -29.98
C GLN G 102 -2.57 -38.64 -31.30
N PRO G 103 -1.38 -39.27 -31.28
CA PRO G 103 -0.50 -39.40 -32.45
C PRO G 103 -1.22 -39.62 -33.75
N ASP G 104 -1.93 -40.73 -33.85
CA ASP G 104 -2.60 -41.06 -35.09
C ASP G 104 -3.79 -40.19 -35.43
N LYS G 105 -3.81 -38.98 -34.91
CA LYS G 105 -4.85 -37.99 -35.21
C LYS G 105 -4.13 -36.72 -35.71
N ALA G 106 -2.79 -36.74 -35.56
CA ALA G 106 -1.90 -35.64 -35.96
C ALA G 106 -1.83 -35.59 -37.49
N ILE G 107 -2.04 -34.39 -38.02
CA ILE G 107 -2.07 -34.19 -39.46
C ILE G 107 -0.95 -33.28 -39.97
N ALA G 108 -0.61 -32.25 -39.20
CA ALA G 108 0.49 -31.34 -39.55
C ALA G 108 1.73 -31.66 -38.68
N PHE G 109 2.92 -31.23 -39.15
CA PHE G 109 4.16 -31.48 -38.41
C PHE G 109 5.21 -30.42 -38.70
N VAL G 110 6.23 -30.35 -37.85
CA VAL G 110 7.29 -29.37 -38.01
C VAL G 110 8.69 -30.05 -38.06
N LYS G 111 9.49 -29.66 -39.04
CA LYS G 111 10.85 -30.20 -39.22
C LYS G 111 11.95 -29.56 -38.36
N ASP G 112 11.98 -28.23 -38.37
CA ASP G 112 12.99 -27.45 -37.68
C ASP G 112 12.29 -26.10 -37.46
N VAL G 113 12.92 -25.19 -36.72
CA VAL G 113 12.30 -23.89 -36.49
C VAL G 113 13.29 -22.76 -36.71
N ALA G 114 12.81 -21.72 -37.37
CA ALA G 114 13.64 -20.57 -37.67
C ALA G 114 13.34 -19.43 -36.75
N ASN G 115 14.28 -19.12 -35.87
CA ASN G 115 14.09 -18.05 -34.92
C ASN G 115 14.75 -16.81 -35.51
N ILE G 116 13.97 -15.78 -35.87
CA ILE G 116 14.52 -14.55 -36.44
C ILE G 116 15.25 -13.69 -35.39
N THR G 117 16.55 -13.46 -35.61
CA THR G 117 17.38 -12.69 -34.70
C THR G 117 16.65 -11.48 -34.08
N MET G 118 16.75 -11.38 -32.76
CA MET G 118 16.13 -10.30 -32.00
C MET G 118 16.36 -8.92 -32.62
N ASN G 119 15.28 -8.15 -32.75
CA ASN G 119 15.30 -6.80 -33.31
C ASN G 119 15.62 -6.67 -34.81
N ASP G 120 15.82 -7.80 -35.48
CA ASP G 120 16.13 -7.80 -36.91
C ASP G 120 14.88 -7.77 -37.79
N GLU G 121 14.35 -6.57 -38.02
CA GLU G 121 13.15 -6.39 -38.83
C GLU G 121 13.38 -6.80 -40.28
N GLU G 122 14.51 -6.40 -40.86
CA GLU G 122 14.80 -6.78 -42.25
C GLU G 122 14.83 -8.30 -42.45
N ALA G 123 15.29 -9.03 -41.44
CA ALA G 123 15.32 -10.49 -41.50
C ALA G 123 13.89 -11.01 -41.61
N MET G 124 12.96 -10.32 -40.94
CA MET G 124 11.55 -10.68 -40.99
C MET G 124 11.08 -10.47 -42.43
N VAL G 125 11.37 -9.29 -42.95
CA VAL G 125 11.01 -8.92 -44.31
C VAL G 125 11.49 -9.97 -45.32
N GLU G 126 12.64 -10.59 -45.04
CA GLU G 126 13.21 -11.62 -45.91
C GLU G 126 12.38 -12.90 -45.89
N ALA G 127 12.30 -13.53 -44.73
CA ALA G 127 11.57 -14.79 -44.54
C ALA G 127 10.16 -14.71 -45.10
N VAL G 128 9.49 -13.60 -44.84
CA VAL G 128 8.12 -13.41 -45.33
C VAL G 128 8.15 -13.40 -46.86
N ALA G 129 9.02 -12.57 -47.43
CA ALA G 129 9.15 -12.42 -48.87
C ALA G 129 9.48 -13.71 -49.64
N LEU G 130 10.42 -14.49 -49.13
CA LEU G 130 10.85 -15.71 -49.80
C LEU G 130 10.33 -17.05 -49.30
N TYR G 131 10.06 -17.17 -48.00
CA TYR G 131 9.69 -18.47 -47.44
C TYR G 131 8.33 -18.75 -46.78
N ASN G 132 7.87 -17.88 -45.88
CA ASN G 132 6.64 -18.17 -45.15
C ASN G 132 6.20 -16.99 -44.28
N PRO G 133 4.91 -16.93 -43.91
CA PRO G 133 4.47 -15.82 -43.05
C PRO G 133 5.22 -15.93 -41.71
N VAL G 134 5.42 -14.82 -41.02
CA VAL G 134 6.19 -14.88 -39.78
C VAL G 134 5.41 -14.71 -38.48
N SER G 135 5.56 -15.68 -37.58
CA SER G 135 4.91 -15.65 -36.28
C SER G 135 5.67 -14.65 -35.40
N PHE G 136 5.03 -13.54 -35.07
CA PHE G 136 5.71 -12.56 -34.23
C PHE G 136 4.83 -12.12 -33.08
N ALA G 137 5.36 -11.24 -32.22
CA ALA G 137 4.63 -10.73 -31.07
C ALA G 137 5.12 -9.32 -30.82
N PHE G 138 4.25 -8.47 -30.31
CA PHE G 138 4.59 -7.08 -30.04
C PHE G 138 3.81 -6.57 -28.83
N GLU G 139 3.87 -5.26 -28.57
CA GLU G 139 3.17 -4.68 -27.44
C GLU G 139 1.85 -4.05 -27.85
N VAL G 140 0.78 -4.49 -27.22
CA VAL G 140 -0.55 -3.96 -27.49
C VAL G 140 -0.93 -2.94 -26.42
N THR G 141 -1.22 -1.72 -26.84
CA THR G 141 -1.65 -0.69 -25.89
C THR G 141 -3.13 -0.47 -26.15
N ASN G 142 -3.80 0.25 -25.26
CA ASN G 142 -5.23 0.53 -25.40
C ASN G 142 -5.52 1.04 -26.81
N ASP G 143 -4.64 1.93 -27.27
CA ASP G 143 -4.69 2.56 -28.59
C ASP G 143 -4.99 1.56 -29.73
N PHE G 144 -4.42 0.36 -29.62
CA PHE G 144 -4.58 -0.67 -30.63
C PHE G 144 -5.96 -1.34 -30.69
N LEU G 145 -6.66 -1.42 -29.56
CA LEU G 145 -7.96 -2.06 -29.49
C LEU G 145 -9.02 -1.43 -30.39
N MET G 146 -9.09 -0.10 -30.39
CA MET G 146 -10.06 0.64 -31.19
C MET G 146 -9.64 0.75 -32.65
N TYR G 147 -8.73 -0.12 -33.08
CA TYR G 147 -8.25 -0.09 -34.45
C TYR G 147 -9.31 -0.61 -35.41
N ARG G 148 -9.48 0.10 -36.52
CA ARG G 148 -10.46 -0.28 -37.53
C ARG G 148 -9.83 -0.54 -38.91
N LYS G 149 -9.07 0.42 -39.42
CA LYS G 149 -8.45 0.29 -40.73
C LYS G 149 -7.40 1.36 -40.98
N GLY G 150 -6.24 0.94 -41.49
CA GLY G 150 -5.17 1.88 -41.79
C GLY G 150 -3.83 1.39 -41.30
N ILE G 151 -2.83 2.26 -41.34
CA ILE G 151 -1.49 1.89 -40.87
C ILE G 151 -1.30 2.34 -39.43
N TYR G 152 -1.40 1.38 -38.53
CA TYR G 152 -1.25 1.61 -37.09
C TYR G 152 0.15 2.09 -36.70
N SER G 153 0.21 3.12 -35.86
CA SER G 153 1.48 3.67 -35.41
C SER G 153 1.33 4.23 -33.99
N SER G 154 1.83 3.49 -33.01
CA SER G 154 1.76 3.90 -31.61
C SER G 154 2.94 4.76 -31.18
N THR G 155 2.64 5.99 -30.79
CA THR G 155 3.66 6.92 -30.32
C THR G 155 3.94 6.66 -28.84
N SER G 156 3.15 5.76 -28.24
CA SER G 156 3.27 5.44 -26.82
C SER G 156 3.91 4.10 -26.48
N CYS G 157 3.87 3.15 -27.40
CA CYS G 157 4.45 1.83 -27.12
C CYS G 157 5.96 1.82 -27.02
N HIS G 158 6.46 1.02 -26.10
CA HIS G 158 7.89 0.85 -25.84
C HIS G 158 8.41 -0.27 -26.79
N LYS G 159 9.69 -0.21 -27.18
CA LYS G 159 10.37 -1.18 -28.06
C LYS G 159 11.42 -1.96 -27.27
N THR G 160 10.96 -2.91 -26.52
CA THR G 160 11.86 -3.63 -25.64
C THR G 160 11.36 -5.05 -25.50
N PRO G 161 12.15 -5.96 -24.92
CA PRO G 161 11.49 -7.27 -24.87
C PRO G 161 10.29 -7.48 -23.95
N ASP G 162 10.49 -7.36 -22.64
CA ASP G 162 9.42 -7.63 -21.68
C ASP G 162 8.09 -6.87 -21.66
N LYS G 163 7.93 -5.82 -22.45
CA LYS G 163 6.62 -5.14 -22.45
C LYS G 163 5.75 -5.66 -23.60
N VAL G 164 6.21 -6.71 -24.28
CA VAL G 164 5.46 -7.31 -25.39
C VAL G 164 4.33 -8.22 -24.86
N ASN G 165 3.18 -8.23 -25.53
CA ASN G 165 2.07 -9.03 -25.03
C ASN G 165 0.99 -9.38 -26.05
N HIS G 166 1.38 -9.93 -27.19
CA HIS G 166 0.44 -10.33 -28.23
C HIS G 166 1.11 -10.96 -29.44
N ALA G 167 0.93 -12.28 -29.57
CA ALA G 167 1.49 -13.02 -30.69
C ALA G 167 0.53 -12.96 -31.87
N VAL G 168 1.02 -12.44 -32.99
CA VAL G 168 0.21 -12.33 -34.21
C VAL G 168 0.92 -13.07 -35.34
N LEU G 169 0.64 -12.71 -36.58
CA LEU G 169 1.25 -13.36 -37.72
C LEU G 169 1.37 -12.42 -38.91
N ALA G 170 2.58 -12.29 -39.45
CA ALA G 170 2.84 -11.43 -40.59
C ALA G 170 2.65 -12.23 -41.88
N VAL G 171 1.66 -11.84 -42.68
CA VAL G 171 1.36 -12.53 -43.93
C VAL G 171 1.98 -11.87 -45.15
N GLY G 172 2.36 -10.60 -45.00
CA GLY G 172 2.95 -9.88 -46.12
C GLY G 172 3.38 -8.48 -45.73
N TYR G 173 3.70 -7.67 -46.73
CA TYR G 173 4.14 -6.30 -46.50
C TYR G 173 3.88 -5.44 -47.73
N GLY G 174 3.86 -4.13 -47.53
CA GLY G 174 3.62 -3.23 -48.65
C GLY G 174 4.00 -1.80 -48.32
N GLU G 175 3.55 -0.86 -49.16
CA GLU G 175 3.84 0.55 -48.97
C GLU G 175 2.61 1.38 -49.33
N GLU G 176 2.13 2.16 -48.37
CA GLU G 176 0.96 3.01 -48.57
C GLU G 176 1.42 4.47 -48.54
N ASN G 177 1.34 5.12 -49.70
CA ASN G 177 1.75 6.51 -49.86
C ASN G 177 3.00 6.94 -49.09
N GLY G 178 4.11 6.28 -49.38
CA GLY G 178 5.37 6.59 -48.74
C GLY G 178 5.71 5.68 -47.57
N ILE G 179 4.94 5.79 -46.51
CA ILE G 179 5.14 4.98 -45.31
C ILE G 179 4.88 3.50 -45.58
N PRO G 180 5.87 2.63 -45.30
CA PRO G 180 5.70 1.19 -45.52
C PRO G 180 4.93 0.55 -44.38
N TYR G 181 4.47 -0.68 -44.59
CA TYR G 181 3.70 -1.37 -43.55
C TYR G 181 3.79 -2.89 -43.61
N TRP G 182 3.24 -3.52 -42.60
CA TRP G 182 3.17 -4.97 -42.46
C TRP G 182 1.70 -5.34 -42.61
N ILE G 183 1.43 -6.53 -43.13
CA ILE G 183 0.07 -7.01 -43.28
C ILE G 183 -0.05 -8.11 -42.23
N VAL G 184 -0.75 -7.82 -41.15
CA VAL G 184 -0.87 -8.79 -40.06
C VAL G 184 -2.26 -9.36 -39.80
N LYS G 185 -2.30 -10.68 -39.62
CA LYS G 185 -3.52 -11.42 -39.34
C LYS G 185 -3.66 -11.58 -37.83
N ASN G 186 -4.76 -11.08 -37.28
CA ASN G 186 -5.01 -11.20 -35.84
C ASN G 186 -5.87 -12.43 -35.59
N SER G 187 -6.19 -12.69 -34.32
CA SER G 187 -7.00 -13.83 -33.93
C SER G 187 -8.24 -13.41 -33.15
N TRP G 188 -8.72 -12.20 -33.40
CA TRP G 188 -9.89 -11.67 -32.70
C TRP G 188 -11.17 -11.75 -33.54
N GLY G 189 -11.26 -12.76 -34.40
CA GLY G 189 -12.44 -12.90 -35.23
C GLY G 189 -12.46 -11.97 -36.42
N PRO G 190 -13.10 -12.40 -37.53
CA PRO G 190 -13.25 -11.68 -38.80
C PRO G 190 -13.87 -10.28 -38.76
N GLN G 191 -14.55 -9.93 -37.67
CA GLN G 191 -15.17 -8.62 -37.58
C GLN G 191 -14.28 -7.53 -36.99
N TRP G 192 -13.08 -7.89 -36.57
CA TRP G 192 -12.16 -6.91 -36.00
C TRP G 192 -11.32 -6.25 -37.09
N GLY G 193 -11.18 -4.94 -36.99
CA GLY G 193 -10.38 -4.20 -37.96
C GLY G 193 -10.69 -4.51 -39.41
N MET G 194 -9.63 -4.72 -40.18
CA MET G 194 -9.75 -5.03 -41.60
C MET G 194 -9.99 -6.52 -41.82
N ASN G 195 -11.21 -6.97 -41.52
CA ASN G 195 -11.61 -8.37 -41.68
C ASN G 195 -10.69 -9.34 -40.94
N GLY G 196 -10.35 -8.99 -39.70
CA GLY G 196 -9.48 -9.83 -38.90
C GLY G 196 -8.02 -9.52 -39.12
N TYR G 197 -7.75 -8.38 -39.77
CA TYR G 197 -6.39 -7.95 -40.07
C TYR G 197 -6.16 -6.51 -39.65
N PHE G 198 -4.90 -6.09 -39.74
CA PHE G 198 -4.47 -4.74 -39.44
C PHE G 198 -3.14 -4.49 -40.11
N LEU G 199 -2.78 -3.21 -40.24
CA LEU G 199 -1.52 -2.84 -40.86
C LEU G 199 -0.74 -2.06 -39.83
N ILE G 200 0.53 -2.39 -39.67
CA ILE G 200 1.38 -1.68 -38.73
C ILE G 200 2.62 -1.20 -39.47
N GLU G 201 3.09 -0.03 -39.09
CA GLU G 201 4.27 0.59 -39.69
C GLU G 201 5.45 -0.38 -39.71
N ARG G 202 6.14 -0.44 -40.84
CA ARG G 202 7.30 -1.30 -41.03
C ARG G 202 8.57 -0.45 -40.95
N GLY G 203 9.68 -1.07 -40.57
CA GLY G 203 10.96 -0.37 -40.50
C GLY G 203 11.27 0.51 -39.30
N LYS G 204 10.62 0.28 -38.16
CA LYS G 204 10.87 1.09 -36.96
C LYS G 204 10.74 0.22 -35.71
N ASN G 205 10.75 -1.09 -35.93
CA ASN G 205 10.61 -2.08 -34.86
C ASN G 205 9.37 -1.73 -34.03
N MET G 206 8.41 -1.10 -34.70
CA MET G 206 7.16 -0.60 -34.14
C MET G 206 6.58 -1.52 -33.06
N CYS G 207 6.51 -1.02 -31.83
CA CYS G 207 5.96 -1.73 -30.68
C CYS G 207 6.62 -3.09 -30.37
N GLY G 208 7.94 -3.14 -30.51
CA GLY G 208 8.72 -4.36 -30.27
C GLY G 208 8.39 -5.44 -31.28
N LEU G 209 7.97 -4.98 -32.45
CA LEU G 209 7.56 -5.83 -33.57
C LEU G 209 8.46 -7.02 -33.94
N ALA G 210 9.77 -6.92 -33.68
CA ALA G 210 10.67 -8.01 -34.02
C ALA G 210 11.50 -8.58 -32.84
N ALA G 211 11.03 -8.33 -31.62
CA ALA G 211 11.72 -8.78 -30.42
C ALA G 211 11.87 -10.30 -30.31
N CYS G 212 10.86 -11.03 -30.77
CA CYS G 212 10.90 -12.49 -30.69
C CYS G 212 10.14 -13.19 -31.81
N ALA G 213 10.36 -12.74 -33.03
CA ALA G 213 9.68 -13.32 -34.20
C ALA G 213 10.34 -14.59 -34.70
N SER G 214 9.54 -15.45 -35.34
CA SER G 214 10.02 -16.71 -35.88
C SER G 214 9.00 -17.37 -36.81
N TYR G 215 9.40 -18.47 -37.44
CA TYR G 215 8.50 -19.21 -38.33
C TYR G 215 8.87 -20.70 -38.35
N PRO G 216 8.01 -21.55 -38.94
CA PRO G 216 8.37 -22.97 -38.93
C PRO G 216 8.77 -23.60 -40.28
N ILE G 217 9.49 -24.71 -40.17
CA ILE G 217 9.92 -25.50 -41.33
C ILE G 217 9.13 -26.80 -41.26
N PRO G 218 8.02 -26.88 -42.00
CA PRO G 218 7.13 -28.06 -42.07
C PRO G 218 7.78 -29.36 -42.52
N LEU G 219 7.40 -30.45 -41.86
CA LEU G 219 7.91 -31.77 -42.20
C LEU G 219 6.90 -32.49 -43.10
N VAL G 220 6.72 -31.97 -44.30
CA VAL G 220 5.79 -32.55 -45.26
C VAL G 220 6.55 -33.55 -46.15
N GLU H 1 20.32 -18.94 -30.05
CA GLU H 1 19.84 -19.23 -28.66
C GLU H 1 18.32 -19.08 -28.62
N PRO H 2 17.69 -19.58 -27.55
CA PRO H 2 16.23 -19.52 -27.36
C PRO H 2 15.69 -18.09 -27.31
N GLN H 3 14.58 -17.87 -28.03
CA GLN H 3 13.92 -16.58 -28.10
C GLN H 3 13.63 -15.97 -26.74
N ASN H 4 13.50 -14.64 -26.69
CA ASN H 4 13.23 -13.99 -25.42
C ASN H 4 12.05 -13.02 -25.35
N CYS H 5 10.99 -13.51 -24.75
CA CYS H 5 9.71 -12.81 -24.50
C CYS H 5 9.04 -13.71 -23.48
N SER H 6 9.42 -14.98 -23.51
CA SER H 6 8.87 -15.98 -22.59
C SER H 6 9.73 -16.14 -21.33
N ALA H 7 9.05 -16.50 -20.24
CA ALA H 7 9.67 -16.72 -18.95
C ALA H 7 8.71 -17.61 -18.15
N THR H 8 8.99 -17.78 -16.87
CA THR H 8 8.14 -18.60 -16.00
C THR H 8 7.81 -17.85 -14.71
N MET I 1 7.48 -10.79 -19.31
CA MET I 1 6.17 -10.75 -19.93
C MET I 1 6.11 -11.55 -21.25
N ILE I 2 5.39 -12.66 -21.15
CA ILE I 2 5.16 -13.60 -22.23
C ILE I 2 3.96 -13.19 -23.07
N PRO I 3 3.87 -13.69 -24.31
CA PRO I 3 2.70 -13.34 -25.14
C PRO I 3 1.53 -14.18 -24.62
N GLY I 4 0.49 -13.52 -24.14
CA GLY I 4 -0.66 -14.25 -23.63
C GLY I 4 -0.68 -14.42 -22.12
N GLY I 5 0.38 -13.96 -21.47
CA GLY I 5 0.46 -14.06 -20.03
C GLY I 5 -0.05 -12.84 -19.31
N LEU I 6 -0.10 -12.90 -17.99
CA LEU I 6 -0.58 -11.77 -17.19
C LEU I 6 0.53 -10.75 -17.08
N SER I 7 0.13 -9.48 -16.99
CA SER I 7 1.05 -8.37 -16.88
C SER I 7 1.67 -8.23 -15.50
N GLU I 8 2.39 -7.11 -15.34
CA GLU I 8 3.05 -6.71 -14.10
C GLU I 8 1.99 -6.02 -13.25
N ALA I 9 1.91 -6.40 -11.97
CA ALA I 9 0.95 -5.81 -11.03
C ALA I 9 1.11 -4.29 -11.07
N LYS I 10 0.04 -3.58 -10.75
CA LYS I 10 0.08 -2.12 -10.76
C LYS I 10 -1.01 -1.56 -9.84
N PRO I 11 -0.73 -0.43 -9.18
CA PRO I 11 -1.73 0.16 -8.29
C PRO I 11 -3.03 0.41 -9.05
N ALA I 12 -4.13 0.34 -8.32
CA ALA I 12 -5.44 0.54 -8.92
C ALA I 12 -5.75 2.01 -9.18
N THR I 13 -6.23 2.27 -10.39
CA THR I 13 -6.59 3.61 -10.82
C THR I 13 -8.08 3.77 -10.57
N PRO I 14 -8.60 4.99 -10.73
CA PRO I 14 -10.03 5.23 -10.51
C PRO I 14 -10.85 4.40 -11.49
N GLU I 15 -10.25 4.10 -12.64
CA GLU I 15 -10.88 3.31 -13.69
C GLU I 15 -11.06 1.88 -13.18
N ILE I 16 -10.11 1.43 -12.37
CA ILE I 16 -10.22 0.09 -11.83
C ILE I 16 -11.34 0.05 -10.78
N GLN I 17 -11.48 1.14 -10.03
CA GLN I 17 -12.52 1.26 -9.02
C GLN I 17 -13.88 1.15 -9.72
N GLU I 18 -13.96 1.87 -10.85
CA GLU I 18 -15.13 1.90 -11.71
C GLU I 18 -15.48 0.45 -12.08
N ILE I 19 -14.54 -0.27 -12.68
CA ILE I 19 -14.78 -1.67 -13.08
C ILE I 19 -15.33 -2.51 -11.92
N VAL I 20 -14.79 -2.30 -10.73
CA VAL I 20 -15.20 -3.01 -9.53
C VAL I 20 -16.69 -2.81 -9.24
N ASP I 21 -17.07 -1.55 -9.12
CA ASP I 21 -18.45 -1.20 -8.83
C ASP I 21 -19.48 -1.78 -9.79
N LYS I 22 -19.22 -1.65 -11.09
CA LYS I 22 -20.13 -2.13 -12.15
C LYS I 22 -20.41 -3.61 -12.07
N VAL I 23 -19.37 -4.35 -11.70
CA VAL I 23 -19.45 -5.78 -11.64
C VAL I 23 -19.83 -6.24 -10.24
N LYS I 24 -20.02 -5.29 -9.32
CA LYS I 24 -20.36 -5.64 -7.96
C LYS I 24 -21.65 -6.47 -7.92
N PRO I 25 -22.81 -5.88 -8.27
CA PRO I 25 -24.05 -6.67 -8.25
C PRO I 25 -23.93 -8.08 -8.82
N GLN I 26 -23.00 -8.28 -9.74
CA GLN I 26 -22.78 -9.59 -10.37
C GLN I 26 -22.21 -10.63 -9.41
N LEU I 27 -21.36 -10.15 -8.49
CA LEU I 27 -20.75 -10.97 -7.46
C LEU I 27 -21.86 -11.38 -6.49
N GLU I 28 -22.58 -10.38 -5.98
CA GLU I 28 -23.69 -10.60 -5.05
C GLU I 28 -24.75 -11.48 -5.70
N GLU I 29 -24.70 -11.57 -7.03
CA GLU I 29 -25.64 -12.36 -7.82
C GLU I 29 -25.34 -13.86 -7.75
N LYS I 30 -24.06 -14.20 -7.76
CA LYS I 30 -23.62 -15.60 -7.71
C LYS I 30 -23.33 -16.09 -6.29
N THR I 31 -22.90 -15.17 -5.43
CA THR I 31 -22.57 -15.50 -4.05
C THR I 31 -23.72 -15.29 -3.06
N ASN I 32 -24.65 -14.42 -3.44
CA ASN I 32 -25.83 -14.10 -2.62
C ASN I 32 -25.48 -13.32 -1.35
N GLU I 33 -24.18 -13.07 -1.13
CA GLU I 33 -23.70 -12.33 0.04
C GLU I 33 -23.68 -10.83 -0.25
N THR I 34 -23.76 -10.01 0.80
CA THR I 34 -23.74 -8.55 0.65
C THR I 34 -22.46 -7.89 1.17
N TYR I 35 -21.76 -7.20 0.28
CA TYR I 35 -20.51 -6.52 0.63
C TYR I 35 -20.77 -5.03 0.82
N GLY I 36 -19.77 -4.34 1.35
CA GLY I 36 -19.89 -2.91 1.56
C GLY I 36 -19.15 -2.14 0.49
N LYS I 37 -18.05 -1.51 0.87
CA LYS I 37 -17.23 -0.74 -0.05
C LYS I 37 -16.06 -1.59 -0.49
N LEU I 38 -16.22 -2.25 -1.64
CA LEU I 38 -15.14 -3.05 -2.19
C LEU I 38 -14.08 -2.04 -2.68
N GLU I 39 -12.84 -2.21 -2.23
CA GLU I 39 -11.76 -1.30 -2.63
C GLU I 39 -10.76 -1.80 -3.67
N ALA I 40 -10.79 -1.14 -4.84
CA ALA I 40 -9.86 -1.43 -5.94
C ALA I 40 -8.46 -1.09 -5.45
N VAL I 41 -7.80 -2.09 -4.89
CA VAL I 41 -6.48 -1.89 -4.34
C VAL I 41 -5.38 -2.03 -5.37
N GLN I 42 -5.38 -3.15 -6.09
CA GLN I 42 -4.32 -3.45 -7.04
C GLN I 42 -4.85 -4.28 -8.19
N TYR I 43 -4.22 -4.14 -9.34
CA TYR I 43 -4.65 -4.92 -10.49
C TYR I 43 -3.51 -5.40 -11.41
N LYS I 44 -3.90 -6.08 -12.48
CA LYS I 44 -3.02 -6.62 -13.50
C LYS I 44 -3.84 -6.51 -14.78
N THR I 45 -3.39 -7.14 -15.86
CA THR I 45 -4.13 -7.12 -17.13
C THR I 45 -3.60 -8.18 -18.03
N GLN I 46 -4.51 -8.81 -18.77
CA GLN I 46 -4.14 -9.84 -19.75
C GLN I 46 -4.68 -9.30 -21.08
N VAL I 47 -4.04 -9.69 -22.18
CA VAL I 47 -4.52 -9.27 -23.48
C VAL I 47 -4.89 -10.53 -24.21
N VAL I 48 -6.11 -10.53 -24.70
CA VAL I 48 -6.72 -11.62 -25.44
C VAL I 48 -7.60 -10.89 -26.45
N ALA I 49 -8.58 -11.57 -27.02
CA ALA I 49 -9.53 -10.89 -27.91
C ALA I 49 -10.47 -10.04 -27.04
N GLY I 50 -9.89 -9.08 -26.34
CA GLY I 50 -10.60 -8.21 -25.43
C GLY I 50 -9.62 -7.96 -24.30
N THR I 51 -10.09 -7.89 -23.06
CA THR I 51 -9.21 -7.66 -21.91
C THR I 51 -9.70 -8.24 -20.58
N ASN I 52 -8.83 -8.99 -19.92
CA ASN I 52 -9.12 -9.61 -18.63
C ASN I 52 -8.42 -8.77 -17.56
N TYR I 53 -9.18 -8.12 -16.69
CA TYR I 53 -8.54 -7.38 -15.63
C TYR I 53 -8.60 -8.32 -14.41
N TYR I 54 -7.47 -8.48 -13.71
CA TYR I 54 -7.42 -9.28 -12.50
C TYR I 54 -7.24 -8.27 -11.38
N ILE I 55 -8.25 -8.14 -10.51
CA ILE I 55 -8.22 -7.11 -9.46
C ILE I 55 -8.20 -7.60 -8.02
N LYS I 56 -7.65 -6.78 -7.12
CA LYS I 56 -7.55 -7.08 -5.69
C LYS I 56 -8.40 -6.05 -4.95
N VAL I 57 -9.55 -6.49 -4.44
CA VAL I 57 -10.46 -5.60 -3.75
C VAL I 57 -10.47 -5.86 -2.24
N ARG I 58 -10.49 -4.78 -1.45
CA ARG I 58 -10.55 -4.88 0.00
C ARG I 58 -11.99 -4.68 0.40
N ALA I 59 -12.63 -5.78 0.84
CA ALA I 59 -14.04 -5.76 1.25
C ALA I 59 -14.25 -4.92 2.49
N GLY I 60 -14.00 -5.50 3.65
CA GLY I 60 -14.18 -4.78 4.90
C GLY I 60 -13.13 -5.18 5.93
N ASP I 61 -13.54 -6.01 6.89
CA ASP I 61 -12.65 -6.48 7.94
C ASP I 61 -11.51 -7.30 7.36
N ASN I 62 -10.48 -6.58 6.88
CA ASN I 62 -9.29 -7.17 6.30
C ASN I 62 -9.62 -8.24 5.28
N LYS I 63 -10.71 -8.05 4.55
CA LYS I 63 -11.09 -9.03 3.54
C LYS I 63 -10.51 -8.63 2.19
N TYR I 64 -9.78 -9.55 1.56
CA TYR I 64 -9.17 -9.33 0.26
C TYR I 64 -9.69 -10.35 -0.71
N MET I 65 -10.16 -9.85 -1.85
CA MET I 65 -10.76 -10.68 -2.88
C MET I 65 -10.09 -10.47 -4.23
N HIS I 66 -10.22 -11.48 -5.10
CA HIS I 66 -9.66 -11.43 -6.45
C HIS I 66 -10.71 -11.59 -7.56
N LEU I 67 -11.10 -10.47 -8.16
CA LEU I 67 -12.08 -10.50 -9.23
C LEU I 67 -11.42 -10.64 -10.60
N LYS I 68 -12.08 -11.32 -11.52
CA LYS I 68 -11.58 -11.43 -12.90
C LYS I 68 -12.59 -10.88 -13.90
N VAL I 69 -12.62 -9.57 -14.08
CA VAL I 69 -13.57 -8.94 -15.00
C VAL I 69 -13.13 -9.04 -16.47
N PHE I 70 -14.08 -9.15 -17.40
CA PHE I 70 -13.71 -9.18 -18.82
C PHE I 70 -14.22 -7.93 -19.49
N LYS I 71 -13.49 -7.49 -20.51
CA LYS I 71 -13.83 -6.27 -21.22
C LYS I 71 -13.74 -6.58 -22.71
N SER I 72 -14.87 -6.45 -23.41
CA SER I 72 -14.91 -6.77 -24.84
C SER I 72 -14.31 -5.74 -25.83
N LEU I 73 -14.04 -6.20 -27.05
CA LEU I 73 -13.48 -5.34 -28.09
C LEU I 73 -14.51 -4.30 -28.49
N PRO I 74 -14.06 -3.08 -28.82
CA PRO I 74 -14.94 -1.98 -29.22
C PRO I 74 -15.90 -2.35 -30.36
N GLY I 75 -15.54 -3.39 -31.12
CA GLY I 75 -16.40 -3.82 -32.20
C GLY I 75 -17.70 -4.36 -31.63
N GLN I 76 -17.58 -5.40 -30.83
CA GLN I 76 -18.71 -6.04 -30.16
C GLN I 76 -19.40 -5.13 -29.14
N ASN I 77 -18.61 -4.31 -28.46
CA ASN I 77 -19.12 -3.36 -27.46
C ASN I 77 -19.81 -4.03 -26.27
N GLU I 78 -19.44 -5.29 -26.00
CA GLU I 78 -20.05 -6.02 -24.90
C GLU I 78 -19.56 -5.47 -23.55
N ASP I 79 -20.45 -5.47 -22.56
CA ASP I 79 -20.15 -4.95 -21.23
C ASP I 79 -19.19 -5.83 -20.40
N LEU I 80 -18.95 -5.40 -19.17
CA LEU I 80 -18.08 -6.09 -18.23
C LEU I 80 -18.73 -7.36 -17.67
N VAL I 81 -18.03 -8.48 -17.82
CA VAL I 81 -18.55 -9.78 -17.36
C VAL I 81 -17.64 -10.50 -16.35
N LEU I 82 -18.00 -10.43 -15.07
CA LEU I 82 -17.23 -11.10 -14.02
C LEU I 82 -17.10 -12.58 -14.43
N THR I 83 -15.88 -13.02 -14.72
CA THR I 83 -15.66 -14.39 -15.15
C THR I 83 -15.02 -15.30 -14.14
N GLY I 84 -14.66 -14.73 -13.00
CA GLY I 84 -14.10 -15.56 -11.95
C GLY I 84 -13.98 -14.70 -10.71
N TYR I 85 -13.75 -15.35 -9.59
CA TYR I 85 -13.54 -14.62 -8.34
C TYR I 85 -12.94 -15.57 -7.32
N GLN I 86 -12.09 -15.01 -6.47
CA GLN I 86 -11.39 -15.77 -5.44
C GLN I 86 -11.66 -15.10 -4.11
N VAL I 87 -11.99 -15.92 -3.11
CA VAL I 87 -12.32 -15.37 -1.79
C VAL I 87 -11.32 -15.62 -0.69
N ASP I 88 -11.35 -14.70 0.29
CA ASP I 88 -10.47 -14.76 1.44
C ASP I 88 -9.03 -15.02 1.06
N LYS I 89 -8.40 -13.93 0.63
CA LYS I 89 -7.03 -13.96 0.20
C LYS I 89 -6.33 -12.95 1.05
N ASN I 90 -5.12 -13.27 1.45
CA ASN I 90 -4.31 -12.37 2.26
C ASN I 90 -3.94 -11.18 1.37
N LYS I 91 -3.66 -10.06 2.00
CA LYS I 91 -3.30 -8.83 1.28
C LYS I 91 -2.11 -8.94 0.34
N ASP I 92 -1.24 -9.91 0.59
CA ASP I 92 -0.02 -10.06 -0.21
C ASP I 92 -0.10 -11.04 -1.36
N ASP I 93 -1.15 -11.87 -1.42
CA ASP I 93 -1.30 -12.83 -2.51
C ASP I 93 -1.02 -12.20 -3.87
N GLU I 94 -0.46 -13.01 -4.76
CA GLU I 94 -0.13 -12.54 -6.09
C GLU I 94 -1.36 -12.73 -6.98
N LEU I 95 -1.72 -11.68 -7.72
CA LEU I 95 -2.81 -11.82 -8.64
C LEU I 95 -2.31 -12.86 -9.65
N THR I 96 -3.08 -13.92 -9.83
CA THR I 96 -2.71 -14.98 -10.74
C THR I 96 -3.76 -15.18 -11.82
N GLY I 97 -3.41 -15.96 -12.83
CA GLY I 97 -4.32 -16.21 -13.92
C GLY I 97 -5.26 -17.37 -13.69
N PHE I 98 -6.28 -17.14 -12.88
CA PHE I 98 -7.27 -18.19 -12.63
C PHE I 98 -8.26 -18.34 -13.79
N TYR J 1 10.37 37.20 -38.32
CA TYR J 1 9.39 37.84 -37.47
C TYR J 1 8.62 38.86 -38.29
N PRO J 2 7.52 38.41 -38.92
CA PRO J 2 6.66 39.27 -39.75
C PRO J 2 6.17 40.35 -38.83
N PRO J 3 5.88 41.54 -39.35
CA PRO J 3 5.41 42.58 -38.44
C PRO J 3 4.07 42.26 -37.75
N SER J 4 3.36 41.24 -38.24
CA SER J 4 2.08 40.80 -37.65
C SER J 4 1.95 39.29 -37.65
N MET J 5 1.35 38.73 -36.60
CA MET J 5 1.12 37.28 -36.51
C MET J 5 -0.21 37.01 -35.82
N ASP J 6 -0.88 35.94 -36.27
CA ASP J 6 -2.15 35.52 -35.68
C ASP J 6 -2.44 34.06 -35.94
N TRP J 7 -2.19 33.23 -34.93
CA TRP J 7 -2.39 31.78 -35.03
C TRP J 7 -3.80 31.32 -35.36
N ARG J 8 -4.77 32.19 -35.11
CA ARG J 8 -6.17 31.86 -35.39
C ARG J 8 -6.40 32.01 -36.87
N LYS J 9 -5.93 33.14 -37.41
CA LYS J 9 -6.08 33.43 -38.82
C LYS J 9 -5.17 32.57 -39.69
N LYS J 10 -3.97 32.28 -39.21
CA LYS J 10 -3.07 31.42 -39.98
C LYS J 10 -3.71 30.02 -40.10
N GLY J 11 -4.83 29.81 -39.41
CA GLY J 11 -5.50 28.54 -39.51
C GLY J 11 -6.34 28.12 -38.32
N ASN J 12 -6.78 26.88 -38.38
CA ASN J 12 -7.60 26.33 -37.32
C ASN J 12 -6.68 26.04 -36.13
N PHE J 13 -6.21 27.08 -35.45
CA PHE J 13 -5.25 26.88 -34.37
C PHE J 13 -5.48 27.45 -32.95
N VAL J 14 -6.65 27.98 -32.68
CA VAL J 14 -6.88 28.54 -31.37
C VAL J 14 -8.29 28.21 -30.90
N SER J 15 -8.37 27.46 -29.81
CA SER J 15 -9.63 27.04 -29.20
C SER J 15 -10.58 28.17 -28.77
N PRO J 16 -11.89 27.85 -28.61
CA PRO J 16 -12.87 28.85 -28.20
C PRO J 16 -12.60 29.33 -26.78
N VAL J 17 -12.97 30.58 -26.51
CA VAL J 17 -12.76 31.20 -25.21
C VAL J 17 -13.57 30.52 -24.11
N LYS J 18 -12.87 30.01 -23.10
CA LYS J 18 -13.53 29.35 -21.98
C LYS J 18 -13.65 30.25 -20.76
N ASN J 19 -14.81 30.20 -20.13
CA ASN J 19 -15.06 30.98 -18.93
C ASN J 19 -14.52 30.18 -17.77
N GLN J 20 -13.67 30.80 -16.96
CA GLN J 20 -13.15 30.14 -15.77
C GLN J 20 -14.09 30.58 -14.65
N GLY J 21 -14.22 29.77 -13.61
CA GLY J 21 -15.12 30.12 -12.54
C GLY J 21 -14.64 31.18 -11.57
N SER J 22 -15.02 31.01 -10.32
CA SER J 22 -14.60 31.90 -9.24
C SER J 22 -13.24 31.35 -8.79
N CYS J 23 -12.85 30.28 -9.45
CA CYS J 23 -11.61 29.57 -9.21
C CYS J 23 -10.41 30.28 -9.81
N GLY J 24 -9.31 30.25 -9.07
CA GLY J 24 -8.10 30.87 -9.54
C GLY J 24 -7.25 29.93 -10.36
N SER J 25 -7.89 29.17 -11.24
CA SER J 25 -7.20 28.23 -12.11
C SER J 25 -6.79 28.83 -13.47
N CYS J 26 -6.72 30.15 -13.55
CA CYS J 26 -6.31 30.79 -14.82
C CYS J 26 -5.12 30.08 -15.46
N TRP J 27 -4.10 29.84 -14.65
CA TRP J 27 -2.91 29.15 -15.11
C TRP J 27 -3.14 27.87 -15.93
N THR J 28 -4.22 27.14 -15.66
CA THR J 28 -4.48 25.90 -16.39
C THR J 28 -5.12 26.16 -17.76
N PHE J 29 -5.77 27.31 -17.89
CA PHE J 29 -6.40 27.65 -19.15
C PHE J 29 -5.33 28.05 -20.12
N SER J 30 -4.37 28.86 -19.63
CA SER J 30 -3.19 29.29 -20.40
C SER J 30 -2.41 28.05 -20.84
N THR J 31 -2.28 27.09 -19.94
CA THR J 31 -1.61 25.83 -20.21
C THR J 31 -2.36 25.01 -21.27
N THR J 32 -3.66 24.80 -21.08
CA THR J 32 -4.44 24.01 -22.01
C THR J 32 -4.60 24.69 -23.35
N GLY J 33 -4.70 26.02 -23.34
CA GLY J 33 -4.82 26.75 -24.57
C GLY J 33 -3.54 26.48 -25.35
N ALA J 34 -2.42 26.80 -24.70
CA ALA J 34 -1.09 26.63 -25.29
C ALA J 34 -0.91 25.25 -25.89
N LEU J 35 -1.22 24.19 -25.13
CA LEU J 35 -1.02 22.83 -25.61
C LEU J 35 -1.99 22.45 -26.73
N GLU J 36 -3.21 22.99 -26.66
CA GLU J 36 -4.18 22.62 -27.68
C GLU J 36 -3.87 23.28 -29.04
N SER J 37 -3.27 24.47 -29.00
CA SER J 37 -2.87 25.09 -30.26
C SER J 37 -1.71 24.22 -30.80
N ALA J 38 -0.83 23.86 -29.90
CA ALA J 38 0.30 23.02 -30.24
C ALA J 38 -0.12 21.75 -30.99
N VAL J 39 -0.78 20.81 -30.31
CA VAL J 39 -1.21 19.55 -30.93
C VAL J 39 -1.97 19.72 -32.27
N ALA J 40 -2.66 20.84 -32.40
CA ALA J 40 -3.42 21.13 -33.60
C ALA J 40 -2.43 21.53 -34.69
N ILE J 41 -1.49 22.39 -34.33
CA ILE J 41 -0.45 22.83 -35.25
C ILE J 41 0.37 21.61 -35.74
N ALA J 42 0.60 20.67 -34.84
CA ALA J 42 1.37 19.48 -35.17
C ALA J 42 0.61 18.39 -35.92
N THR J 43 -0.72 18.39 -35.87
CA THR J 43 -1.45 17.32 -36.55
C THR J 43 -2.83 17.62 -37.05
N GLY J 44 -3.22 18.89 -37.01
CA GLY J 44 -4.57 19.26 -37.45
C GLY J 44 -5.71 19.01 -36.47
N LYS J 45 -5.59 17.98 -35.64
CA LYS J 45 -6.62 17.66 -34.68
C LYS J 45 -6.82 18.79 -33.67
N MET J 46 -8.01 19.35 -33.68
CA MET J 46 -8.35 20.37 -32.71
C MET J 46 -8.84 19.57 -31.50
N LEU J 47 -8.51 20.03 -30.30
CA LEU J 47 -8.90 19.35 -29.07
C LEU J 47 -9.21 20.38 -27.99
N SER J 48 -9.85 19.92 -26.92
CA SER J 48 -10.18 20.77 -25.77
C SER J 48 -9.66 19.93 -24.61
N LEU J 49 -8.77 20.50 -23.80
CA LEU J 49 -8.17 19.73 -22.70
C LEU J 49 -8.73 20.02 -21.31
N ALA J 50 -8.86 18.97 -20.52
CA ALA J 50 -9.39 19.08 -19.14
C ALA J 50 -8.58 19.90 -18.14
N GLU J 51 -8.96 21.16 -17.94
CA GLU J 51 -8.29 22.04 -16.99
C GLU J 51 -8.31 21.45 -15.56
N GLN J 52 -9.45 20.92 -15.12
CA GLN J 52 -9.56 20.35 -13.78
C GLN J 52 -8.45 19.38 -13.44
N GLN J 53 -7.99 18.59 -14.43
CA GLN J 53 -6.90 17.66 -14.17
C GLN J 53 -5.74 18.44 -13.55
N LEU J 54 -5.37 19.54 -14.18
CA LEU J 54 -4.29 20.37 -13.66
C LEU J 54 -4.63 20.82 -12.23
N VAL J 55 -5.89 21.19 -12.03
CA VAL J 55 -6.40 21.63 -10.72
C VAL J 55 -6.26 20.49 -9.68
N ASP J 56 -6.66 19.29 -10.02
CA ASP J 56 -6.62 18.20 -9.03
C ASP J 56 -5.33 17.40 -9.01
N CYS J 57 -4.37 17.72 -9.88
CA CYS J 57 -3.18 16.89 -9.93
C CYS J 57 -1.79 17.48 -10.10
N ALA J 58 -1.70 18.76 -10.44
CA ALA J 58 -0.38 19.35 -10.65
C ALA J 58 0.21 19.95 -9.37
N GLN J 59 -0.28 19.51 -8.22
CA GLN J 59 0.18 20.02 -6.91
C GLN J 59 1.67 19.72 -6.71
N ASN J 60 2.04 18.53 -7.18
CA ASN J 60 3.41 18.04 -7.12
C ASN J 60 4.41 18.90 -7.88
N PHE J 61 3.96 19.57 -8.94
CA PHE J 61 4.86 20.44 -9.66
C PHE J 61 4.71 21.86 -9.18
N ASN J 62 4.63 22.01 -7.86
CA ASN J 62 4.51 23.32 -7.20
C ASN J 62 3.26 24.03 -7.64
N ASN J 63 2.26 23.26 -8.08
CA ASN J 63 1.01 23.91 -8.42
C ASN J 63 0.01 23.83 -7.29
N HIS J 64 -0.82 24.86 -7.18
CA HIS J 64 -1.78 24.94 -6.10
C HIS J 64 -3.29 25.02 -6.50
N GLY J 65 -3.76 24.09 -7.33
CA GLY J 65 -5.17 24.08 -7.75
C GLY J 65 -5.83 25.46 -7.84
N CYS J 66 -7.09 25.58 -7.41
CA CYS J 66 -7.84 26.83 -7.50
C CYS J 66 -7.15 28.00 -6.81
N GLN J 67 -6.04 27.76 -6.11
CA GLN J 67 -5.32 28.84 -5.44
C GLN J 67 -4.03 29.28 -6.15
N GLY J 68 -3.92 29.03 -7.44
CA GLY J 68 -2.73 29.49 -8.15
C GLY J 68 -1.95 28.48 -8.94
N GLY J 69 -1.15 28.99 -9.86
CA GLY J 69 -0.31 28.15 -10.70
C GLY J 69 0.49 28.96 -11.70
N LEU J 70 1.13 28.26 -12.62
CA LEU J 70 1.96 28.85 -13.69
C LEU J 70 2.11 27.77 -14.80
N PRO J 71 1.84 28.16 -16.06
CA PRO J 71 1.94 27.21 -17.20
C PRO J 71 3.20 26.37 -17.28
N SER J 72 4.36 26.97 -16.99
CA SER J 72 5.65 26.26 -17.06
C SER J 72 5.61 24.95 -16.29
N GLN J 73 5.22 25.06 -15.01
CA GLN J 73 5.07 23.91 -14.12
C GLN J 73 4.01 22.89 -14.58
N ALA J 74 2.85 23.37 -15.04
CA ALA J 74 1.78 22.48 -15.53
C ALA J 74 2.28 21.70 -16.75
N PHE J 75 3.10 22.36 -17.58
CA PHE J 75 3.65 21.69 -18.76
C PHE J 75 4.50 20.49 -18.29
N GLU J 76 5.32 20.71 -17.26
CA GLU J 76 6.16 19.65 -16.71
C GLU J 76 5.31 18.55 -16.10
N TYR J 77 4.27 18.96 -15.38
CA TYR J 77 3.33 18.00 -14.81
C TYR J 77 2.80 17.09 -15.91
N ILE J 78 2.46 17.66 -17.06
CA ILE J 78 1.88 16.86 -18.13
C ILE J 78 2.90 15.93 -18.79
N ARG J 79 4.09 16.49 -19.08
CA ARG J 79 5.17 15.71 -19.67
C ARG J 79 5.45 14.56 -18.73
N TYR J 80 5.53 14.87 -17.43
CA TYR J 80 5.84 13.83 -16.43
C TYR J 80 4.68 12.95 -16.08
N ASN J 81 3.47 13.51 -16.12
CA ASN J 81 2.28 12.72 -15.80
C ASN J 81 2.07 11.77 -16.96
N LYS J 82 2.67 12.12 -18.09
CA LYS J 82 2.56 11.33 -19.30
C LYS J 82 1.14 11.37 -19.80
N GLY J 83 0.54 12.57 -19.76
CA GLY J 83 -0.81 12.73 -20.28
C GLY J 83 -1.83 13.60 -19.55
N ILE J 84 -2.65 14.26 -20.35
CA ILE J 84 -3.75 15.07 -19.85
C ILE J 84 -4.93 14.62 -20.69
N MET J 85 -6.12 14.68 -20.11
CA MET J 85 -7.30 14.23 -20.84
C MET J 85 -8.21 15.34 -21.31
N GLY J 86 -9.16 14.97 -22.16
CA GLY J 86 -10.08 15.94 -22.70
C GLY J 86 -11.09 16.47 -21.70
N GLU J 87 -11.73 17.58 -22.05
CA GLU J 87 -12.73 18.15 -21.18
C GLU J 87 -14.03 17.35 -21.18
N ASP J 88 -14.12 16.35 -22.05
CA ASP J 88 -15.28 15.48 -22.08
C ASP J 88 -15.25 14.41 -21.00
N THR J 89 -14.06 13.87 -20.70
CA THR J 89 -13.92 12.83 -19.67
C THR J 89 -13.53 13.35 -18.30
N TYR J 90 -13.31 14.65 -18.18
CA TYR J 90 -12.88 15.26 -16.90
C TYR J 90 -13.43 16.68 -16.90
N PRO J 91 -14.72 16.80 -16.63
CA PRO J 91 -15.50 18.04 -16.57
C PRO J 91 -14.99 19.08 -15.63
N TYR J 92 -14.91 20.30 -16.12
CA TYR J 92 -14.45 21.37 -15.27
C TYR J 92 -15.47 21.65 -14.20
N LYS J 93 -15.10 21.37 -12.97
CA LYS J 93 -15.96 21.67 -11.84
C LYS J 93 -15.45 22.94 -11.22
N GLY J 94 -14.22 23.33 -11.58
CA GLY J 94 -13.64 24.57 -11.09
C GLY J 94 -13.55 24.72 -9.58
N GLN J 95 -13.08 23.66 -8.93
CA GLN J 95 -12.94 23.62 -7.48
C GLN J 95 -11.97 22.48 -7.20
N ASP J 96 -11.25 22.60 -6.10
CA ASP J 96 -10.30 21.55 -5.77
C ASP J 96 -11.09 20.27 -5.66
N ASP J 97 -10.52 19.20 -6.21
CA ASP J 97 -11.14 17.88 -6.22
C ASP J 97 -10.03 16.88 -6.07
N HIS J 98 -10.42 15.63 -5.87
CA HIS J 98 -9.46 14.56 -5.74
C HIS J 98 -9.01 14.29 -7.15
N CYS J 99 -7.73 14.01 -7.33
CA CYS J 99 -7.25 13.74 -8.66
C CYS J 99 -7.89 12.50 -9.26
N LYS J 100 -8.65 12.74 -10.32
CA LYS J 100 -9.33 11.70 -11.04
C LYS J 100 -8.56 11.27 -12.29
N PHE J 101 -7.31 11.69 -12.44
CA PHE J 101 -6.55 11.31 -13.65
C PHE J 101 -6.71 9.85 -13.99
N GLN J 102 -6.69 9.56 -15.28
CA GLN J 102 -6.88 8.21 -15.76
C GLN J 102 -5.97 8.00 -16.96
N PRO J 103 -4.86 7.27 -16.77
CA PRO J 103 -3.87 6.98 -17.81
C PRO J 103 -4.48 6.83 -19.20
N ASP J 104 -5.25 5.77 -19.38
CA ASP J 104 -5.83 5.45 -20.68
C ASP J 104 -6.80 6.48 -21.25
N LYS J 105 -6.98 7.59 -20.54
CA LYS J 105 -7.88 8.65 -20.98
C LYS J 105 -7.11 9.89 -21.43
N ALA J 106 -5.79 9.75 -21.59
CA ALA J 106 -4.97 10.89 -22.00
C ALA J 106 -5.03 11.06 -23.51
N ILE J 107 -5.24 12.29 -23.95
CA ILE J 107 -5.35 12.59 -25.36
C ILE J 107 -4.19 13.47 -25.88
N ALA J 108 -3.93 14.58 -25.20
CA ALA J 108 -2.85 15.48 -25.57
C ALA J 108 -1.63 15.10 -24.70
N PHE J 109 -0.45 15.60 -25.04
CA PHE J 109 0.78 15.26 -24.32
C PHE J 109 1.83 16.33 -24.47
N VAL J 110 3.00 16.09 -23.89
CA VAL J 110 4.11 17.03 -23.99
C VAL J 110 5.45 16.33 -24.02
N LYS J 111 6.33 16.83 -24.87
CA LYS J 111 7.68 16.26 -25.04
C LYS J 111 8.72 16.98 -24.21
N ASP J 112 8.61 18.30 -24.20
CA ASP J 112 9.55 19.15 -23.50
C ASP J 112 8.82 20.46 -23.33
N VAL J 113 9.50 21.43 -22.72
CA VAL J 113 8.90 22.72 -22.45
C VAL J 113 9.90 23.85 -22.67
N ALA J 114 9.48 24.87 -23.40
CA ALA J 114 10.37 25.99 -23.66
C ALA J 114 10.02 27.12 -22.72
N ASN J 115 11.04 27.71 -22.15
CA ASN J 115 10.84 28.80 -21.22
C ASN J 115 11.50 30.05 -21.74
N ILE J 116 10.68 31.01 -22.14
CA ILE J 116 11.19 32.26 -22.66
C ILE J 116 11.91 33.00 -21.54
N THR J 117 13.22 33.18 -21.71
CA THR J 117 14.07 33.85 -20.73
C THR J 117 13.38 35.03 -20.08
N MET J 118 13.47 35.08 -18.75
CA MET J 118 12.84 36.13 -17.96
C MET J 118 13.05 37.54 -18.53
N ASN J 119 11.93 38.24 -18.72
CA ASN J 119 11.90 39.61 -19.24
C ASN J 119 12.24 39.80 -20.72
N ASP J 120 12.53 38.71 -21.43
CA ASP J 120 12.85 38.79 -22.85
C ASP J 120 11.57 38.73 -23.69
N GLU J 121 11.02 39.91 -23.97
CA GLU J 121 9.80 40.03 -24.75
C GLU J 121 9.98 39.61 -26.22
N GLU J 122 11.14 39.95 -26.79
CA GLU J 122 11.44 39.61 -28.17
C GLU J 122 11.43 38.10 -28.41
N ALA J 123 11.99 37.35 -27.45
CA ALA J 123 12.02 35.90 -27.55
C ALA J 123 10.59 35.38 -27.60
N MET J 124 9.70 36.06 -26.88
CA MET J 124 8.29 35.71 -26.87
C MET J 124 7.80 35.90 -28.30
N VAL J 125 8.00 37.12 -28.81
CA VAL J 125 7.61 37.48 -30.17
C VAL J 125 8.12 36.43 -31.16
N GLU J 126 9.36 35.99 -30.96
CA GLU J 126 9.97 34.98 -31.81
C GLU J 126 9.12 33.71 -31.76
N ALA J 127 8.84 33.27 -30.54
CA ALA J 127 8.05 32.07 -30.30
C ALA J 127 6.67 32.13 -30.97
N VAL J 128 5.97 33.25 -30.80
CA VAL J 128 4.65 33.43 -31.40
C VAL J 128 4.78 33.33 -32.91
N ALA J 129 5.57 34.24 -33.46
CA ALA J 129 5.81 34.31 -34.90
C ALA J 129 6.24 33.00 -35.56
N LEU J 130 7.00 32.17 -34.85
CA LEU J 130 7.53 30.94 -35.44
C LEU J 130 7.03 29.56 -35.02
N TYR J 131 6.72 29.35 -33.75
CA TYR J 131 6.37 28.01 -33.29
C TYR J 131 5.03 27.69 -32.63
N ASN J 132 4.51 28.58 -31.79
CA ASN J 132 3.26 28.28 -31.08
C ASN J 132 2.83 29.50 -30.26
N PRO J 133 1.55 29.57 -29.86
CA PRO J 133 1.13 30.72 -29.06
C PRO J 133 1.87 30.62 -27.71
N VAL J 134 2.13 31.75 -27.06
CA VAL J 134 2.88 31.73 -25.82
C VAL J 134 2.13 31.88 -24.50
N SER J 135 2.34 30.92 -23.60
CA SER J 135 1.75 30.96 -22.27
C SER J 135 2.53 31.98 -21.46
N PHE J 136 1.88 33.04 -21.03
CA PHE J 136 2.55 34.06 -20.24
C PHE J 136 1.67 34.50 -19.07
N ALA J 137 2.21 35.34 -18.20
CA ALA J 137 1.48 35.82 -17.05
C ALA J 137 1.83 37.29 -16.84
N PHE J 138 0.91 38.03 -16.24
CA PHE J 138 1.13 39.45 -16.00
C PHE J 138 0.28 39.94 -14.83
N GLU J 139 0.50 41.18 -14.44
CA GLU J 139 -0.22 41.79 -13.34
C GLU J 139 -1.49 42.48 -13.80
N VAL J 140 -2.63 41.89 -13.45
CA VAL J 140 -3.91 42.47 -13.79
C VAL J 140 -4.26 43.53 -12.75
N THR J 141 -4.77 44.66 -13.21
CA THR J 141 -5.15 45.75 -12.32
C THR J 141 -6.66 45.96 -12.39
N ASN J 142 -7.23 46.56 -11.36
CA ASN J 142 -8.67 46.78 -11.29
C ASN J 142 -9.33 47.53 -12.45
N ASP J 143 -8.54 48.28 -13.23
CA ASP J 143 -9.12 48.98 -14.37
C ASP J 143 -9.26 48.01 -15.53
N PHE J 144 -8.30 47.08 -15.62
CA PHE J 144 -8.27 46.06 -16.67
C PHE J 144 -9.53 45.20 -16.69
N LEU J 145 -10.24 45.15 -15.57
CA LEU J 145 -11.47 44.38 -15.47
C LEU J 145 -12.53 45.00 -16.38
N MET J 146 -12.47 46.33 -16.52
CA MET J 146 -13.41 47.08 -17.34
C MET J 146 -12.99 47.13 -18.81
N TYR J 147 -11.96 46.36 -19.18
CA TYR J 147 -11.49 46.37 -20.56
C TYR J 147 -12.56 45.92 -21.55
N ARG J 148 -12.84 46.77 -22.53
CA ARG J 148 -13.83 46.48 -23.55
C ARG J 148 -13.22 46.27 -24.93
N LYS J 149 -12.39 47.22 -25.37
CA LYS J 149 -11.78 47.14 -26.68
C LYS J 149 -10.51 47.98 -26.81
N GLY J 150 -9.61 47.53 -27.68
CA GLY J 150 -8.39 48.28 -27.92
C GLY J 150 -7.11 47.79 -27.29
N ILE J 151 -6.07 48.60 -27.40
CA ILE J 151 -4.75 48.30 -26.87
C ILE J 151 -4.64 48.75 -25.42
N TYR J 152 -4.58 47.76 -24.52
CA TYR J 152 -4.49 48.03 -23.10
C TYR J 152 -3.10 48.45 -22.62
N SER J 153 -3.08 49.39 -21.69
CA SER J 153 -1.84 49.88 -21.10
C SER J 153 -2.17 50.40 -19.71
N SER J 154 -1.42 49.96 -18.71
CA SER J 154 -1.66 50.39 -17.34
C SER J 154 -0.70 51.47 -16.90
N THR J 155 -1.22 52.69 -16.73
CA THR J 155 -0.46 53.85 -16.30
C THR J 155 0.09 53.68 -14.87
N SER J 156 -0.29 52.60 -14.20
CA SER J 156 0.16 52.38 -12.83
C SER J 156 0.42 50.94 -12.41
N CYS J 157 0.40 49.99 -13.35
CA CYS J 157 0.69 48.62 -12.96
C CYS J 157 2.17 48.51 -12.68
N HIS J 158 2.52 47.68 -11.71
CA HIS J 158 3.90 47.49 -11.29
C HIS J 158 4.70 46.69 -12.30
N LYS J 159 5.98 47.05 -12.43
CA LYS J 159 6.87 46.35 -13.34
C LYS J 159 7.05 44.89 -12.92
N THR J 160 7.66 44.10 -13.81
CA THR J 160 7.90 42.68 -13.63
C THR J 160 8.03 42.09 -12.21
N PRO J 161 8.97 42.60 -11.39
CA PRO J 161 9.22 42.15 -10.02
C PRO J 161 8.27 41.20 -9.28
N ASP J 162 6.99 41.55 -9.11
CA ASP J 162 6.18 40.62 -8.33
C ASP J 162 4.71 40.44 -8.72
N LYS J 163 3.94 41.52 -8.64
CA LYS J 163 2.50 41.52 -8.87
C LYS J 163 1.91 40.93 -10.17
N VAL J 164 2.48 39.84 -10.66
CA VAL J 164 1.94 39.18 -11.85
C VAL J 164 0.84 38.22 -11.37
N ASN J 165 -0.41 38.68 -11.40
CA ASN J 165 -1.52 37.87 -10.92
C ASN J 165 -2.58 37.43 -11.91
N HIS J 166 -2.14 36.96 -13.08
CA HIS J 166 -3.05 36.44 -14.11
C HIS J 166 -2.29 35.88 -15.30
N ALA J 167 -2.41 34.57 -15.50
CA ALA J 167 -1.74 33.92 -16.63
C ALA J 167 -2.67 33.83 -17.83
N VAL J 168 -2.20 34.38 -18.95
CA VAL J 168 -2.98 34.35 -20.19
C VAL J 168 -2.22 33.64 -21.30
N LEU J 169 -2.61 33.87 -22.55
CA LEU J 169 -1.95 33.23 -23.68
C LEU J 169 -1.90 34.14 -24.90
N ALA J 170 -0.69 34.36 -25.40
CA ALA J 170 -0.46 35.19 -26.57
C ALA J 170 -0.62 34.38 -27.85
N VAL J 171 -1.59 34.75 -28.66
CA VAL J 171 -1.85 34.05 -29.92
C VAL J 171 -1.27 34.78 -31.12
N GLY J 172 -0.95 36.05 -30.95
CA GLY J 172 -0.40 36.83 -32.05
C GLY J 172 0.03 38.22 -31.64
N TYR J 173 0.39 39.04 -32.63
CA TYR J 173 0.82 40.41 -32.38
C TYR J 173 0.59 41.22 -33.65
N GLY J 174 0.58 42.55 -33.55
CA GLY J 174 0.36 43.38 -34.71
C GLY J 174 0.62 44.86 -34.48
N GLU J 175 0.34 45.67 -35.50
CA GLU J 175 0.55 47.11 -35.40
C GLU J 175 -0.67 47.92 -35.83
N GLU J 176 -1.37 48.47 -34.84
CA GLU J 176 -2.54 49.30 -35.08
C GLU J 176 -2.02 50.75 -35.09
N ASN J 177 -1.56 51.17 -36.27
CA ASN J 177 -1.00 52.51 -36.52
C ASN J 177 0.17 52.94 -35.61
N GLY J 178 1.31 52.28 -35.77
CA GLY J 178 2.47 52.63 -34.97
C GLY J 178 2.56 51.92 -33.65
N ILE J 179 1.54 52.07 -32.80
CA ILE J 179 1.54 51.41 -31.50
C ILE J 179 1.56 49.89 -31.68
N PRO J 180 2.53 49.21 -31.06
CA PRO J 180 2.58 47.76 -31.20
C PRO J 180 1.81 47.11 -30.04
N TYR J 181 1.22 45.95 -30.29
CA TYR J 181 0.45 45.25 -29.25
C TYR J 181 0.49 43.74 -29.44
N TRP J 182 0.01 43.01 -28.44
CA TRP J 182 -0.09 41.56 -28.49
C TRP J 182 -1.56 41.20 -28.67
N ILE J 183 -1.82 39.94 -28.97
CA ILE J 183 -3.19 39.46 -29.13
C ILE J 183 -3.32 38.32 -28.12
N VAL J 184 -4.12 38.55 -27.07
CA VAL J 184 -4.26 37.58 -25.99
C VAL J 184 -5.62 36.89 -25.83
N LYS J 185 -5.59 35.57 -25.74
CA LYS J 185 -6.81 34.79 -25.51
C LYS J 185 -6.97 34.61 -24.00
N ASN J 186 -8.03 35.19 -23.44
CA ASN J 186 -8.28 35.09 -22.01
C ASN J 186 -9.18 33.89 -21.73
N SER J 187 -9.54 33.69 -20.47
CA SER J 187 -10.42 32.60 -20.06
C SER J 187 -11.49 33.13 -19.10
N TRP J 188 -12.34 34.03 -19.59
CA TRP J 188 -13.40 34.65 -18.80
C TRP J 188 -14.71 34.68 -19.59
N GLY J 189 -14.90 33.69 -20.45
CA GLY J 189 -16.10 33.68 -21.29
C GLY J 189 -15.94 34.65 -22.44
N PRO J 190 -16.66 34.44 -23.55
CA PRO J 190 -16.57 35.31 -24.73
C PRO J 190 -17.32 36.64 -24.69
N GLN J 191 -17.84 37.04 -23.54
CA GLN J 191 -18.58 38.30 -23.42
C GLN J 191 -17.69 39.44 -22.93
N TRP J 192 -16.56 39.08 -22.32
CA TRP J 192 -15.62 40.06 -21.81
C TRP J 192 -14.71 40.57 -22.93
N GLY J 193 -14.47 41.89 -22.91
CA GLY J 193 -13.62 42.50 -23.91
C GLY J 193 -13.98 42.19 -25.36
N MET J 194 -12.98 41.78 -26.12
CA MET J 194 -13.16 41.48 -27.54
C MET J 194 -13.43 39.99 -27.76
N ASN J 195 -14.65 39.55 -27.44
CA ASN J 195 -15.05 38.16 -27.61
C ASN J 195 -14.12 37.20 -26.87
N GLY J 196 -13.61 37.66 -25.73
CA GLY J 196 -12.71 36.86 -24.94
C GLY J 196 -11.26 37.21 -25.19
N TYR J 197 -11.02 38.34 -25.83
CA TYR J 197 -9.67 38.79 -26.14
C TYR J 197 -9.40 40.23 -25.76
N PHE J 198 -8.12 40.55 -25.63
CA PHE J 198 -7.68 41.89 -25.33
C PHE J 198 -6.36 42.18 -26.02
N LEU J 199 -6.08 43.46 -26.21
CA LEU J 199 -4.82 43.90 -26.81
C LEU J 199 -4.11 44.56 -25.67
N ILE J 200 -2.78 44.56 -25.71
CA ILE J 200 -1.99 45.17 -24.65
C ILE J 200 -0.69 45.66 -25.26
N GLU J 201 -0.35 46.90 -24.95
CA GLU J 201 0.86 47.55 -25.47
C GLU J 201 2.03 46.57 -25.44
N ARG J 202 2.67 46.43 -26.59
CA ARG J 202 3.80 45.52 -26.75
C ARG J 202 5.06 46.36 -26.80
N GLY J 203 6.13 45.87 -26.20
CA GLY J 203 7.38 46.59 -26.20
C GLY J 203 7.91 46.96 -24.82
N LYS J 204 7.06 47.52 -23.96
CA LYS J 204 7.50 47.93 -22.63
C LYS J 204 7.33 46.81 -21.59
N ASN J 205 7.25 45.57 -22.05
CA ASN J 205 7.05 44.44 -21.13
C ASN J 205 5.84 44.83 -20.28
N MET J 206 4.76 45.20 -20.96
CA MET J 206 3.55 45.68 -20.30
C MET J 206 3.07 44.80 -19.15
N CYS J 207 2.78 45.45 -18.01
CA CYS J 207 2.33 44.78 -16.79
C CYS J 207 3.02 43.45 -16.46
N GLY J 208 4.34 43.39 -16.69
CA GLY J 208 5.23 42.27 -16.44
C GLY J 208 5.02 41.13 -17.43
N LEU J 209 4.70 41.51 -18.66
CA LEU J 209 4.43 40.60 -19.77
C LEU J 209 5.38 39.41 -19.94
N ALA J 210 6.67 39.68 -19.95
CA ALA J 210 7.68 38.64 -20.16
C ALA J 210 8.31 38.03 -18.90
N ALA J 211 7.80 38.39 -17.73
CA ALA J 211 8.31 37.89 -16.46
C ALA J 211 8.50 36.37 -16.44
N CYS J 212 7.43 35.65 -16.79
CA CYS J 212 7.47 34.19 -16.82
C CYS J 212 6.63 33.63 -17.96
N ALA J 213 7.27 33.40 -19.11
CA ALA J 213 6.58 32.89 -20.29
C ALA J 213 7.15 31.57 -20.79
N SER J 214 6.27 30.74 -21.36
CA SER J 214 6.68 29.43 -21.87
C SER J 214 5.70 28.84 -22.88
N TYR J 215 6.09 27.73 -23.50
CA TYR J 215 5.24 27.04 -24.46
C TYR J 215 5.64 25.57 -24.56
N PRO J 216 4.71 24.70 -24.98
CA PRO J 216 5.08 23.29 -25.06
C PRO J 216 5.46 22.73 -26.43
N ILE J 217 6.20 21.63 -26.37
CA ILE J 217 6.62 20.88 -27.55
C ILE J 217 5.86 19.56 -27.43
N PRO J 218 4.75 19.43 -28.17
CA PRO J 218 3.89 18.24 -28.18
C PRO J 218 4.57 16.92 -28.52
N LEU J 219 4.03 15.84 -27.98
CA LEU J 219 4.55 14.50 -28.22
C LEU J 219 3.62 13.76 -29.19
N VAL J 220 3.43 14.35 -30.37
CA VAL J 220 2.58 13.76 -31.39
C VAL J 220 3.24 12.54 -32.01
N GLU K 1 16.76 27.75 -16.69
CA GLU K 1 16.47 27.95 -15.23
C GLU K 1 14.97 27.93 -15.00
N PRO K 2 14.57 27.53 -13.78
CA PRO K 2 13.15 27.45 -13.39
C PRO K 2 12.50 28.82 -13.28
N GLN K 3 11.29 28.92 -13.83
CA GLN K 3 10.49 30.14 -13.84
C GLN K 3 10.21 30.62 -12.42
N ASN K 4 10.47 31.91 -12.15
CA ASN K 4 10.25 32.47 -10.83
C ASN K 4 9.04 33.41 -10.77
N CYS K 5 7.88 32.82 -10.50
CA CYS K 5 6.61 33.51 -10.37
C CYS K 5 5.76 32.60 -9.50
N SER K 6 5.88 31.31 -9.81
CA SER K 6 5.18 30.24 -9.11
C SER K 6 6.21 29.54 -8.23
N ALA K 7 6.11 29.77 -6.93
CA ALA K 7 7.02 29.17 -5.95
C ALA K 7 6.35 29.16 -4.58
N THR K 8 7.06 28.63 -3.58
CA THR K 8 6.53 28.55 -2.23
C THR K 8 7.61 28.85 -1.18
N MET L 1 3.90 36.46 -5.14
CA MET L 1 2.65 36.08 -5.79
C MET L 1 2.85 34.89 -6.72
N ILE L 2 1.79 34.55 -7.45
CA ILE L 2 1.72 33.46 -8.44
C ILE L 2 0.41 33.71 -9.18
N PRO L 3 0.30 33.26 -10.44
CA PRO L 3 -0.96 33.49 -11.15
C PRO L 3 -2.05 32.62 -10.56
N GLY L 4 -3.08 33.29 -10.03
CA GLY L 4 -4.23 32.60 -9.43
C GLY L 4 -4.14 32.43 -7.93
N GLY L 5 -3.08 33.00 -7.34
CA GLY L 5 -2.88 32.93 -5.92
C GLY L 5 -3.46 34.16 -5.25
N LEU L 6 -3.51 34.15 -3.92
CA LEU L 6 -4.06 35.29 -3.20
C LEU L 6 -2.97 36.33 -3.15
N SER L 7 -3.36 37.58 -2.93
CA SER L 7 -2.41 38.67 -2.86
C SER L 7 -1.81 38.76 -1.46
N GLU L 8 -0.97 39.78 -1.30
CA GLU L 8 -0.36 40.08 -0.03
C GLU L 8 -1.53 40.75 0.69
N ALA L 9 -1.73 40.43 1.97
CA ALA L 9 -2.81 41.02 2.77
C ALA L 9 -2.65 42.54 2.84
N LYS L 10 -3.73 43.25 3.14
CA LYS L 10 -3.68 44.70 3.20
C LYS L 10 -4.66 45.24 4.25
N PRO L 11 -4.44 46.47 4.71
CA PRO L 11 -5.39 46.97 5.69
C PRO L 11 -6.70 47.19 4.98
N ALA L 12 -7.78 47.34 5.74
CA ALA L 12 -9.07 47.55 5.11
C ALA L 12 -9.25 48.95 4.57
N THR L 13 -10.11 49.04 3.57
CA THR L 13 -10.48 50.30 2.96
C THR L 13 -12.00 50.26 3.07
N PRO L 14 -12.65 51.44 3.22
CA PRO L 14 -14.11 51.46 3.32
C PRO L 14 -14.76 50.73 2.15
N GLU L 15 -13.96 50.48 1.12
CA GLU L 15 -14.38 49.77 -0.07
C GLU L 15 -14.59 48.35 0.40
N ILE L 16 -13.59 47.83 1.12
CA ILE L 16 -13.65 46.49 1.67
C ILE L 16 -14.79 46.46 2.66
N GLN L 17 -14.82 47.46 3.54
CA GLN L 17 -15.86 47.54 4.55
C GLN L 17 -17.20 47.48 3.83
N GLU L 18 -17.29 48.24 2.74
CA GLU L 18 -18.50 48.31 1.91
C GLU L 18 -18.94 46.91 1.53
N ILE L 19 -17.97 46.10 1.10
CA ILE L 19 -18.23 44.72 0.73
C ILE L 19 -18.75 43.93 1.94
N VAL L 20 -18.13 44.17 3.09
CA VAL L 20 -18.52 43.48 4.31
C VAL L 20 -19.95 43.81 4.73
N ASP L 21 -20.30 45.10 4.75
CA ASP L 21 -21.66 45.51 5.10
C ASP L 21 -22.70 44.86 4.21
N LYS L 22 -22.62 45.17 2.93
CA LYS L 22 -23.53 44.67 1.90
C LYS L 22 -23.81 43.18 1.95
N VAL L 23 -22.80 42.37 2.22
CA VAL L 23 -23.01 40.94 2.23
C VAL L 23 -23.36 40.37 3.60
N LYS L 24 -23.44 41.24 4.62
CA LYS L 24 -23.82 40.85 5.97
C LYS L 24 -25.15 40.08 5.94
N PRO L 25 -26.20 40.64 5.32
CA PRO L 25 -27.51 39.98 5.22
C PRO L 25 -27.37 38.56 4.70
N GLN L 26 -26.56 38.41 3.66
CA GLN L 26 -26.30 37.12 3.02
C GLN L 26 -25.65 36.15 4.01
N LEU L 27 -24.81 36.70 4.89
CA LEU L 27 -24.18 35.87 5.89
C LEU L 27 -25.31 35.52 6.86
N GLU L 28 -26.01 36.56 7.34
CA GLU L 28 -27.11 36.41 8.30
C GLU L 28 -28.18 35.40 7.85
N GLU L 29 -28.23 35.12 6.55
CA GLU L 29 -29.23 34.19 6.01
C GLU L 29 -28.80 32.72 6.05
N LYS L 30 -27.50 32.47 6.13
CA LYS L 30 -27.00 31.11 6.18
C LYS L 30 -26.66 30.70 7.61
N THR L 31 -26.06 31.65 8.33
CA THR L 31 -25.63 31.42 9.69
C THR L 31 -26.73 31.56 10.77
N ASN L 32 -27.73 32.40 10.49
CA ASN L 32 -28.85 32.64 11.42
C ASN L 32 -28.52 33.55 12.61
N GLU L 33 -27.23 33.72 12.88
CA GLU L 33 -26.78 34.60 13.97
C GLU L 33 -27.09 36.07 13.66
N THR L 34 -27.08 36.90 14.69
CA THR L 34 -27.35 38.32 14.51
C THR L 34 -26.17 39.18 14.95
N TYR L 35 -25.26 39.45 14.02
CA TYR L 35 -24.10 40.28 14.32
C TYR L 35 -24.53 41.75 14.31
N GLY L 36 -23.57 42.66 14.44
CA GLY L 36 -23.90 44.07 14.45
C GLY L 36 -22.75 44.97 14.06
N LYS L 37 -21.65 44.83 14.79
CA LYS L 37 -20.46 45.65 14.53
C LYS L 37 -19.44 44.88 13.69
N LEU L 38 -19.79 44.54 12.44
CA LEU L 38 -18.83 43.84 11.58
C LEU L 38 -17.77 44.84 11.06
N GLU L 39 -16.68 44.97 11.81
CA GLU L 39 -15.61 45.89 11.46
C GLU L 39 -14.59 45.27 10.50
N ALA L 40 -14.73 45.60 9.22
CA ALA L 40 -13.83 45.08 8.19
C ALA L 40 -12.37 45.49 8.45
N VAL L 41 -11.46 44.52 8.41
CA VAL L 41 -10.04 44.80 8.65
C VAL L 41 -9.10 44.29 7.52
N GLN L 42 -8.10 43.49 7.87
CA GLN L 42 -7.14 42.93 6.91
C GLN L 42 -7.86 42.21 5.76
N TYR L 43 -7.34 42.34 4.54
CA TYR L 43 -7.91 41.67 3.38
C TYR L 43 -6.84 41.28 2.34
N LYS L 44 -7.17 40.31 1.51
CA LYS L 44 -6.29 39.85 0.45
C LYS L 44 -7.19 39.65 -0.73
N THR L 45 -6.64 39.88 -1.91
CA THR L 45 -7.40 39.77 -3.14
C THR L 45 -6.91 38.57 -3.89
N GLN L 46 -7.74 38.09 -4.81
CA GLN L 46 -7.41 36.99 -5.72
C GLN L 46 -8.07 37.37 -7.04
N VAL L 47 -7.40 37.07 -8.15
CA VAL L 47 -7.96 37.41 -9.44
C VAL L 47 -8.41 36.17 -10.18
N VAL L 48 -9.69 36.14 -10.49
CA VAL L 48 -10.33 35.03 -11.22
C VAL L 48 -11.16 35.70 -12.36
N ALA L 49 -12.20 35.03 -12.84
CA ALA L 49 -13.07 35.66 -13.82
C ALA L 49 -13.92 36.65 -13.02
N GLY L 50 -13.25 37.60 -12.41
CA GLY L 50 -13.89 38.57 -11.54
C GLY L 50 -12.94 38.82 -10.38
N THR L 51 -13.43 38.70 -9.16
CA THR L 51 -12.60 38.94 -7.98
C THR L 51 -13.08 38.23 -6.72
N ASN L 52 -12.13 37.58 -6.04
CA ASN L 52 -12.38 36.83 -4.81
C ASN L 52 -11.79 37.55 -3.60
N TYR L 53 -12.54 38.48 -3.00
CA TYR L 53 -12.05 39.15 -1.81
C TYR L 53 -12.12 38.17 -0.60
N TYR L 54 -11.04 38.05 0.16
CA TYR L 54 -11.01 37.25 1.37
C TYR L 54 -10.72 38.28 2.43
N ILE L 55 -11.58 38.39 3.44
CA ILE L 55 -11.41 39.40 4.49
C ILE L 55 -11.49 38.88 5.93
N LYS L 56 -10.75 39.55 6.81
CA LYS L 56 -10.73 39.23 8.20
C LYS L 56 -11.73 40.25 8.77
N VAL L 57 -12.55 39.84 9.74
CA VAL L 57 -13.56 40.74 10.29
C VAL L 57 -13.62 40.70 11.83
N ARG L 58 -13.72 41.87 12.48
CA ARG L 58 -13.78 41.93 13.94
C ARG L 58 -15.24 42.20 14.38
N ALA L 59 -15.89 41.22 15.01
CA ALA L 59 -17.28 41.41 15.44
C ALA L 59 -17.47 41.92 16.88
N GLY L 60 -18.61 41.60 17.47
CA GLY L 60 -18.99 42.03 18.82
C GLY L 60 -17.95 42.35 19.89
N ASP L 61 -17.96 41.55 20.95
CA ASP L 61 -17.01 41.69 22.05
C ASP L 61 -15.60 41.43 21.54
N ASN L 62 -15.44 40.29 20.87
CA ASN L 62 -14.19 39.89 20.27
C ASN L 62 -14.46 38.61 19.48
N LYS L 63 -14.80 38.82 18.21
CA LYS L 63 -15.14 37.74 17.32
C LYS L 63 -14.31 37.95 16.07
N TYR L 64 -13.78 36.89 15.49
CA TYR L 64 -12.96 37.05 14.28
C TYR L 64 -13.35 36.11 13.15
N MET L 65 -14.05 36.66 12.16
CA MET L 65 -14.50 35.89 11.00
C MET L 65 -13.65 36.12 9.75
N HIS L 66 -13.72 35.15 8.83
CA HIS L 66 -13.01 35.21 7.56
C HIS L 66 -14.00 35.06 6.42
N LEU L 67 -14.29 36.16 5.75
CA LEU L 67 -15.25 36.20 4.65
C LEU L 67 -14.63 36.07 3.27
N LYS L 68 -15.20 35.20 2.45
CA LYS L 68 -14.73 35.06 1.08
C LYS L 68 -15.85 35.56 0.18
N VAL L 69 -15.80 36.83 -0.20
CA VAL L 69 -16.82 37.42 -1.06
C VAL L 69 -16.38 37.34 -2.53
N PHE L 70 -17.23 36.81 -3.39
CA PHE L 70 -16.89 36.75 -4.81
C PHE L 70 -17.48 37.95 -5.48
N LYS L 71 -16.83 38.37 -6.54
CA LYS L 71 -17.30 39.55 -7.26
C LYS L 71 -17.29 39.30 -8.76
N SER L 72 -18.40 39.58 -9.43
CA SER L 72 -18.50 39.37 -10.87
C SER L 72 -17.90 40.52 -11.65
N LEU L 73 -17.49 40.23 -12.90
CA LEU L 73 -16.90 41.21 -13.82
C LEU L 73 -17.97 42.15 -14.34
N PRO L 74 -17.60 43.41 -14.62
CA PRO L 74 -18.54 44.41 -15.13
C PRO L 74 -19.31 43.86 -16.32
N GLY L 75 -18.69 42.89 -17.01
CA GLY L 75 -19.34 42.26 -18.14
C GLY L 75 -20.58 41.50 -17.72
N GLN L 76 -20.39 40.47 -16.90
CA GLN L 76 -21.51 39.67 -16.45
C GLN L 76 -22.46 40.47 -15.55
N ASN L 77 -21.87 41.28 -14.68
CA ASN L 77 -22.63 42.12 -13.75
C ASN L 77 -23.60 41.34 -12.87
N GLU L 78 -23.07 40.79 -11.78
CA GLU L 78 -23.87 40.03 -10.82
C GLU L 78 -23.45 40.57 -9.46
N ASP L 79 -24.43 40.86 -8.59
CA ASP L 79 -24.11 41.41 -7.28
C ASP L 79 -23.19 40.57 -6.39
N LEU L 80 -22.50 41.25 -5.47
CA LEU L 80 -21.54 40.63 -4.57
C LEU L 80 -22.16 39.43 -3.82
N VAL L 81 -21.62 38.25 -4.07
CA VAL L 81 -22.11 37.05 -3.40
C VAL L 81 -21.11 36.49 -2.36
N LEU L 82 -21.62 36.06 -1.20
CA LEU L 82 -20.76 35.48 -0.18
C LEU L 82 -20.50 34.03 -0.58
N THR L 83 -19.25 33.66 -0.76
CA THR L 83 -18.96 32.30 -1.20
C THR L 83 -18.35 31.35 -0.20
N GLY L 84 -17.96 31.88 0.95
CA GLY L 84 -17.40 31.02 1.99
C GLY L 84 -17.17 31.84 3.24
N TYR L 85 -17.20 31.18 4.39
CA TYR L 85 -16.92 31.89 5.63
C TYR L 85 -16.38 30.93 6.67
N GLN L 86 -15.40 31.40 7.42
CA GLN L 86 -14.80 30.60 8.46
C GLN L 86 -15.05 31.41 9.69
N VAL L 87 -15.42 30.72 10.77
CA VAL L 87 -15.74 31.39 12.02
C VAL L 87 -14.73 31.14 13.13
N ASP L 88 -14.60 32.13 14.03
CA ASP L 88 -13.74 32.05 15.20
C ASP L 88 -12.25 31.90 14.89
N LYS L 89 -11.65 32.98 14.44
CA LYS L 89 -10.24 32.98 14.10
C LYS L 89 -9.68 34.06 14.96
N ASN L 90 -8.37 34.01 15.20
CA ASN L 90 -7.74 35.03 16.01
C ASN L 90 -7.22 36.20 15.17
N LYS L 91 -7.15 37.37 15.79
CA LYS L 91 -6.66 38.61 15.17
C LYS L 91 -5.40 38.47 14.31
N ASP L 92 -4.48 37.58 14.71
CA ASP L 92 -3.24 37.34 13.97
C ASP L 92 -3.36 36.09 13.10
N ASP L 93 -4.57 35.85 12.58
CA ASP L 93 -4.83 34.70 11.72
C ASP L 93 -4.55 35.09 10.27
N GLU L 94 -4.09 34.10 9.50
CA GLU L 94 -3.71 34.33 8.12
C GLU L 94 -4.87 34.18 7.15
N LEU L 95 -5.19 35.25 6.44
CA LEU L 95 -6.24 35.21 5.44
C LEU L 95 -5.71 34.25 4.38
N THR L 96 -6.31 33.08 4.30
CA THR L 96 -5.88 32.08 3.36
C THR L 96 -7.04 31.56 2.50
N GLY L 97 -6.74 31.34 1.22
CA GLY L 97 -7.71 30.87 0.27
C GLY L 97 -8.33 29.54 0.58
N PHE L 98 -9.55 29.59 1.08
CA PHE L 98 -10.31 28.40 1.42
C PHE L 98 -11.41 28.07 0.38
#